data_5K0S
#
_entry.id   5K0S
#
_cell.length_a   45.270
_cell.length_b   99.740
_cell.length_c   104.630
_cell.angle_alpha   110.580
_cell.angle_beta   87.630
_cell.angle_gamma   99.910
#
_symmetry.space_group_name_H-M   'P 1'
#
loop_
_entity.id
_entity.type
_entity.pdbx_description
1 polymer 'Methionine--tRNA ligase'
2 non-polymer 2-({3-[(3,5-dichlorobenzyl)amino]propyl}amino)quinolin-4(1H)-one
3 water water
#
_entity_poly.entity_id   1
_entity_poly.type   'polypeptide(L)'
_entity_poly.pdbx_seq_one_letter_code
;MAHHHHHHMGTLEAQTQGPGSMSREKYYITTAIAYPNGKPHIGHAYELIATDAMARFQRLNGMDVYFLTGTDEHGIKMLQ
SARKEGITPRDLADRNTSAFRRMAEVLNSSNDDYIRTSEERHYKASQAIWQAMVANGDIYKGGYAGWYSVRDEAYYGEEE
TEVRADGVRYGPQGTPVEWVEEESYFFRLSAYQDKLLDLYENNPGFIMPAERRNEIVSFVKSGLKDLSISRTTFDWGIPV
PGDEKHVMYVWVDALTNYITALGYPDTTDERWAYWPANAHIIGKDISRFHAVYWPAFLMSAQLPLPKRVFAHGFLFNRGE
KMSKSVGNVIDPFELVERYGLDQLRYFLMREVPFGQDGSYSHEAIVNRTNADLANDLGNLAQRSLSMIAKNCEGKVPQPG
AFSEADKAILDQADAALETARKAMDDQALHLALGAIFAVVAEANRYFAGQEPWALRKTDPARMGTVLYVTAEVLRRVGIM
VQPFIPQSAEKLLDILAVPADKRQFADVLASPLAGGTDLPAPQPVFPRYVEADEQN
;
_entity_poly.pdbx_strand_id   A,B,C
#
# COMPACT_ATOMS: atom_id res chain seq x y z
N ARG A 24 3.50 37.04 -5.25
CA ARG A 24 2.14 36.98 -4.73
C ARG A 24 1.13 36.71 -5.86
N GLU A 25 1.59 36.93 -7.08
CA GLU A 25 0.73 36.89 -8.26
C GLU A 25 0.29 35.46 -8.57
N LYS A 26 -0.96 35.32 -8.99
CA LYS A 26 -1.54 34.01 -9.25
C LYS A 26 -1.26 33.55 -10.68
N TYR A 27 -1.01 32.24 -10.83
CA TYR A 27 -0.68 31.64 -12.11
C TYR A 27 -1.40 30.30 -12.19
N TYR A 28 -2.25 30.13 -13.20
CA TYR A 28 -3.05 28.92 -13.38
C TYR A 28 -2.69 28.30 -14.73
N ILE A 29 -2.21 27.07 -14.70
CA ILE A 29 -1.78 26.36 -15.90
C ILE A 29 -2.37 24.96 -15.88
N THR A 30 -2.75 24.46 -17.06
CA THR A 30 -3.46 23.20 -17.18
C THR A 30 -2.83 22.34 -18.26
N THR A 31 -3.05 21.04 -18.15
CA THR A 31 -2.87 20.11 -19.26
C THR A 31 -4.24 19.72 -19.79
N ALA A 32 -4.27 19.26 -21.05
CA ALA A 32 -5.46 18.62 -21.55
C ALA A 32 -5.71 17.33 -20.77
N ILE A 33 -6.96 17.10 -20.41
CA ILE A 33 -7.30 15.86 -19.73
C ILE A 33 -7.18 14.71 -20.72
N ALA A 34 -6.60 13.60 -20.26
CA ALA A 34 -6.30 12.47 -21.12
C ALA A 34 -7.50 11.54 -21.24
N TYR A 35 -7.58 10.85 -22.37
CA TYR A 35 -8.66 9.89 -22.61
C TYR A 35 -8.18 8.50 -22.19
N PRO A 36 -8.68 7.94 -21.08
CA PRO A 36 -8.17 6.67 -20.56
C PRO A 36 -8.89 5.45 -21.11
N ASN A 37 -9.09 5.41 -22.44
CA ASN A 37 -9.64 4.22 -23.06
C ASN A 37 -8.59 3.13 -23.23
N GLY A 38 -7.33 3.52 -23.45
CA GLY A 38 -6.23 2.59 -23.47
C GLY A 38 -5.24 2.87 -22.36
N LYS A 39 -3.99 2.53 -22.57
CA LYS A 39 -2.94 2.75 -21.59
C LYS A 39 -2.30 4.11 -21.80
N PRO A 40 -1.58 4.63 -20.81
CA PRO A 40 -0.82 5.86 -21.02
C PRO A 40 0.25 5.69 -22.09
N HIS A 41 0.42 6.74 -22.90
CA HIS A 41 1.35 6.74 -24.01
C HIS A 41 2.31 7.93 -23.89
N ILE A 42 3.29 7.98 -24.80
CA ILE A 42 4.36 8.97 -24.70
C ILE A 42 3.80 10.39 -24.84
N GLY A 43 2.78 10.56 -25.70
CA GLY A 43 2.21 11.88 -25.87
C GLY A 43 1.59 12.41 -24.60
N HIS A 44 0.97 11.52 -23.81
CA HIS A 44 0.44 11.92 -22.51
C HIS A 44 1.57 12.36 -21.58
N ALA A 45 2.64 11.56 -21.50
CA ALA A 45 3.74 11.89 -20.61
C ALA A 45 4.46 13.16 -21.06
N TYR A 46 4.61 13.34 -22.37
CA TYR A 46 5.24 14.55 -22.91
C TYR A 46 4.50 15.80 -22.44
N GLU A 47 3.17 15.80 -22.58
CA GLU A 47 2.39 16.97 -22.20
C GLU A 47 2.44 17.23 -20.70
N LEU A 48 2.42 16.15 -19.90
CA LEU A 48 2.52 16.32 -18.45
C LEU A 48 3.88 16.87 -18.05
N ILE A 49 4.96 16.36 -18.65
CA ILE A 49 6.30 16.81 -18.31
C ILE A 49 6.49 18.27 -18.67
N ALA A 50 6.12 18.64 -19.90
CA ALA A 50 6.27 20.02 -20.35
C ALA A 50 5.49 20.98 -19.46
N THR A 51 4.25 20.62 -19.13
CA THR A 51 3.42 21.49 -18.29
C THR A 51 3.91 21.50 -16.85
N ASP A 52 4.44 20.37 -16.36
CA ASP A 52 5.01 20.35 -15.02
C ASP A 52 6.19 21.31 -14.91
N ALA A 53 7.08 21.30 -15.92
CA ALA A 53 8.25 22.17 -15.88
C ALA A 53 7.85 23.64 -15.90
N MET A 54 6.84 24.00 -16.71
CA MET A 54 6.35 25.37 -16.70
C MET A 54 5.76 25.74 -15.35
N ALA A 55 5.00 24.83 -14.75
CA ALA A 55 4.41 25.09 -13.43
C ALA A 55 5.49 25.30 -12.38
N ARG A 56 6.47 24.40 -12.33
CA ARG A 56 7.56 24.53 -11.36
C ARG A 56 8.35 25.81 -11.60
N PHE A 57 8.59 26.15 -12.86
CA PHE A 57 9.33 27.37 -13.18
C PHE A 57 8.71 28.59 -12.53
N GLN A 58 7.37 28.68 -12.58
CA GLN A 58 6.70 29.86 -12.04
C GLN A 58 6.69 29.87 -10.52
N ARG A 59 6.70 28.69 -9.88
CA ARG A 59 6.81 28.65 -8.42
C ARG A 59 8.14 29.22 -7.96
N LEU A 60 9.24 28.76 -8.58
CA LEU A 60 10.56 29.29 -8.27
C LEU A 60 10.71 30.75 -8.69
N ASN A 61 9.94 31.20 -9.68
CA ASN A 61 9.93 32.60 -10.11
C ASN A 61 9.09 33.49 -9.19
N GLY A 62 8.49 32.93 -8.14
CA GLY A 62 7.79 33.71 -7.15
C GLY A 62 6.28 33.75 -7.27
N MET A 63 5.69 32.94 -8.14
CA MET A 63 4.26 33.00 -8.40
C MET A 63 3.51 31.99 -7.53
N ASP A 64 2.23 32.30 -7.28
CA ASP A 64 1.30 31.38 -6.64
C ASP A 64 0.66 30.54 -7.74
N VAL A 65 1.06 29.27 -7.84
CA VAL A 65 0.75 28.43 -8.99
C VAL A 65 -0.31 27.41 -8.62
N TYR A 66 -1.29 27.24 -9.52
CA TYR A 66 -2.22 26.12 -9.49
C TYR A 66 -2.09 25.39 -10.82
N PHE A 67 -1.80 24.09 -10.74
CA PHE A 67 -1.44 23.28 -11.92
C PHE A 67 -2.33 22.05 -11.94
N LEU A 68 -3.08 21.88 -13.03
CA LEU A 68 -4.16 20.91 -13.11
C LEU A 68 -3.94 19.94 -14.27
N THR A 69 -4.29 18.68 -14.04
CA THR A 69 -4.40 17.67 -15.10
C THR A 69 -5.53 16.73 -14.72
N GLY A 70 -5.88 15.82 -15.62
CA GLY A 70 -6.93 14.88 -15.30
C GLY A 70 -7.30 13.96 -16.44
N THR A 71 -8.50 13.38 -16.34
CA THR A 71 -8.96 12.32 -17.22
C THR A 71 -10.35 12.63 -17.78
N ASP A 72 -10.56 12.27 -19.03
CA ASP A 72 -11.80 12.49 -19.76
C ASP A 72 -12.46 11.14 -19.98
N GLU A 73 -13.48 10.84 -19.18
CA GLU A 73 -13.93 9.46 -18.96
C GLU A 73 -15.27 9.11 -19.57
N HIS A 74 -16.05 10.06 -20.07
CA HIS A 74 -17.37 9.77 -20.60
C HIS A 74 -17.29 9.35 -22.07
N GLY A 75 -18.43 8.95 -22.62
CA GLY A 75 -18.55 8.67 -24.04
C GLY A 75 -18.96 7.24 -24.32
N ILE A 76 -19.34 7.02 -25.58
CA ILE A 76 -19.89 5.73 -25.98
C ILE A 76 -18.78 4.68 -26.09
N LYS A 77 -17.59 5.09 -26.56
CA LYS A 77 -16.49 4.15 -26.66
C LYS A 77 -16.10 3.60 -25.29
N MET A 78 -16.28 4.41 -24.24
CA MET A 78 -16.01 3.95 -22.88
C MET A 78 -17.09 2.97 -22.41
N LEU A 79 -18.35 3.27 -22.73
CA LEU A 79 -19.45 2.41 -22.31
C LEU A 79 -19.34 1.03 -22.96
N GLN A 80 -18.92 0.98 -24.23
CA GLN A 80 -18.81 -0.29 -24.92
C GLN A 80 -17.62 -1.10 -24.42
N SER A 81 -16.52 -0.43 -24.04
CA SER A 81 -15.40 -1.14 -23.43
C SER A 81 -15.75 -1.69 -22.06
N ALA A 82 -16.54 -0.96 -21.27
CA ALA A 82 -17.06 -1.51 -20.02
C ALA A 82 -17.97 -2.71 -20.27
N ARG A 83 -18.86 -2.58 -21.26
CA ARG A 83 -19.68 -3.71 -21.68
C ARG A 83 -18.81 -4.90 -22.11
N LYS A 84 -17.70 -4.61 -22.81
CA LYS A 84 -16.85 -5.68 -23.31
C LYS A 84 -16.16 -6.44 -22.18
N GLU A 85 -15.85 -5.76 -21.07
CA GLU A 85 -15.19 -6.40 -19.95
C GLU A 85 -16.14 -6.89 -18.88
N GLY A 86 -17.43 -6.60 -19.00
CA GLY A 86 -18.41 -7.08 -18.04
C GLY A 86 -18.49 -6.29 -16.75
N ILE A 87 -18.21 -4.98 -16.80
CA ILE A 87 -18.25 -4.11 -15.63
C ILE A 87 -18.93 -2.81 -16.03
N THR A 88 -19.25 -2.00 -15.02
CA THR A 88 -19.94 -0.74 -15.26
C THR A 88 -18.97 0.30 -15.80
N PRO A 89 -19.49 1.31 -16.51
CA PRO A 89 -18.61 2.39 -17.00
C PRO A 89 -17.84 3.11 -15.89
N ARG A 90 -18.51 3.48 -14.80
CA ARG A 90 -17.81 4.13 -13.70
C ARG A 90 -16.72 3.23 -13.13
N ASP A 91 -17.00 1.93 -13.03
CA ASP A 91 -15.99 0.98 -12.57
C ASP A 91 -14.81 0.94 -13.54
N LEU A 92 -15.09 0.90 -14.85
CA LEU A 92 -14.03 0.87 -15.83
C LEU A 92 -13.18 2.14 -15.77
N ALA A 93 -13.83 3.30 -15.60
CA ALA A 93 -13.10 4.55 -15.51
C ALA A 93 -12.16 4.56 -14.31
N ASP A 94 -12.64 4.05 -13.17
CA ASP A 94 -11.78 3.98 -11.99
C ASP A 94 -10.56 3.12 -12.25
N ARG A 95 -10.71 2.04 -13.00
CA ARG A 95 -9.60 1.11 -13.22
C ARG A 95 -8.55 1.73 -14.12
N ASN A 96 -8.97 2.40 -15.21
CA ASN A 96 -8.03 2.85 -16.21
C ASN A 96 -7.35 4.16 -15.82
N THR A 97 -8.09 5.08 -15.18
CA THR A 97 -7.48 6.33 -14.74
C THR A 97 -6.41 6.08 -13.68
N SER A 98 -6.53 4.98 -12.93
CA SER A 98 -5.52 4.61 -11.95
C SER A 98 -4.13 4.52 -12.57
N ALA A 99 -4.05 4.12 -13.84
CA ALA A 99 -2.76 4.05 -14.52
C ALA A 99 -2.28 5.42 -14.97
N PHE A 100 -3.20 6.31 -15.35
CA PHE A 100 -2.82 7.70 -15.62
C PHE A 100 -2.45 8.44 -14.33
N ARG A 101 -3.15 8.15 -13.23
CA ARG A 101 -2.73 8.67 -11.93
C ARG A 101 -1.36 8.12 -11.53
N ARG A 102 -1.06 6.86 -11.88
CA ARG A 102 0.26 6.32 -11.60
C ARG A 102 1.32 7.01 -12.44
N MET A 103 1.00 7.34 -13.70
CA MET A 103 1.98 7.98 -14.58
C MET A 103 2.37 9.35 -14.06
N ALA A 104 1.39 10.12 -13.57
CA ALA A 104 1.69 11.44 -13.02
C ALA A 104 2.69 11.34 -11.86
N GLU A 105 2.54 10.30 -11.04
CA GLU A 105 3.45 10.13 -9.91
C GLU A 105 4.84 9.72 -10.36
N VAL A 106 4.92 8.82 -11.35
CA VAL A 106 6.21 8.35 -11.82
C VAL A 106 6.99 9.46 -12.50
N LEU A 107 6.29 10.43 -13.09
CA LEU A 107 6.94 11.55 -13.77
C LEU A 107 7.26 12.71 -12.84
N ASN A 108 7.01 12.57 -11.54
CA ASN A 108 7.30 13.60 -10.54
C ASN A 108 6.52 14.88 -10.87
N SER A 109 5.23 14.73 -11.12
CA SER A 109 4.37 15.86 -11.43
C SER A 109 3.95 16.57 -10.15
N SER A 110 3.94 17.91 -10.20
CA SER A 110 3.61 18.73 -9.05
C SER A 110 2.19 19.26 -9.11
N ASN A 111 1.30 18.60 -9.83
CA ASN A 111 -0.07 19.07 -9.98
C ASN A 111 -0.76 19.13 -8.62
N ASP A 112 -1.46 20.24 -8.37
CA ASP A 112 -2.14 20.45 -7.10
C ASP A 112 -3.49 19.75 -7.02
N ASP A 113 -4.03 19.32 -8.15
CA ASP A 113 -5.30 18.61 -8.19
C ASP A 113 -5.30 17.66 -9.37
N TYR A 114 -6.30 16.78 -9.40
CA TYR A 114 -6.48 15.83 -10.48
C TYR A 114 -7.97 15.69 -10.73
N ILE A 115 -8.45 16.16 -11.87
CA ILE A 115 -9.87 16.22 -12.18
C ILE A 115 -10.25 15.01 -13.01
N ARG A 116 -11.30 14.32 -12.60
CA ARG A 116 -11.93 13.27 -13.39
C ARG A 116 -13.35 13.71 -13.73
N THR A 117 -13.70 13.62 -15.01
CA THR A 117 -15.02 14.10 -15.43
C THR A 117 -16.14 13.23 -14.86
N SER A 118 -15.84 12.08 -14.27
CA SER A 118 -16.86 11.27 -13.61
C SER A 118 -17.21 11.76 -12.22
N GLU A 119 -16.47 12.75 -11.69
CA GLU A 119 -16.71 13.22 -10.33
C GLU A 119 -17.92 14.15 -10.30
N GLU A 120 -18.58 14.16 -9.15
CA GLU A 120 -19.83 14.91 -9.01
C GLU A 120 -19.60 16.41 -9.19
N ARG A 121 -18.46 16.92 -8.72
CA ARG A 121 -18.16 18.34 -8.87
C ARG A 121 -18.10 18.76 -10.32
N HIS A 122 -17.70 17.85 -11.21
CA HIS A 122 -17.70 18.15 -12.64
C HIS A 122 -19.10 18.06 -13.22
N TYR A 123 -19.85 17.05 -12.80
CA TYR A 123 -21.27 16.92 -13.12
C TYR A 123 -22.02 18.22 -12.84
N LYS A 124 -21.81 18.79 -11.65
CA LYS A 124 -22.51 20.02 -11.28
C LYS A 124 -21.95 21.23 -12.02
N ALA A 125 -20.62 21.28 -12.20
CA ALA A 125 -20.02 22.39 -12.92
C ALA A 125 -20.50 22.41 -14.38
N SER A 126 -20.58 21.24 -15.00
CA SER A 126 -21.03 21.18 -16.39
C SER A 126 -22.49 21.58 -16.51
N GLN A 127 -23.34 21.16 -15.57
CA GLN A 127 -24.74 21.53 -15.64
C GLN A 127 -24.93 23.02 -15.38
N ALA A 128 -24.03 23.63 -14.59
CA ALA A 128 -24.12 25.07 -14.35
C ALA A 128 -23.77 25.85 -15.59
N ILE A 129 -22.65 25.53 -16.23
CA ILE A 129 -22.22 26.29 -17.41
C ILE A 129 -23.18 26.07 -18.56
N TRP A 130 -23.81 24.89 -18.63
CA TRP A 130 -24.84 24.64 -19.62
C TRP A 130 -26.02 25.59 -19.40
N GLN A 131 -26.49 25.68 -18.16
CA GLN A 131 -27.62 26.55 -17.84
C GLN A 131 -27.26 28.02 -18.07
N ALA A 132 -26.03 28.40 -17.74
CA ALA A 132 -25.59 29.78 -17.97
C ALA A 132 -25.64 30.13 -19.45
N MET A 133 -25.31 29.18 -20.32
CA MET A 133 -25.41 29.40 -21.75
C MET A 133 -26.86 29.37 -22.24
N VAL A 134 -27.71 28.53 -21.64
CA VAL A 134 -29.14 28.63 -21.90
C VAL A 134 -29.65 30.02 -21.55
N ALA A 135 -29.23 30.55 -20.40
CA ALA A 135 -29.69 31.85 -19.94
C ALA A 135 -29.22 32.97 -20.85
N ASN A 136 -28.07 32.79 -21.53
CA ASN A 136 -27.60 33.80 -22.47
C ASN A 136 -28.28 33.68 -23.83
N GLY A 137 -29.14 32.68 -24.02
CA GLY A 137 -29.84 32.51 -25.27
C GLY A 137 -29.10 31.72 -26.33
N ASP A 138 -28.07 30.97 -25.95
CA ASP A 138 -27.15 30.36 -26.89
C ASP A 138 -27.35 28.86 -27.08
N ILE A 139 -28.41 28.29 -26.54
CA ILE A 139 -28.63 26.85 -26.61
C ILE A 139 -30.07 26.57 -27.02
N TYR A 140 -30.24 25.80 -28.10
CA TYR A 140 -31.56 25.44 -28.59
C TYR A 140 -31.57 23.98 -29.00
N LYS A 141 -32.77 23.43 -29.13
CA LYS A 141 -32.97 22.04 -29.50
C LYS A 141 -33.33 21.96 -30.97
N GLY A 142 -32.68 21.06 -31.69
CA GLY A 142 -32.86 20.94 -33.12
C GLY A 142 -32.48 19.58 -33.67
N GLY A 143 -32.03 19.57 -34.92
CA GLY A 143 -31.74 18.34 -35.62
C GLY A 143 -30.45 18.45 -36.42
N TYR A 144 -29.74 17.31 -36.49
CA TYR A 144 -28.41 17.20 -37.08
C TYR A 144 -28.45 16.60 -38.48
N ALA A 145 -29.55 16.78 -39.20
CA ALA A 145 -29.83 16.02 -40.41
C ALA A 145 -28.89 16.40 -41.56
N GLY A 146 -28.36 15.40 -42.24
CA GLY A 146 -27.48 15.64 -43.38
C GLY A 146 -27.05 14.34 -44.00
N TRP A 147 -26.27 14.47 -45.08
CA TRP A 147 -25.76 13.31 -45.81
C TRP A 147 -24.53 12.76 -45.12
N TYR A 148 -24.50 11.44 -44.92
CA TYR A 148 -23.44 10.79 -44.16
C TYR A 148 -22.95 9.56 -44.90
N SER A 149 -21.63 9.42 -45.01
CA SER A 149 -21.01 8.27 -45.66
C SER A 149 -20.42 7.37 -44.58
N VAL A 150 -20.94 6.14 -44.47
CA VAL A 150 -20.38 5.21 -43.48
C VAL A 150 -18.96 4.84 -43.87
N ARG A 151 -18.71 4.66 -45.17
CA ARG A 151 -17.37 4.31 -45.62
C ARG A 151 -16.36 5.40 -45.27
N ASP A 152 -16.72 6.67 -45.49
CA ASP A 152 -15.82 7.78 -45.19
C ASP A 152 -15.87 8.19 -43.72
N GLU A 153 -16.92 7.80 -43.00
CA GLU A 153 -17.18 8.29 -41.64
C GLU A 153 -17.21 9.82 -41.60
N ALA A 154 -17.84 10.41 -42.62
CA ALA A 154 -17.80 11.85 -42.82
C ALA A 154 -19.15 12.36 -43.30
N TYR A 155 -19.42 13.63 -43.04
CA TYR A 155 -20.63 14.31 -43.46
C TYR A 155 -20.35 15.16 -44.70
N TYR A 156 -21.40 15.42 -45.47
CA TYR A 156 -21.28 16.21 -46.69
C TYR A 156 -22.55 17.02 -46.89
N GLY A 157 -22.38 18.24 -47.42
CA GLY A 157 -23.52 18.98 -47.92
C GLY A 157 -24.03 18.40 -49.22
N GLU A 158 -25.32 18.64 -49.48
CA GLU A 158 -25.97 18.03 -50.65
C GLU A 158 -25.22 18.32 -51.95
N GLU A 159 -24.61 19.50 -52.04
CA GLU A 159 -23.96 19.89 -53.29
C GLU A 159 -22.71 19.08 -53.59
N GLU A 160 -22.10 18.46 -52.59
CA GLU A 160 -20.95 17.60 -52.82
C GLU A 160 -21.34 16.21 -53.27
N THR A 161 -22.62 15.97 -53.57
CA THR A 161 -23.12 14.65 -53.88
C THR A 161 -23.77 14.62 -55.25
N GLU A 162 -23.98 13.41 -55.75
CA GLU A 162 -24.66 13.18 -57.01
C GLU A 162 -25.21 11.76 -57.02
N VAL A 163 -26.44 11.60 -57.51
CA VAL A 163 -27.05 10.29 -57.65
C VAL A 163 -26.62 9.70 -58.98
N ARG A 164 -26.05 8.50 -58.94
CA ARG A 164 -25.50 7.87 -60.13
C ARG A 164 -26.49 6.86 -60.71
N ALA A 165 -26.06 6.16 -61.77
CA ALA A 165 -26.91 5.18 -62.43
C ALA A 165 -27.37 4.07 -61.50
N ASP A 166 -26.68 3.88 -60.37
CA ASP A 166 -27.12 2.92 -59.38
C ASP A 166 -28.52 3.19 -58.88
N GLY A 167 -28.95 4.45 -58.89
CA GLY A 167 -30.00 4.93 -58.02
C GLY A 167 -29.51 5.37 -56.66
N VAL A 168 -28.25 5.09 -56.34
CA VAL A 168 -27.62 5.41 -55.06
C VAL A 168 -26.96 6.78 -55.18
N ARG A 169 -26.95 7.53 -54.07
CA ARG A 169 -26.27 8.81 -54.01
C ARG A 169 -24.86 8.62 -53.51
N TYR A 170 -23.93 9.40 -54.06
CA TYR A 170 -22.51 9.24 -53.79
C TYR A 170 -21.90 10.55 -53.32
N GLY A 171 -20.91 10.44 -52.44
CA GLY A 171 -20.16 11.58 -51.98
C GLY A 171 -18.97 11.85 -52.89
N PRO A 172 -18.20 12.90 -52.57
CA PRO A 172 -17.07 13.26 -53.46
C PRO A 172 -15.95 12.23 -53.46
N GLN A 173 -15.85 11.37 -52.46
CA GLN A 173 -14.82 10.34 -52.42
C GLN A 173 -15.24 9.06 -53.15
N GLY A 174 -16.40 9.05 -53.78
CA GLY A 174 -16.84 7.92 -54.58
C GLY A 174 -17.60 6.84 -53.84
N THR A 175 -17.96 7.07 -52.58
CA THR A 175 -18.67 6.09 -51.78
C THR A 175 -20.10 6.56 -51.50
N PRO A 176 -21.03 5.64 -51.26
CA PRO A 176 -22.43 6.03 -51.02
C PRO A 176 -22.57 6.87 -49.76
N VAL A 177 -23.48 7.83 -49.83
CA VAL A 177 -23.91 8.60 -48.67
C VAL A 177 -25.38 8.29 -48.40
N GLU A 178 -25.76 8.35 -47.14
CA GLU A 178 -27.14 8.13 -46.73
C GLU A 178 -27.62 9.32 -45.92
N TRP A 179 -28.93 9.55 -45.95
CA TRP A 179 -29.51 10.62 -45.15
C TRP A 179 -29.71 10.14 -43.72
N VAL A 180 -29.14 10.88 -42.78
CA VAL A 180 -29.22 10.54 -41.36
C VAL A 180 -29.78 11.74 -40.61
N GLU A 181 -30.48 11.47 -39.52
CA GLU A 181 -31.17 12.52 -38.78
C GLU A 181 -31.18 12.17 -37.31
N GLU A 182 -30.60 13.05 -36.48
CA GLU A 182 -30.55 12.85 -35.05
C GLU A 182 -31.02 14.12 -34.33
N GLU A 183 -31.66 13.91 -33.19
CA GLU A 183 -32.08 14.99 -32.31
C GLU A 183 -30.86 15.50 -31.55
N SER A 184 -30.79 16.81 -31.33
CA SER A 184 -29.58 17.34 -30.69
C SER A 184 -29.84 18.75 -30.16
N TYR A 185 -29.13 19.07 -29.08
CA TYR A 185 -28.97 20.43 -28.61
C TYR A 185 -27.78 21.08 -29.31
N PHE A 186 -27.88 22.39 -29.53
CA PHE A 186 -26.85 23.13 -30.22
C PHE A 186 -26.40 24.31 -29.39
N PHE A 187 -25.14 24.70 -29.57
CA PHE A 187 -24.62 25.97 -29.10
C PHE A 187 -24.51 26.90 -30.30
N ARG A 188 -24.98 28.13 -30.12
CA ARG A 188 -25.01 29.08 -31.24
C ARG A 188 -23.62 29.58 -31.56
N LEU A 189 -22.74 28.71 -32.04
CA LEU A 189 -21.37 29.10 -32.36
C LEU A 189 -21.35 30.17 -33.44
N SER A 190 -22.33 30.16 -34.35
CA SER A 190 -22.38 31.16 -35.41
C SER A 190 -22.54 32.57 -34.86
N ALA A 191 -23.00 32.72 -33.62
CA ALA A 191 -23.17 34.04 -33.03
C ALA A 191 -21.87 34.65 -32.53
N TYR A 192 -20.78 33.88 -32.51
CA TYR A 192 -19.53 34.33 -31.90
C TYR A 192 -18.40 34.47 -32.91
N GLN A 193 -18.69 34.38 -34.20
CA GLN A 193 -17.66 34.47 -35.23
C GLN A 193 -16.90 35.79 -35.12
N ASP A 194 -17.61 36.91 -35.01
CA ASP A 194 -16.95 38.21 -34.99
C ASP A 194 -16.23 38.45 -33.67
N LYS A 195 -16.82 38.02 -32.55
CA LYS A 195 -16.18 38.23 -31.26
C LYS A 195 -14.88 37.44 -31.13
N LEU A 196 -14.81 36.26 -31.76
CA LEU A 196 -13.57 35.48 -31.72
C LEU A 196 -12.48 36.14 -32.56
N LEU A 197 -12.84 36.69 -33.72
CA LEU A 197 -11.87 37.42 -34.53
C LEU A 197 -11.38 38.66 -33.79
N ASP A 198 -12.28 39.33 -33.06
CA ASP A 198 -11.84 40.43 -32.19
C ASP A 198 -10.85 39.94 -31.14
N LEU A 199 -11.09 38.75 -30.59
CA LEU A 199 -10.17 38.19 -29.60
C LEU A 199 -8.79 37.97 -30.21
N TYR A 200 -8.74 37.41 -31.42
CA TYR A 200 -7.45 37.13 -32.05
C TYR A 200 -6.73 38.42 -32.43
N GLU A 201 -7.47 39.49 -32.69
CA GLU A 201 -6.83 40.77 -32.98
C GLU A 201 -6.31 41.42 -31.70
N ASN A 202 -7.12 41.40 -30.63
CA ASN A 202 -6.75 42.08 -29.39
C ASN A 202 -5.74 41.31 -28.55
N ASN A 203 -5.56 40.01 -28.80
CA ASN A 203 -4.61 39.19 -28.06
C ASN A 203 -3.87 38.30 -29.04
N PRO A 204 -2.81 38.82 -29.66
CA PRO A 204 -2.05 38.00 -30.64
C PRO A 204 -1.45 36.74 -30.04
N GLY A 205 -1.31 36.65 -28.71
CA GLY A 205 -0.75 35.46 -28.10
C GLY A 205 -1.80 34.53 -27.52
N PHE A 206 -3.04 34.61 -28.03
CA PHE A 206 -4.10 33.78 -27.49
C PHE A 206 -3.98 32.33 -27.95
N ILE A 207 -3.52 32.11 -29.19
CA ILE A 207 -3.35 30.77 -29.72
C ILE A 207 -1.97 30.69 -30.36
N MET A 208 -1.13 29.79 -29.86
CA MET A 208 0.27 29.69 -30.24
C MET A 208 0.63 28.21 -30.38
N PRO A 209 1.68 27.89 -31.15
CA PRO A 209 2.55 28.77 -31.95
C PRO A 209 1.87 29.37 -33.18
N ALA A 210 2.65 30.16 -33.94
CA ALA A 210 2.07 31.00 -34.99
C ALA A 210 1.30 30.18 -36.01
N GLU A 211 1.74 28.95 -36.29
CA GLU A 211 1.09 28.13 -37.29
C GLU A 211 -0.31 27.73 -36.84
N ARG A 212 -0.50 27.48 -35.54
CA ARG A 212 -1.84 27.22 -35.03
C ARG A 212 -2.73 28.45 -35.15
N ARG A 213 -2.17 29.61 -34.81
CA ARG A 213 -2.91 30.87 -34.89
C ARG A 213 -3.51 31.07 -36.28
N ASN A 214 -2.72 30.85 -37.32
CA ASN A 214 -3.21 31.05 -38.68
C ASN A 214 -4.22 29.97 -39.07
N GLU A 215 -4.08 28.76 -38.54
CA GLU A 215 -5.09 27.72 -38.75
C GLU A 215 -6.43 28.16 -38.16
N ILE A 216 -6.40 28.70 -36.95
CA ILE A 216 -7.64 29.07 -36.26
C ILE A 216 -8.29 30.26 -36.94
N VAL A 217 -7.49 31.27 -37.27
CA VAL A 217 -8.03 32.48 -37.89
C VAL A 217 -8.66 32.16 -39.24
N SER A 218 -7.99 31.33 -40.05
CA SER A 218 -8.54 30.97 -41.35
C SER A 218 -9.81 30.15 -41.20
N PHE A 219 -9.87 29.29 -40.18
CA PHE A 219 -11.08 28.50 -39.96
C PHE A 219 -12.25 29.39 -39.58
N VAL A 220 -12.05 30.28 -38.60
CA VAL A 220 -13.14 31.12 -38.13
C VAL A 220 -13.54 32.14 -39.18
N LYS A 221 -12.55 32.70 -39.89
CA LYS A 221 -12.85 33.70 -40.90
C LYS A 221 -13.70 33.14 -42.03
N SER A 222 -13.70 31.83 -42.22
CA SER A 222 -14.47 31.21 -43.29
C SER A 222 -15.93 30.97 -42.93
N GLY A 223 -16.33 31.22 -41.68
CA GLY A 223 -17.70 30.99 -41.28
C GLY A 223 -17.86 29.86 -40.28
N LEU A 224 -18.60 30.11 -39.20
CA LEU A 224 -18.81 29.14 -38.14
C LEU A 224 -20.26 28.71 -38.11
N LYS A 225 -20.49 27.39 -38.17
CA LYS A 225 -21.82 26.84 -38.05
C LYS A 225 -22.12 26.48 -36.59
N ASP A 226 -23.41 26.47 -36.25
CA ASP A 226 -23.81 26.11 -34.90
C ASP A 226 -23.35 24.69 -34.57
N LEU A 227 -23.14 24.42 -33.28
CA LEU A 227 -22.39 23.27 -32.83
C LEU A 227 -23.26 22.33 -32.01
N SER A 228 -23.33 21.06 -32.44
CA SER A 228 -24.06 20.04 -31.70
C SER A 228 -23.32 19.67 -30.43
N ILE A 229 -24.05 19.60 -29.31
CA ILE A 229 -23.41 19.41 -28.00
C ILE A 229 -24.12 18.38 -27.14
N SER A 230 -25.09 17.67 -27.72
CA SER A 230 -25.79 16.62 -26.99
C SER A 230 -25.86 15.35 -27.83
N ARG A 231 -26.05 14.23 -27.13
CA ARG A 231 -26.26 12.94 -27.76
C ARG A 231 -27.37 12.20 -27.02
N THR A 232 -28.04 11.32 -27.76
CA THR A 232 -29.10 10.48 -27.19
C THR A 232 -28.75 9.00 -27.20
N THR A 233 -27.58 8.63 -27.69
CA THR A 233 -27.23 7.24 -27.97
C THR A 233 -26.54 6.54 -26.81
N PHE A 234 -26.34 7.20 -25.68
CA PHE A 234 -25.68 6.60 -24.54
C PHE A 234 -25.99 7.40 -23.29
N ASP A 235 -26.06 6.72 -22.16
CA ASP A 235 -26.29 7.36 -20.88
C ASP A 235 -25.01 7.59 -20.08
N TRP A 236 -23.87 7.06 -20.54
CA TRP A 236 -22.59 7.27 -19.86
C TRP A 236 -22.08 8.66 -20.19
N GLY A 237 -22.62 9.63 -19.46
CA GLY A 237 -22.28 11.03 -19.68
C GLY A 237 -23.04 11.87 -18.68
N ILE A 238 -23.03 13.17 -18.90
CA ILE A 238 -23.69 14.14 -18.02
C ILE A 238 -25.06 14.43 -18.61
N PRO A 239 -26.15 14.19 -17.87
CA PRO A 239 -27.48 14.49 -18.40
C PRO A 239 -27.64 15.98 -18.71
N VAL A 240 -28.32 16.27 -19.80
CA VAL A 240 -28.70 17.66 -20.08
C VAL A 240 -29.75 18.10 -19.08
N PRO A 241 -29.58 19.22 -18.39
CA PRO A 241 -30.60 19.67 -17.44
C PRO A 241 -31.92 19.98 -18.15
N GLY A 242 -32.98 19.32 -17.70
CA GLY A 242 -34.30 19.53 -18.27
C GLY A 242 -34.65 18.64 -19.42
N ASP A 243 -33.75 17.75 -19.84
CA ASP A 243 -34.00 16.80 -20.93
C ASP A 243 -32.99 15.67 -20.81
N GLU A 244 -33.12 14.86 -19.76
CA GLU A 244 -32.05 13.95 -19.38
C GLU A 244 -31.94 12.72 -20.26
N LYS A 245 -32.89 12.52 -21.20
CA LYS A 245 -32.65 11.55 -22.25
C LYS A 245 -31.44 11.95 -23.08
N HIS A 246 -31.18 13.25 -23.19
CA HIS A 246 -29.96 13.76 -23.81
C HIS A 246 -28.84 13.83 -22.77
N VAL A 247 -27.62 13.53 -23.22
CA VAL A 247 -26.44 13.74 -22.40
C VAL A 247 -25.50 14.66 -23.18
N MET A 248 -24.63 15.33 -22.45
CA MET A 248 -23.72 16.28 -23.07
C MET A 248 -22.66 15.55 -23.89
N TYR A 249 -22.37 16.09 -25.07
CA TYR A 249 -21.27 15.57 -25.87
C TYR A 249 -19.93 16.07 -25.28
N VAL A 250 -18.84 15.72 -25.96
CA VAL A 250 -17.52 15.92 -25.38
C VAL A 250 -17.21 17.40 -25.16
N TRP A 251 -17.77 18.27 -26.01
CA TRP A 251 -17.34 19.67 -26.03
C TRP A 251 -17.49 20.33 -24.66
N VAL A 252 -18.73 20.42 -24.17
CA VAL A 252 -18.97 21.06 -22.89
C VAL A 252 -18.42 20.22 -21.75
N ASP A 253 -18.52 18.90 -21.87
CA ASP A 253 -18.02 17.99 -20.84
C ASP A 253 -16.54 18.23 -20.59
N ALA A 254 -15.70 17.93 -21.57
CA ALA A 254 -14.25 17.93 -21.35
C ALA A 254 -13.73 19.31 -21.01
N LEU A 255 -14.13 20.33 -21.79
CA LEU A 255 -13.54 21.65 -21.65
C LEU A 255 -13.85 22.30 -20.31
N THR A 256 -15.02 22.00 -19.73
CA THR A 256 -15.43 22.58 -18.46
C THR A 256 -14.52 22.14 -17.30
N ASN A 257 -13.71 21.09 -17.49
CA ASN A 257 -12.81 20.63 -16.43
C ASN A 257 -11.94 21.76 -15.89
N TYR A 258 -11.60 22.74 -16.74
CA TYR A 258 -10.69 23.81 -16.32
C TYR A 258 -11.29 24.69 -15.24
N ILE A 259 -12.61 24.86 -15.23
CA ILE A 259 -13.26 25.65 -14.20
C ILE A 259 -13.90 24.78 -13.11
N THR A 260 -14.16 23.50 -13.39
CA THR A 260 -14.55 22.58 -12.32
C THR A 260 -13.51 22.55 -11.21
N ALA A 261 -12.22 22.53 -11.59
CA ALA A 261 -11.15 22.40 -10.62
C ALA A 261 -11.02 23.63 -9.73
N LEU A 262 -11.57 24.76 -10.14
CA LEU A 262 -11.52 25.98 -9.34
C LEU A 262 -12.78 26.17 -8.49
N GLY A 263 -13.71 25.23 -8.54
CA GLY A 263 -14.91 25.31 -7.73
C GLY A 263 -16.14 25.85 -8.44
N TYR A 264 -16.09 26.04 -9.75
CA TYR A 264 -17.25 26.51 -10.48
C TYR A 264 -18.43 25.57 -10.23
N PRO A 265 -19.65 26.09 -10.01
CA PRO A 265 -20.09 27.48 -10.13
C PRO A 265 -20.02 28.36 -8.88
N ASP A 266 -19.38 27.90 -7.81
CA ASP A 266 -19.27 28.73 -6.61
C ASP A 266 -18.15 29.75 -6.82
N THR A 267 -18.52 30.97 -7.20
CA THR A 267 -17.53 32.01 -7.46
C THR A 267 -16.89 32.56 -6.20
N THR A 268 -17.36 32.15 -5.02
CA THR A 268 -16.73 32.55 -3.77
C THR A 268 -15.63 31.59 -3.32
N ASP A 269 -15.47 30.46 -4.00
CA ASP A 269 -14.40 29.53 -3.66
C ASP A 269 -13.06 30.23 -3.73
N GLU A 270 -12.21 29.95 -2.73
CA GLU A 270 -10.89 30.57 -2.68
C GLU A 270 -10.10 30.34 -3.96
N ARG A 271 -10.33 29.19 -4.62
CA ARG A 271 -9.59 28.86 -5.83
C ARG A 271 -10.09 29.62 -7.05
N TRP A 272 -11.29 30.20 -6.99
CA TRP A 272 -11.85 30.83 -8.18
C TRP A 272 -11.02 32.03 -8.64
N ALA A 273 -10.25 32.64 -7.74
CA ALA A 273 -9.39 33.75 -8.13
C ALA A 273 -8.32 33.32 -9.13
N TYR A 274 -8.06 32.02 -9.26
CA TYR A 274 -7.12 31.55 -10.27
C TYR A 274 -7.66 31.72 -11.68
N TRP A 275 -8.97 31.80 -11.86
CA TRP A 275 -9.49 32.03 -13.20
C TRP A 275 -9.37 33.51 -13.56
N PRO A 276 -9.01 33.85 -14.80
CA PRO A 276 -8.77 32.96 -15.95
C PRO A 276 -7.42 32.25 -15.95
N ALA A 277 -7.37 31.10 -16.63
CA ALA A 277 -6.13 30.36 -16.75
C ALA A 277 -5.08 31.15 -17.51
N ASN A 278 -3.85 31.12 -17.02
CA ASN A 278 -2.76 31.78 -17.72
C ASN A 278 -2.33 31.01 -18.96
N ALA A 279 -2.49 29.69 -18.97
CA ALA A 279 -2.03 28.88 -20.09
C ALA A 279 -2.74 27.54 -20.08
N HIS A 280 -3.35 27.19 -21.21
CA HIS A 280 -3.77 25.83 -21.50
C HIS A 280 -2.72 25.19 -22.41
N ILE A 281 -2.09 24.14 -21.93
CA ILE A 281 -1.17 23.35 -22.76
C ILE A 281 -1.96 22.19 -23.35
N ILE A 282 -1.92 22.07 -24.69
CA ILE A 282 -2.73 21.10 -25.41
C ILE A 282 -1.89 20.51 -26.54
N GLY A 283 -2.42 19.44 -27.13
CA GLY A 283 -1.85 18.91 -28.35
C GLY A 283 -2.37 19.63 -29.58
N LYS A 284 -1.62 19.48 -30.67
CA LYS A 284 -1.93 20.18 -31.92
C LYS A 284 -3.30 19.79 -32.46
N ASP A 285 -3.73 18.54 -32.19
CA ASP A 285 -4.94 18.02 -32.82
C ASP A 285 -6.22 18.59 -32.22
N ILE A 286 -6.16 19.18 -31.02
CA ILE A 286 -7.34 19.73 -30.37
C ILE A 286 -7.29 21.25 -30.30
N SER A 287 -6.51 21.88 -31.19
CA SER A 287 -6.35 23.33 -31.15
C SER A 287 -7.70 24.03 -31.31
N ARG A 288 -8.51 23.57 -32.25
CA ARG A 288 -9.76 24.25 -32.57
C ARG A 288 -10.74 24.22 -31.40
N PHE A 289 -10.74 23.15 -30.62
CA PHE A 289 -11.69 23.04 -29.53
C PHE A 289 -11.37 24.04 -28.43
N HIS A 290 -10.10 24.31 -28.19
CA HIS A 290 -9.68 25.22 -27.13
C HIS A 290 -9.59 26.67 -27.58
N ALA A 291 -9.44 26.94 -28.88
CA ALA A 291 -9.29 28.29 -29.39
C ALA A 291 -10.54 28.83 -30.07
N VAL A 292 -11.59 28.02 -30.23
CA VAL A 292 -12.82 28.48 -30.86
C VAL A 292 -14.01 28.16 -29.96
N TYR A 293 -14.21 26.86 -29.68
CA TYR A 293 -15.37 26.46 -28.89
C TYR A 293 -15.25 26.95 -27.45
N TRP A 294 -14.08 26.77 -26.85
CA TRP A 294 -13.89 27.11 -25.43
C TRP A 294 -14.05 28.60 -25.15
N PRO A 295 -13.44 29.53 -25.90
CA PRO A 295 -13.72 30.95 -25.65
C PRO A 295 -15.17 31.33 -25.91
N ALA A 296 -15.82 30.71 -26.90
CA ALA A 296 -17.23 31.01 -27.16
C ALA A 296 -18.12 30.59 -26.01
N PHE A 297 -17.90 29.37 -25.47
CA PHE A 297 -18.63 28.94 -24.28
C PHE A 297 -18.44 29.94 -23.14
N LEU A 298 -17.21 30.39 -22.92
CA LEU A 298 -16.92 31.29 -21.81
C LEU A 298 -17.58 32.66 -22.01
N MET A 299 -17.45 33.22 -23.21
CA MET A 299 -18.13 34.48 -23.52
C MET A 299 -19.63 34.36 -23.27
N SER A 300 -20.24 33.26 -23.72
CA SER A 300 -21.66 33.05 -23.49
C SER A 300 -21.99 32.99 -22.01
N ALA A 301 -21.14 32.32 -21.22
CA ALA A 301 -21.37 32.16 -19.79
C ALA A 301 -20.87 33.34 -18.96
N GLN A 302 -20.50 34.45 -19.61
CA GLN A 302 -20.07 35.68 -18.93
C GLN A 302 -18.79 35.49 -18.13
N LEU A 303 -17.85 34.72 -18.67
CA LEU A 303 -16.60 34.46 -17.96
C LEU A 303 -15.41 35.01 -18.73
N PRO A 304 -14.37 35.46 -18.03
CA PRO A 304 -13.17 35.94 -18.72
C PRO A 304 -12.49 34.81 -19.47
N LEU A 305 -11.55 35.20 -20.34
CA LEU A 305 -10.97 34.21 -21.24
C LEU A 305 -9.53 33.92 -20.85
N PRO A 306 -9.06 32.70 -21.06
CA PRO A 306 -7.68 32.37 -20.72
C PRO A 306 -6.70 33.22 -21.53
N LYS A 307 -5.53 33.46 -20.93
CA LYS A 307 -4.58 34.36 -21.56
C LYS A 307 -3.88 33.72 -22.76
N ARG A 308 -3.65 32.41 -22.72
CA ARG A 308 -2.97 31.76 -23.84
C ARG A 308 -3.35 30.29 -23.90
N VAL A 309 -3.52 29.81 -25.12
CA VAL A 309 -3.59 28.38 -25.44
C VAL A 309 -2.36 28.05 -26.28
N PHE A 310 -1.55 27.11 -25.82
CA PHE A 310 -0.36 26.70 -26.55
C PHE A 310 -0.46 25.22 -26.91
N ALA A 311 -0.17 24.90 -28.17
CA ALA A 311 -0.25 23.55 -28.69
C ALA A 311 1.15 23.01 -28.96
N HIS A 312 1.46 21.85 -28.40
CA HIS A 312 2.72 21.18 -28.68
C HIS A 312 2.55 20.22 -29.86
N GLY A 313 3.68 19.73 -30.35
CA GLY A 313 3.69 18.78 -31.45
C GLY A 313 3.65 17.34 -30.97
N PHE A 314 3.81 16.42 -31.93
CA PHE A 314 3.72 15.00 -31.68
C PHE A 314 5.11 14.37 -31.74
N LEU A 315 5.27 13.29 -30.97
CA LEU A 315 6.53 12.58 -30.87
C LEU A 315 6.44 11.25 -31.59
N PHE A 316 7.51 10.91 -32.32
CA PHE A 316 7.55 9.69 -33.11
C PHE A 316 8.80 8.90 -32.80
N ASN A 317 8.65 7.58 -32.71
CA ASN A 317 9.79 6.69 -32.51
C ASN A 317 10.46 6.47 -33.86
N ARG A 318 11.53 7.22 -34.10
CA ARG A 318 12.25 7.14 -35.38
C ARG A 318 13.56 6.37 -35.23
N ILE A 330 5.31 2.89 -27.83
CA ILE A 330 6.25 2.72 -26.74
C ILE A 330 5.65 3.29 -25.45
N ASP A 331 5.84 2.55 -24.34
CA ASP A 331 5.15 2.83 -23.09
C ASP A 331 5.97 3.77 -22.22
N PRO A 332 5.37 4.85 -21.70
CA PRO A 332 6.15 5.79 -20.89
C PRO A 332 6.80 5.18 -19.65
N PHE A 333 6.14 4.22 -18.99
CA PHE A 333 6.73 3.58 -17.83
C PHE A 333 8.04 2.89 -18.19
N GLU A 334 8.09 2.24 -19.36
CA GLU A 334 9.30 1.52 -19.75
C GLU A 334 10.47 2.48 -19.98
N LEU A 335 10.21 3.60 -20.67
CA LEU A 335 11.29 4.56 -20.94
C LEU A 335 11.91 5.08 -19.66
N VAL A 336 11.08 5.40 -18.66
CA VAL A 336 11.58 5.98 -17.41
C VAL A 336 12.50 5.00 -16.71
N GLU A 337 12.11 3.74 -16.65
CA GLU A 337 12.91 2.74 -15.96
C GLU A 337 14.23 2.52 -16.71
N ARG A 338 14.20 2.62 -18.04
CA ARG A 338 15.38 2.29 -18.83
C ARG A 338 16.39 3.44 -18.82
N TYR A 339 15.91 4.69 -18.87
CA TYR A 339 16.81 5.83 -18.97
C TYR A 339 16.85 6.70 -17.73
N GLY A 340 15.91 6.56 -16.82
CA GLY A 340 15.84 7.47 -15.68
C GLY A 340 14.94 8.65 -15.95
N LEU A 341 14.20 9.09 -14.93
CA LEU A 341 13.17 10.10 -15.14
C LEU A 341 13.76 11.41 -15.66
N ASP A 342 14.80 11.91 -14.99
CA ASP A 342 15.33 13.22 -15.33
C ASP A 342 16.08 13.23 -16.65
N GLN A 343 16.62 12.07 -17.06
CA GLN A 343 17.19 11.97 -18.40
C GLN A 343 16.09 12.12 -19.46
N LEU A 344 14.94 11.48 -19.23
CA LEU A 344 13.85 11.55 -20.19
C LEU A 344 13.24 12.96 -20.23
N ARG A 345 12.93 13.53 -19.07
CA ARG A 345 12.42 14.90 -19.01
C ARG A 345 13.33 15.85 -19.78
N TYR A 346 14.65 15.73 -19.57
CA TYR A 346 15.58 16.63 -20.24
C TYR A 346 15.54 16.47 -21.75
N PHE A 347 15.67 15.23 -22.24
CA PHE A 347 15.73 15.00 -23.67
C PHE A 347 14.49 15.54 -24.38
N LEU A 348 13.31 15.25 -23.83
CA LEU A 348 12.07 15.65 -24.48
C LEU A 348 11.94 17.17 -24.57
N MET A 349 12.42 17.88 -23.55
CA MET A 349 12.27 19.34 -23.52
C MET A 349 13.45 20.08 -24.14
N ARG A 350 14.60 19.43 -24.27
CA ARG A 350 15.78 20.05 -24.87
C ARG A 350 15.83 19.83 -26.38
N GLU A 351 15.38 18.66 -26.85
CA GLU A 351 15.66 18.24 -28.22
C GLU A 351 14.56 18.61 -29.22
N VAL A 352 13.34 18.87 -28.78
CA VAL A 352 12.26 19.25 -29.67
C VAL A 352 11.85 20.68 -29.36
N PRO A 353 11.96 21.62 -30.30
CA PRO A 353 11.47 22.98 -30.07
C PRO A 353 9.97 22.94 -29.80
N PHE A 354 9.59 23.38 -28.60
CA PHE A 354 8.23 23.16 -28.12
C PHE A 354 7.22 23.78 -29.06
N GLY A 355 6.26 22.97 -29.50
CA GLY A 355 5.28 23.35 -30.49
C GLY A 355 5.39 22.60 -31.80
N GLN A 356 6.53 21.95 -32.06
CA GLN A 356 6.80 21.27 -33.31
C GLN A 356 6.78 19.76 -33.11
N ASP A 357 6.65 19.04 -34.21
CA ASP A 357 6.85 17.60 -34.20
C ASP A 357 8.32 17.28 -33.98
N GLY A 358 8.58 16.11 -33.40
CA GLY A 358 9.94 15.72 -33.10
C GLY A 358 10.09 14.22 -33.13
N SER A 359 11.33 13.77 -32.90
CA SER A 359 11.66 12.36 -32.93
C SER A 359 12.47 12.00 -31.70
N TYR A 360 12.28 10.77 -31.23
CA TYR A 360 13.11 10.19 -30.19
C TYR A 360 13.57 8.81 -30.63
N SER A 361 14.70 8.39 -30.07
CA SER A 361 15.29 7.09 -30.38
C SER A 361 16.28 6.74 -29.29
N HIS A 362 16.65 5.45 -29.24
CA HIS A 362 17.48 4.97 -28.14
C HIS A 362 18.83 5.67 -28.14
N GLU A 363 19.55 5.64 -29.26
CA GLU A 363 20.90 6.19 -29.27
C GLU A 363 20.88 7.70 -29.09
N ALA A 364 19.79 8.37 -29.47
CA ALA A 364 19.72 9.82 -29.32
C ALA A 364 19.54 10.19 -27.84
N ILE A 365 18.61 9.54 -27.15
CA ILE A 365 18.46 9.77 -25.71
C ILE A 365 19.77 9.48 -25.00
N VAL A 366 20.38 8.32 -25.29
CA VAL A 366 21.62 7.94 -24.64
C VAL A 366 22.70 8.98 -24.89
N ASN A 367 22.86 9.39 -26.16
CA ASN A 367 23.96 10.31 -26.49
C ASN A 367 23.67 11.72 -25.98
N ARG A 368 22.44 12.20 -26.13
CA ARG A 368 22.13 13.56 -25.70
C ARG A 368 22.21 13.69 -24.18
N THR A 369 21.78 12.65 -23.44
CA THR A 369 21.84 12.73 -21.99
C THR A 369 23.24 12.42 -21.47
N ASN A 370 23.97 11.52 -22.11
CA ASN A 370 25.35 11.25 -21.72
C ASN A 370 26.20 12.51 -21.83
N ALA A 371 26.04 13.26 -22.92
CA ALA A 371 26.89 14.41 -23.17
C ALA A 371 26.52 15.58 -22.25
N ASP A 372 25.24 15.94 -22.20
CA ASP A 372 24.83 17.12 -21.45
C ASP A 372 24.77 16.86 -19.95
N LEU A 373 24.08 15.80 -19.53
CA LEU A 373 23.85 15.55 -18.11
C LEU A 373 25.02 14.81 -17.47
N ALA A 374 25.31 13.59 -17.94
CA ALA A 374 26.33 12.77 -17.30
C ALA A 374 27.71 13.40 -17.42
N ASN A 375 28.03 13.95 -18.60
CA ASN A 375 29.37 14.46 -18.85
C ASN A 375 29.49 15.95 -18.52
N ASP A 376 28.70 16.79 -19.19
CA ASP A 376 28.87 18.23 -19.04
C ASP A 376 28.51 18.69 -17.64
N LEU A 377 27.30 18.39 -17.19
CA LEU A 377 26.88 18.85 -15.87
C LEU A 377 27.41 17.94 -14.76
N GLY A 378 27.15 16.64 -14.87
CA GLY A 378 27.46 15.74 -13.76
C GLY A 378 28.95 15.67 -13.46
N ASN A 379 29.77 15.53 -14.50
CA ASN A 379 31.20 15.35 -14.28
C ASN A 379 31.88 16.65 -13.87
N LEU A 380 31.41 17.80 -14.37
CA LEU A 380 31.94 19.08 -13.91
C LEU A 380 31.77 19.24 -12.41
N ALA A 381 30.60 18.85 -11.88
CA ALA A 381 30.37 18.90 -10.44
C ALA A 381 31.31 17.94 -9.71
N GLN A 382 31.47 16.72 -10.22
CA GLN A 382 32.30 15.74 -9.52
C GLN A 382 33.77 16.17 -9.51
N ARG A 383 34.30 16.61 -10.66
CA ARG A 383 35.70 17.01 -10.71
C ARG A 383 35.96 18.21 -9.81
N SER A 384 35.08 19.22 -9.87
CA SER A 384 35.30 20.44 -9.09
C SER A 384 35.07 20.19 -7.61
N LEU A 385 33.99 19.49 -7.26
CA LEU A 385 33.62 19.38 -5.84
C LEU A 385 34.48 18.37 -5.10
N SER A 386 34.99 17.33 -5.77
CA SER A 386 35.96 16.46 -5.13
C SER A 386 37.32 17.11 -4.97
N MET A 387 37.67 18.08 -5.84
CA MET A 387 38.84 18.91 -5.59
C MET A 387 38.68 19.77 -4.33
N ILE A 388 37.45 20.18 -4.03
CA ILE A 388 37.21 20.94 -2.81
C ILE A 388 37.32 20.03 -1.59
N ALA A 389 36.91 18.77 -1.72
CA ALA A 389 36.98 17.85 -0.59
C ALA A 389 38.41 17.50 -0.25
N LYS A 390 39.25 17.26 -1.26
CA LYS A 390 40.61 16.80 -1.00
C LYS A 390 41.55 17.95 -0.68
N ASN A 391 41.38 19.10 -1.33
CA ASN A 391 42.34 20.19 -1.25
C ASN A 391 41.86 21.38 -0.44
N CYS A 392 40.56 21.49 -0.15
CA CYS A 392 40.03 22.58 0.66
C CYS A 392 39.31 22.07 1.90
N GLU A 393 39.63 20.87 2.36
CA GLU A 393 39.16 20.33 3.64
C GLU A 393 37.64 20.23 3.68
N GLY A 394 37.02 20.06 2.52
CA GLY A 394 35.58 19.93 2.47
C GLY A 394 34.81 21.21 2.68
N LYS A 395 35.45 22.36 2.53
CA LYS A 395 34.82 23.66 2.73
C LYS A 395 34.91 24.49 1.46
N VAL A 396 33.84 25.22 1.17
CA VAL A 396 33.83 26.20 0.08
C VAL A 396 35.01 27.15 0.30
N PRO A 397 35.96 27.20 -0.62
CA PRO A 397 37.13 28.07 -0.42
C PRO A 397 36.76 29.54 -0.42
N GLN A 398 37.62 30.33 0.22
CA GLN A 398 37.41 31.77 0.27
C GLN A 398 37.95 32.41 -1.01
N PRO A 399 37.11 33.01 -1.83
CA PRO A 399 37.59 33.49 -3.13
C PRO A 399 38.28 34.84 -3.03
N GLY A 400 39.39 34.96 -3.75
CA GLY A 400 40.10 36.22 -3.89
C GLY A 400 39.47 37.10 -4.95
N ALA A 401 40.31 37.92 -5.58
CA ALA A 401 39.83 38.79 -6.64
C ALA A 401 39.41 37.96 -7.85
N PHE A 402 38.36 38.41 -8.53
CA PHE A 402 37.88 37.74 -9.74
C PHE A 402 38.64 38.27 -10.95
N SER A 403 39.10 37.35 -11.79
CA SER A 403 39.76 37.71 -13.03
C SER A 403 38.73 37.99 -14.11
N GLU A 404 39.20 38.37 -15.30
CA GLU A 404 38.29 38.64 -16.40
C GLU A 404 37.50 37.39 -16.78
N ALA A 405 38.19 36.24 -16.83
CA ALA A 405 37.51 34.99 -17.10
C ALA A 405 36.49 34.66 -16.01
N ASP A 406 36.85 34.95 -14.75
CA ASP A 406 35.93 34.68 -13.65
C ASP A 406 34.63 35.47 -13.79
N LYS A 407 34.73 36.75 -14.17
CA LYS A 407 33.53 37.57 -14.31
C LYS A 407 32.68 37.10 -15.48
N ALA A 408 33.31 36.63 -16.56
CA ALA A 408 32.57 36.30 -17.77
C ALA A 408 31.64 35.12 -17.55
N ILE A 409 32.15 34.05 -16.94
CA ILE A 409 31.30 32.88 -16.72
C ILE A 409 30.25 33.16 -15.65
N LEU A 410 30.59 33.95 -14.63
CA LEU A 410 29.61 34.32 -13.62
C LEU A 410 28.51 35.19 -14.22
N ASP A 411 28.88 36.20 -15.01
CA ASP A 411 27.88 37.06 -15.63
C ASP A 411 27.04 36.30 -16.65
N GLN A 412 27.62 35.32 -17.35
CA GLN A 412 26.84 34.51 -18.27
C GLN A 412 25.78 33.70 -17.53
N ALA A 413 26.15 33.13 -16.38
CA ALA A 413 25.19 32.37 -15.58
C ALA A 413 24.02 33.25 -15.14
N ASP A 414 24.32 34.46 -14.64
CA ASP A 414 23.26 35.40 -14.28
C ASP A 414 22.38 35.72 -15.48
N ALA A 415 22.98 35.85 -16.66
CA ALA A 415 22.22 36.22 -17.85
C ALA A 415 21.30 35.09 -18.30
N ALA A 416 21.69 33.83 -18.04
CA ALA A 416 20.86 32.70 -18.47
C ALA A 416 19.50 32.71 -17.80
N LEU A 417 19.41 33.21 -16.57
CA LEU A 417 18.13 33.32 -15.88
C LEU A 417 17.18 34.23 -16.64
N GLU A 418 17.67 35.41 -17.04
CA GLU A 418 16.82 36.35 -17.78
C GLU A 418 16.40 35.78 -19.12
N THR A 419 17.32 35.11 -19.81
CA THR A 419 16.96 34.45 -21.07
C THR A 419 15.94 33.36 -20.84
N ALA A 420 16.12 32.58 -19.76
CA ALA A 420 15.17 31.51 -19.46
C ALA A 420 13.80 32.06 -19.11
N ARG A 421 13.76 33.16 -18.37
CA ARG A 421 12.48 33.79 -18.02
C ARG A 421 11.71 34.18 -19.27
N LYS A 422 12.38 34.91 -20.18
CA LYS A 422 11.70 35.36 -21.39
C LYS A 422 11.27 34.20 -22.26
N ALA A 423 12.06 33.11 -22.27
CA ALA A 423 11.69 31.93 -23.05
C ALA A 423 10.44 31.27 -22.49
N MET A 424 10.40 31.06 -21.17
CA MET A 424 9.26 30.38 -20.56
C MET A 424 7.97 31.17 -20.71
N ASP A 425 8.05 32.51 -20.75
CA ASP A 425 6.88 33.32 -21.04
C ASP A 425 6.26 32.93 -22.38
N ASP A 426 7.08 32.43 -23.31
CA ASP A 426 6.61 32.02 -24.63
C ASP A 426 6.57 30.50 -24.77
N GLN A 427 6.66 29.76 -23.65
CA GLN A 427 6.64 28.29 -23.66
C GLN A 427 7.75 27.71 -24.53
N ALA A 428 8.84 28.44 -24.72
CA ALA A 428 9.98 27.97 -25.50
C ALA A 428 10.95 27.26 -24.55
N LEU A 429 10.57 26.04 -24.18
CA LEU A 429 11.29 25.31 -23.15
C LEU A 429 12.69 24.93 -23.60
N HIS A 430 12.89 24.68 -24.89
CA HIS A 430 14.20 24.32 -25.39
C HIS A 430 15.17 25.50 -25.35
N LEU A 431 14.68 26.71 -25.58
CA LEU A 431 15.55 27.88 -25.50
C LEU A 431 15.96 28.16 -24.07
N ALA A 432 15.10 27.84 -23.09
CA ALA A 432 15.45 27.99 -21.69
C ALA A 432 16.54 27.01 -21.29
N LEU A 433 16.38 25.74 -21.66
CA LEU A 433 17.42 24.75 -21.38
C LEU A 433 18.67 24.99 -22.19
N GLY A 434 18.52 25.51 -23.41
CA GLY A 434 19.70 25.82 -24.22
C GLY A 434 20.56 26.89 -23.57
N ALA A 435 19.94 27.95 -23.08
CA ALA A 435 20.70 29.01 -22.42
C ALA A 435 21.39 28.50 -21.16
N ILE A 436 20.68 27.68 -20.37
CA ILE A 436 21.27 27.16 -19.13
C ILE A 436 22.44 26.23 -19.43
N PHE A 437 22.28 25.34 -20.40
CA PHE A 437 23.34 24.38 -20.70
C PHE A 437 24.41 24.95 -21.61
N ALA A 438 24.20 26.13 -22.17
CA ALA A 438 25.33 26.86 -22.76
C ALA A 438 26.27 27.36 -21.66
N VAL A 439 25.73 27.68 -20.49
CA VAL A 439 26.57 28.05 -19.35
C VAL A 439 27.36 26.85 -18.85
N VAL A 440 26.70 25.69 -18.75
CA VAL A 440 27.38 24.47 -18.32
C VAL A 440 28.55 24.16 -19.24
N ALA A 441 28.34 24.28 -20.55
CA ALA A 441 29.40 24.00 -21.51
C ALA A 441 30.52 25.02 -21.42
N GLU A 442 30.17 26.29 -21.20
CA GLU A 442 31.20 27.32 -21.03
C GLU A 442 31.97 27.12 -19.73
N ALA A 443 31.29 26.63 -18.68
CA ALA A 443 31.97 26.41 -17.40
C ALA A 443 32.99 25.29 -17.49
N ASN A 444 32.67 24.22 -18.24
CA ASN A 444 33.66 23.17 -18.47
C ASN A 444 34.89 23.73 -19.16
N ARG A 445 34.71 24.60 -20.16
CA ARG A 445 35.85 25.23 -20.81
C ARG A 445 36.60 26.16 -19.86
N TYR A 446 35.87 26.88 -19.01
CA TYR A 446 36.51 27.74 -18.02
C TYR A 446 37.35 26.91 -17.06
N PHE A 447 36.77 25.85 -16.49
CA PHE A 447 37.47 25.03 -15.52
C PHE A 447 38.71 24.37 -16.12
N ALA A 448 38.58 23.83 -17.33
CA ALA A 448 39.74 23.22 -18.00
C ALA A 448 40.80 24.26 -18.32
N GLY A 449 40.37 25.49 -18.63
CA GLY A 449 41.32 26.54 -19.00
C GLY A 449 42.06 27.13 -17.82
N GLN A 450 41.52 27.00 -16.62
CA GLN A 450 42.21 27.47 -15.43
C GLN A 450 43.16 26.44 -14.84
N GLU A 451 42.99 25.16 -15.18
CA GLU A 451 43.87 24.09 -14.74
C GLU A 451 44.14 24.11 -13.23
N PRO A 452 43.08 24.13 -12.41
CA PRO A 452 43.29 24.35 -10.96
C PRO A 452 44.14 23.28 -10.30
N TRP A 453 44.28 22.10 -10.91
CA TRP A 453 45.21 21.10 -10.38
C TRP A 453 46.65 21.62 -10.43
N ALA A 454 47.01 22.29 -11.52
CA ALA A 454 48.35 22.89 -11.61
C ALA A 454 48.51 24.01 -10.61
N LEU A 455 47.43 24.70 -10.27
CA LEU A 455 47.49 25.83 -9.34
C LEU A 455 47.58 25.38 -7.88
N ARG A 456 47.37 24.10 -7.60
CA ARG A 456 47.40 23.64 -6.21
C ARG A 456 48.79 23.85 -5.58
N LYS A 457 49.85 23.74 -6.38
CA LYS A 457 51.20 23.94 -5.87
C LYS A 457 51.68 25.37 -6.11
N THR A 458 51.40 25.92 -7.30
CA THR A 458 51.88 27.25 -7.63
C THR A 458 51.17 28.32 -6.81
N ASP A 459 49.85 28.24 -6.72
CA ASP A 459 49.05 29.30 -6.10
C ASP A 459 47.79 28.68 -5.50
N PRO A 460 47.88 28.19 -4.27
CA PRO A 460 46.69 27.59 -3.64
C PRO A 460 45.53 28.57 -3.47
N ALA A 461 45.84 29.86 -3.28
CA ALA A 461 44.77 30.86 -3.15
C ALA A 461 44.04 31.05 -4.47
N ARG A 462 44.76 31.06 -5.59
CA ARG A 462 44.12 31.12 -6.89
C ARG A 462 43.31 29.86 -7.18
N MET A 463 43.87 28.70 -6.83
CA MET A 463 43.11 27.45 -6.96
C MET A 463 41.77 27.54 -6.24
N GLY A 464 41.78 28.12 -5.04
CA GLY A 464 40.52 28.28 -4.30
C GLY A 464 39.51 29.11 -5.05
N THR A 465 39.95 30.25 -5.61
CA THR A 465 39.01 31.14 -6.29
C THR A 465 38.41 30.47 -7.52
N VAL A 466 39.22 29.76 -8.30
CA VAL A 466 38.69 29.01 -9.45
C VAL A 466 37.67 27.98 -8.98
N LEU A 467 37.97 27.30 -7.88
CA LEU A 467 37.03 26.31 -7.34
C LEU A 467 35.77 27.00 -6.82
N TYR A 468 35.92 28.18 -6.21
CA TYR A 468 34.74 28.91 -5.78
C TYR A 468 33.87 29.31 -6.96
N VAL A 469 34.49 29.84 -8.02
CA VAL A 469 33.74 30.26 -9.20
C VAL A 469 32.99 29.08 -9.79
N THR A 470 33.66 27.94 -9.92
CA THR A 470 33.03 26.76 -10.51
C THR A 470 31.84 26.29 -9.67
N ALA A 471 32.03 26.20 -8.35
CA ALA A 471 30.94 25.80 -7.46
C ALA A 471 29.80 26.82 -7.50
N GLU A 472 30.15 28.11 -7.59
CA GLU A 472 29.13 29.16 -7.60
C GLU A 472 28.30 29.12 -8.89
N VAL A 473 28.95 28.85 -10.03
CA VAL A 473 28.21 28.69 -11.27
C VAL A 473 27.32 27.45 -11.19
N LEU A 474 27.82 26.37 -10.63
CA LEU A 474 27.01 25.17 -10.44
C LEU A 474 25.80 25.45 -9.56
N ARG A 475 25.92 26.34 -8.58
CA ARG A 475 24.77 26.70 -7.75
C ARG A 475 23.69 27.40 -8.57
N ARG A 476 24.09 28.39 -9.37
CA ARG A 476 23.12 29.11 -10.19
C ARG A 476 22.49 28.20 -11.24
N VAL A 477 23.29 27.36 -11.89
CA VAL A 477 22.74 26.38 -12.82
C VAL A 477 21.82 25.42 -12.09
N GLY A 478 22.21 24.97 -10.90
CA GLY A 478 21.37 24.03 -10.16
C GLY A 478 20.02 24.61 -9.79
N ILE A 479 20.00 25.87 -9.37
CA ILE A 479 18.72 26.52 -9.08
C ILE A 479 17.87 26.60 -10.33
N MET A 480 18.52 26.83 -11.48
CA MET A 480 17.78 27.11 -12.71
C MET A 480 17.24 25.86 -13.39
N VAL A 481 17.83 24.68 -13.12
CA VAL A 481 17.35 23.46 -13.75
C VAL A 481 16.35 22.71 -12.88
N GLN A 482 16.07 23.20 -11.67
CA GLN A 482 15.07 22.60 -10.80
C GLN A 482 13.74 22.32 -11.48
N PRO A 483 13.17 23.20 -12.31
CA PRO A 483 11.87 22.88 -12.91
C PRO A 483 11.96 21.84 -14.03
N PHE A 484 13.15 21.62 -14.61
CA PHE A 484 13.27 20.66 -15.70
C PHE A 484 13.72 19.29 -15.23
N ILE A 485 14.61 19.21 -14.25
CA ILE A 485 15.06 17.94 -13.69
C ILE A 485 15.04 18.02 -12.16
N PRO A 486 13.85 18.01 -11.54
CA PRO A 486 13.77 18.39 -10.12
C PRO A 486 14.58 17.52 -9.16
N GLN A 487 14.50 16.19 -9.27
CA GLN A 487 15.21 15.35 -8.30
C GLN A 487 16.72 15.43 -8.49
N SER A 488 17.19 15.47 -9.73
CA SER A 488 18.62 15.60 -9.98
C SER A 488 19.14 16.96 -9.55
N ALA A 489 18.39 18.03 -9.83
CA ALA A 489 18.79 19.35 -9.39
C ALA A 489 18.83 19.44 -7.87
N GLU A 490 17.88 18.77 -7.21
CA GLU A 490 17.87 18.73 -5.74
C GLU A 490 19.15 18.09 -5.20
N LYS A 491 19.59 16.99 -5.81
CA LYS A 491 20.81 16.33 -5.35
C LYS A 491 22.04 17.21 -5.57
N LEU A 492 22.07 17.94 -6.70
CA LEU A 492 23.20 18.82 -6.97
C LEU A 492 23.26 19.96 -5.96
N LEU A 493 22.11 20.59 -5.68
CA LEU A 493 22.08 21.64 -4.68
C LEU A 493 22.38 21.09 -3.29
N ASP A 494 22.08 19.80 -3.06
CA ASP A 494 22.36 19.21 -1.75
C ASP A 494 23.87 19.08 -1.52
N ILE A 495 24.64 18.72 -2.55
CA ILE A 495 26.08 18.60 -2.38
C ILE A 495 26.79 19.93 -2.50
N LEU A 496 26.08 21.01 -2.85
CA LEU A 496 26.60 22.36 -2.70
C LEU A 496 26.19 22.99 -1.37
N ALA A 497 25.54 22.21 -0.49
CA ALA A 497 25.13 22.64 0.84
C ALA A 497 24.30 23.92 0.78
N VAL A 498 23.31 23.93 -0.10
CA VAL A 498 22.42 25.07 -0.27
C VAL A 498 21.18 24.83 0.59
N PRO A 499 20.86 25.74 1.52
CA PRO A 499 19.68 25.53 2.37
C PRO A 499 18.41 25.46 1.54
N ALA A 500 17.43 24.71 2.05
CA ALA A 500 16.19 24.50 1.32
C ALA A 500 15.44 25.79 1.07
N ASP A 501 15.67 26.83 1.87
CA ASP A 501 14.99 28.10 1.72
C ASP A 501 15.79 29.11 0.91
N LYS A 502 16.81 28.66 0.18
CA LYS A 502 17.62 29.52 -0.69
C LYS A 502 17.68 28.94 -2.10
N ARG A 503 16.56 28.40 -2.59
CA ARG A 503 16.54 27.73 -3.89
C ARG A 503 15.50 28.34 -4.83
N GLN A 504 15.01 29.53 -4.52
CA GLN A 504 14.21 30.28 -5.48
C GLN A 504 15.11 30.96 -6.51
N PHE A 505 14.50 31.38 -7.62
CA PHE A 505 15.28 32.04 -8.66
C PHE A 505 15.88 33.35 -8.18
N ALA A 506 15.23 34.02 -7.23
CA ALA A 506 15.78 35.24 -6.66
C ALA A 506 17.10 34.99 -5.95
N ASP A 507 17.37 33.74 -5.55
CA ASP A 507 18.62 33.40 -4.88
C ASP A 507 19.80 33.29 -5.84
N VAL A 508 19.57 33.27 -7.15
CA VAL A 508 20.67 33.29 -8.11
C VAL A 508 21.54 34.52 -7.88
N LEU A 509 20.91 35.69 -7.82
CA LEU A 509 21.62 36.95 -7.62
C LEU A 509 21.94 37.24 -6.16
N ALA A 510 21.06 36.85 -5.23
CA ALA A 510 21.10 37.37 -3.86
C ALA A 510 21.82 36.47 -2.86
N SER A 511 22.02 35.18 -3.16
CA SER A 511 22.53 34.23 -2.18
C SER A 511 23.71 33.43 -2.73
N PRO A 512 24.83 34.09 -3.01
CA PRO A 512 26.01 33.35 -3.49
C PRO A 512 26.60 32.48 -2.39
N LEU A 513 27.34 31.46 -2.83
CA LEU A 513 27.99 30.56 -1.88
C LEU A 513 28.91 31.33 -0.95
N ALA A 514 28.90 30.95 0.32
CA ALA A 514 29.72 31.59 1.34
C ALA A 514 30.96 30.75 1.63
N GLY A 515 32.12 31.39 1.63
CA GLY A 515 33.34 30.68 1.96
C GLY A 515 33.30 30.06 3.34
N GLY A 516 33.98 28.93 3.49
CA GLY A 516 34.03 28.22 4.75
C GLY A 516 32.87 27.28 5.00
N THR A 517 31.91 27.17 4.07
CA THR A 517 30.74 26.32 4.26
C THR A 517 31.10 24.86 4.03
N ASP A 518 30.63 23.99 4.92
CA ASP A 518 30.91 22.57 4.82
C ASP A 518 30.11 21.93 3.69
N LEU A 519 30.77 21.10 2.88
CA LEU A 519 30.13 20.42 1.78
C LEU A 519 30.19 18.91 2.00
N PRO A 520 29.09 18.18 1.86
CA PRO A 520 29.13 16.73 1.99
C PRO A 520 29.98 16.11 0.89
N ALA A 521 30.42 14.89 1.13
CA ALA A 521 31.20 14.16 0.14
C ALA A 521 30.41 14.07 -1.17
N PRO A 522 30.97 14.49 -2.30
CA PRO A 522 30.21 14.47 -3.55
C PRO A 522 30.02 13.06 -4.09
N GLN A 523 28.84 12.83 -4.64
CA GLN A 523 28.51 11.61 -5.36
C GLN A 523 27.92 12.00 -6.72
N PRO A 524 28.18 11.20 -7.76
CA PRO A 524 27.70 11.56 -9.09
C PRO A 524 26.19 11.71 -9.15
N VAL A 525 25.74 12.80 -9.77
CA VAL A 525 24.32 13.06 -9.90
C VAL A 525 23.74 12.44 -11.18
N PHE A 526 24.52 12.40 -12.25
CA PHE A 526 24.09 11.88 -13.55
C PHE A 526 25.02 10.75 -13.96
N PRO A 527 24.71 9.50 -13.59
CA PRO A 527 25.52 8.39 -14.07
C PRO A 527 25.33 8.20 -15.57
N ARG A 528 26.37 7.69 -16.21
CA ARG A 528 26.29 7.39 -17.63
C ARG A 528 25.34 6.22 -17.87
N TYR A 529 24.77 6.18 -19.06
CA TYR A 529 23.81 5.11 -19.35
C TYR A 529 24.53 3.79 -19.58
N VAL A 530 23.92 2.71 -19.10
CA VAL A 530 24.42 1.37 -19.35
C VAL A 530 23.50 0.65 -20.32
N ARG B 24 -47.85 -19.63 1.63
CA ARG B 24 -47.99 -21.07 1.75
C ARG B 24 -46.90 -21.80 0.96
N GLU B 25 -46.55 -21.24 -0.19
CA GLU B 25 -45.51 -21.84 -1.02
CA GLU B 25 -45.51 -21.84 -1.02
C GLU B 25 -44.14 -21.63 -0.39
N LYS B 26 -43.34 -22.70 -0.34
CA LYS B 26 -42.06 -22.68 0.37
C LYS B 26 -40.92 -22.18 -0.49
N TYR B 27 -39.97 -21.50 0.15
CA TYR B 27 -38.82 -20.89 -0.53
C TYR B 27 -37.63 -20.95 0.39
N TYR B 28 -36.58 -21.66 -0.03
CA TYR B 28 -35.37 -21.87 0.78
C TYR B 28 -34.19 -21.23 0.07
N ILE B 29 -33.50 -20.32 0.74
CA ILE B 29 -32.38 -19.59 0.16
C ILE B 29 -31.25 -19.54 1.19
N THR B 30 -30.01 -19.61 0.69
CA THR B 30 -28.83 -19.72 1.53
C THR B 30 -27.74 -18.79 1.03
N THR B 31 -26.80 -18.49 1.93
CA THR B 31 -25.48 -17.99 1.56
C THR B 31 -24.47 -19.10 1.72
N ALA B 32 -23.29 -18.89 1.15
CA ALA B 32 -22.17 -19.73 1.51
C ALA B 32 -21.81 -19.50 2.97
N ILE B 33 -21.43 -20.57 3.67
CA ILE B 33 -20.94 -20.38 5.03
C ILE B 33 -19.58 -19.71 4.97
N ALA B 34 -19.37 -18.75 5.87
CA ALA B 34 -18.14 -17.95 5.86
C ALA B 34 -17.04 -18.66 6.63
N TYR B 35 -15.80 -18.33 6.28
CA TYR B 35 -14.64 -18.92 6.94
C TYR B 35 -14.14 -17.95 7.99
N PRO B 36 -14.34 -18.22 9.29
CA PRO B 36 -14.00 -17.23 10.32
C PRO B 36 -12.53 -17.25 10.70
N ASN B 37 -11.65 -17.31 9.70
CA ASN B 37 -10.22 -17.33 10.00
C ASN B 37 -9.69 -15.95 10.34
N GLY B 38 -10.27 -14.90 9.76
CA GLY B 38 -9.97 -13.54 10.14
C GLY B 38 -11.21 -12.81 10.59
N LYS B 39 -11.29 -11.51 10.32
CA LYS B 39 -12.46 -10.71 10.63
C LYS B 39 -13.43 -10.73 9.47
N PRO B 40 -14.67 -10.30 9.69
CA PRO B 40 -15.60 -10.15 8.56
C PRO B 40 -15.09 -9.10 7.59
N HIS B 41 -15.17 -9.41 6.30
CA HIS B 41 -14.78 -8.51 5.23
C HIS B 41 -16.02 -8.10 4.43
N ILE B 42 -15.82 -7.14 3.53
CA ILE B 42 -16.97 -6.58 2.82
C ILE B 42 -17.60 -7.61 1.90
N GLY B 43 -16.81 -8.54 1.37
CA GLY B 43 -17.38 -9.61 0.55
C GLY B 43 -18.40 -10.42 1.31
N HIS B 44 -18.08 -10.79 2.56
CA HIS B 44 -19.05 -11.45 3.43
C HIS B 44 -20.32 -10.62 3.55
N ALA B 45 -20.17 -9.32 3.84
CA ALA B 45 -21.32 -8.45 4.01
C ALA B 45 -22.10 -8.30 2.71
N TYR B 46 -21.40 -8.13 1.60
CA TYR B 46 -22.05 -8.02 0.30
C TYR B 46 -22.94 -9.22 0.02
N GLU B 47 -22.45 -10.42 0.29
CA GLU B 47 -23.23 -11.63 0.02
C GLU B 47 -24.41 -11.76 0.96
N LEU B 48 -24.24 -11.35 2.22
CA LEU B 48 -25.34 -11.46 3.19
C LEU B 48 -26.45 -10.47 2.86
N ILE B 49 -26.08 -9.23 2.55
CA ILE B 49 -27.09 -8.21 2.22
C ILE B 49 -27.90 -8.65 1.01
N ALA B 50 -27.22 -9.05 -0.06
CA ALA B 50 -27.92 -9.45 -1.28
C ALA B 50 -28.87 -10.61 -1.03
N THR B 51 -28.38 -11.65 -0.34
CA THR B 51 -29.24 -12.78 -0.02
C THR B 51 -30.37 -12.38 0.91
N ASP B 52 -30.10 -11.50 1.88
CA ASP B 52 -31.14 -11.01 2.77
C ASP B 52 -32.24 -10.30 1.98
N ALA B 53 -31.86 -9.47 1.02
CA ALA B 53 -32.85 -8.75 0.23
C ALA B 53 -33.68 -9.70 -0.62
N MET B 54 -33.06 -10.76 -1.15
CA MET B 54 -33.80 -11.76 -1.91
C MET B 54 -34.80 -12.49 -1.01
N ALA B 55 -34.37 -12.86 0.19
CA ALA B 55 -35.25 -13.56 1.12
C ALA B 55 -36.42 -12.69 1.54
N ARG B 56 -36.12 -11.43 1.92
CA ARG B 56 -37.19 -10.51 2.32
C ARG B 56 -38.16 -10.28 1.17
N PHE B 57 -37.65 -10.19 -0.06
CA PHE B 57 -38.53 -9.99 -1.21
C PHE B 57 -39.55 -11.11 -1.32
N GLN B 58 -39.12 -12.36 -1.14
CA GLN B 58 -40.04 -13.48 -1.26
C GLN B 58 -41.01 -13.54 -0.09
N ARG B 59 -40.62 -13.01 1.07
CA ARG B 59 -41.57 -12.94 2.18
C ARG B 59 -42.71 -11.97 1.86
N LEU B 60 -42.37 -10.78 1.39
CA LEU B 60 -43.39 -9.82 0.97
C LEU B 60 -44.15 -10.29 -0.27
N ASN B 61 -43.56 -11.19 -1.05
CA ASN B 61 -44.21 -11.77 -2.22
C ASN B 61 -45.13 -12.93 -1.84
N GLY B 62 -45.29 -13.21 -0.55
CA GLY B 62 -46.26 -14.20 -0.10
C GLY B 62 -45.71 -15.59 0.16
N MET B 63 -44.39 -15.76 0.23
CA MET B 63 -43.80 -17.09 0.35
C MET B 63 -43.50 -17.43 1.81
N ASP B 64 -43.52 -18.73 2.09
CA ASP B 64 -43.01 -19.27 3.35
C ASP B 64 -41.50 -19.45 3.17
N VAL B 65 -40.72 -18.56 3.79
CA VAL B 65 -39.30 -18.41 3.50
C VAL B 65 -38.47 -18.96 4.66
N TYR B 66 -37.41 -19.68 4.30
CA TYR B 66 -36.34 -20.06 5.22
C TYR B 66 -35.03 -19.58 4.63
N PHE B 67 -34.29 -18.76 5.39
CA PHE B 67 -33.09 -18.10 4.91
C PHE B 67 -31.94 -18.41 5.87
N LEU B 68 -30.86 -18.97 5.34
CA LEU B 68 -29.78 -19.53 6.14
C LEU B 68 -28.44 -18.88 5.81
N THR B 69 -27.61 -18.72 6.84
CA THR B 69 -26.20 -18.36 6.70
C THR B 69 -25.45 -19.00 7.87
N GLY B 70 -24.12 -18.97 7.82
CA GLY B 70 -23.35 -19.57 8.90
C GLY B 70 -21.86 -19.54 8.63
N THR B 71 -21.14 -20.39 9.37
CA THR B 71 -19.68 -20.40 9.39
C THR B 71 -19.12 -21.81 9.24
N ASP B 72 -18.01 -21.90 8.51
CA ASP B 72 -17.29 -23.15 8.22
C ASP B 72 -15.99 -23.10 9.04
N GLU B 73 -15.94 -23.89 10.12
CA GLU B 73 -14.97 -23.68 11.19
C GLU B 73 -13.89 -24.75 11.30
N HIS B 74 -13.99 -25.85 10.57
CA HIS B 74 -13.03 -26.94 10.69
C HIS B 74 -11.80 -26.71 9.80
N GLY B 75 -10.81 -27.57 9.94
CA GLY B 75 -9.68 -27.61 9.05
C GLY B 75 -8.36 -27.34 9.76
N ILE B 76 -7.28 -27.60 9.01
CA ILE B 76 -5.94 -27.53 9.59
C ILE B 76 -5.51 -26.09 9.84
N LYS B 77 -5.97 -25.14 9.02
CA LYS B 77 -5.58 -23.75 9.24
C LYS B 77 -6.20 -23.19 10.52
N MET B 78 -7.44 -23.56 10.82
CA MET B 78 -8.06 -23.13 12.06
C MET B 78 -7.35 -23.70 13.28
N LEU B 79 -7.02 -25.00 13.24
CA LEU B 79 -6.27 -25.59 14.34
C LEU B 79 -4.90 -24.93 14.50
N GLN B 80 -4.24 -24.60 13.39
CA GLN B 80 -2.94 -23.95 13.46
C GLN B 80 -3.07 -22.51 13.93
N SER B 81 -4.12 -21.81 13.49
CA SER B 81 -4.40 -20.48 14.03
C SER B 81 -4.67 -20.53 15.53
N ALA B 82 -5.33 -21.59 16.01
CA ALA B 82 -5.54 -21.76 17.44
C ALA B 82 -4.23 -22.06 18.16
N ARG B 83 -3.41 -22.95 17.59
CA ARG B 83 -2.11 -23.29 18.17
C ARG B 83 -1.29 -22.03 18.47
N LYS B 84 -1.16 -21.16 17.46
CA LYS B 84 -0.36 -19.95 17.62
C LYS B 84 -0.83 -19.09 18.78
N GLU B 85 -2.05 -19.27 19.25
CA GLU B 85 -2.59 -18.47 20.33
C GLU B 85 -2.74 -19.22 21.65
N GLY B 86 -2.46 -20.52 21.68
CA GLY B 86 -2.59 -21.28 22.91
C GLY B 86 -4.01 -21.54 23.33
N ILE B 87 -4.92 -21.74 22.38
CA ILE B 87 -6.35 -21.88 22.63
C ILE B 87 -6.84 -23.09 21.85
N THR B 88 -7.89 -23.72 22.35
CA THR B 88 -8.47 -24.86 21.64
C THR B 88 -9.13 -24.39 20.35
N PRO B 89 -9.23 -25.26 19.35
CA PRO B 89 -9.90 -24.84 18.09
C PRO B 89 -11.35 -24.46 18.29
N ARG B 90 -12.06 -25.11 19.22
CA ARG B 90 -13.45 -24.76 19.47
C ARG B 90 -13.57 -23.37 20.08
N ASP B 91 -12.68 -23.03 21.02
CA ASP B 91 -12.73 -21.72 21.64
C ASP B 91 -12.31 -20.62 20.65
N LEU B 92 -11.33 -20.91 19.80
CA LEU B 92 -10.98 -19.95 18.74
C LEU B 92 -12.16 -19.72 17.81
N ALA B 93 -12.84 -20.80 17.42
CA ALA B 93 -14.00 -20.67 16.53
C ALA B 93 -15.10 -19.85 17.17
N ASP B 94 -15.35 -20.06 18.47
CA ASP B 94 -16.39 -19.31 19.17
C ASP B 94 -16.10 -17.82 19.13
N ARG B 95 -14.83 -17.43 19.31
CA ARG B 95 -14.48 -16.01 19.29
C ARG B 95 -14.66 -15.42 17.90
N ASN B 96 -14.12 -16.09 16.88
CA ASN B 96 -14.12 -15.54 15.54
C ASN B 96 -15.51 -15.53 14.92
N THR B 97 -16.29 -16.60 15.14
CA THR B 97 -17.65 -16.64 14.60
C THR B 97 -18.52 -15.55 15.21
N SER B 98 -18.20 -15.11 16.43
CA SER B 98 -18.98 -14.08 17.09
C SER B 98 -18.99 -12.77 16.29
N ALA B 99 -17.85 -12.42 15.69
CA ALA B 99 -17.81 -11.22 14.86
C ALA B 99 -18.68 -11.37 13.63
N PHE B 100 -18.82 -12.58 13.10
CA PHE B 100 -19.71 -12.83 11.98
C PHE B 100 -21.17 -12.83 12.39
N ARG B 101 -21.49 -13.33 13.58
CA ARG B 101 -22.84 -13.15 14.12
C ARG B 101 -23.12 -11.68 14.36
N ARG B 102 -22.11 -10.93 14.81
CA ARG B 102 -22.26 -9.50 15.01
C ARG B 102 -22.51 -8.78 13.69
N MET B 103 -21.79 -9.19 12.64
CA MET B 103 -21.96 -8.56 11.34
C MET B 103 -23.37 -8.74 10.79
N ALA B 104 -23.92 -9.96 10.95
CA ALA B 104 -25.28 -10.21 10.49
C ALA B 104 -26.27 -9.29 11.19
N GLU B 105 -26.08 -9.05 12.49
CA GLU B 105 -26.99 -8.18 13.23
C GLU B 105 -26.88 -6.73 12.77
N VAL B 106 -25.65 -6.24 12.58
CA VAL B 106 -25.46 -4.86 12.16
C VAL B 106 -26.08 -4.62 10.78
N LEU B 107 -26.02 -5.61 9.90
CA LEU B 107 -26.57 -5.49 8.56
C LEU B 107 -28.07 -5.75 8.49
N ASN B 108 -28.73 -5.95 9.63
CA ASN B 108 -30.16 -6.21 9.69
C ASN B 108 -30.53 -7.45 8.87
N SER B 109 -29.76 -8.52 9.09
CA SER B 109 -30.01 -9.79 8.40
C SER B 109 -31.24 -10.46 9.00
N SER B 110 -32.11 -10.97 8.12
CA SER B 110 -33.34 -11.62 8.53
C SER B 110 -33.23 -13.14 8.51
N ASN B 111 -32.03 -13.68 8.66
CA ASN B 111 -31.84 -15.12 8.58
C ASN B 111 -32.62 -15.83 9.67
N ASP B 112 -33.31 -16.90 9.28
CA ASP B 112 -34.12 -17.67 10.20
C ASP B 112 -33.31 -18.64 11.05
N ASP B 113 -32.09 -18.95 10.63
CA ASP B 113 -31.21 -19.86 11.37
C ASP B 113 -29.77 -19.41 11.11
N TYR B 114 -28.86 -19.96 11.91
CA TYR B 114 -27.43 -19.68 11.78
C TYR B 114 -26.69 -20.96 12.09
N ILE B 115 -26.01 -21.53 11.10
CA ILE B 115 -25.39 -22.84 11.22
C ILE B 115 -23.90 -22.67 11.45
N ARG B 116 -23.39 -23.35 12.48
CA ARG B 116 -21.95 -23.44 12.73
C ARG B 116 -21.56 -24.90 12.58
N THR B 117 -20.58 -25.18 11.71
CA THR B 117 -20.23 -26.57 11.44
C THR B 117 -19.61 -27.28 12.64
N SER B 118 -19.32 -26.56 13.72
CA SER B 118 -18.85 -27.20 14.94
C SER B 118 -19.99 -27.76 15.79
N GLU B 119 -21.23 -27.46 15.45
CA GLU B 119 -22.36 -27.90 16.27
C GLU B 119 -22.61 -29.40 16.07
N GLU B 120 -23.24 -30.00 17.08
CA GLU B 120 -23.42 -31.45 17.09
C GLU B 120 -24.37 -31.90 15.98
N ARG B 121 -25.40 -31.09 15.70
CA ARG B 121 -26.34 -31.44 14.65
C ARG B 121 -25.66 -31.52 13.29
N HIS B 122 -24.61 -30.72 13.08
CA HIS B 122 -23.88 -30.81 11.82
C HIS B 122 -23.00 -32.06 11.77
N TYR B 123 -22.41 -32.42 12.90
CA TYR B 123 -21.73 -33.70 13.04
C TYR B 123 -22.62 -34.85 12.57
N LYS B 124 -23.87 -34.86 13.02
CA LYS B 124 -24.78 -35.96 12.70
C LYS B 124 -25.23 -35.90 11.24
N ALA B 125 -25.46 -34.71 10.71
CA ALA B 125 -25.91 -34.60 9.32
C ALA B 125 -24.80 -35.01 8.36
N SER B 126 -23.56 -34.60 8.64
CA SER B 126 -22.45 -34.97 7.76
C SER B 126 -22.24 -36.48 7.75
N GLN B 127 -22.26 -37.11 8.93
CA GLN B 127 -22.05 -38.55 8.99
C GLN B 127 -23.19 -39.30 8.32
N ALA B 128 -24.42 -38.79 8.42
CA ALA B 128 -25.56 -39.45 7.79
C ALA B 128 -25.43 -39.42 6.27
N ILE B 129 -25.14 -38.25 5.69
CA ILE B 129 -25.03 -38.16 4.25
C ILE B 129 -23.82 -38.93 3.75
N TRP B 130 -22.78 -39.05 4.58
CA TRP B 130 -21.63 -39.87 4.22
C TRP B 130 -22.02 -41.34 4.15
N GLN B 131 -22.83 -41.81 5.10
CA GLN B 131 -23.29 -43.19 5.08
C GLN B 131 -24.20 -43.45 3.88
N ALA B 132 -25.03 -42.46 3.52
CA ALA B 132 -25.91 -42.62 2.35
C ALA B 132 -25.10 -42.80 1.07
N MET B 133 -23.98 -42.09 0.96
CA MET B 133 -23.15 -42.21 -0.24
C MET B 133 -22.38 -43.52 -0.23
N VAL B 134 -21.97 -43.99 0.95
CA VAL B 134 -21.33 -45.30 1.05
C VAL B 134 -22.31 -46.39 0.62
N ALA B 135 -23.54 -46.33 1.12
CA ALA B 135 -24.54 -47.33 0.77
C ALA B 135 -24.89 -47.31 -0.70
N ASN B 136 -24.79 -46.15 -1.35
CA ASN B 136 -24.97 -46.09 -2.80
C ASN B 136 -23.74 -46.53 -3.56
N GLY B 137 -22.66 -46.88 -2.86
CA GLY B 137 -21.47 -47.42 -3.48
C GLY B 137 -20.48 -46.39 -4.00
N ASP B 138 -20.56 -45.14 -3.55
CA ASP B 138 -19.81 -44.05 -4.15
C ASP B 138 -18.62 -43.58 -3.32
N ILE B 139 -18.25 -44.30 -2.27
CA ILE B 139 -17.14 -43.91 -1.40
C ILE B 139 -16.27 -45.12 -1.12
N TYR B 140 -14.97 -44.97 -1.36
CA TYR B 140 -14.00 -46.03 -1.11
C TYR B 140 -12.76 -45.46 -0.42
N LYS B 141 -12.04 -46.34 0.25
CA LYS B 141 -10.78 -45.99 0.89
C LYS B 141 -9.64 -46.26 -0.08
N GLY B 142 -8.82 -45.25 -0.31
CA GLY B 142 -7.69 -45.36 -1.21
C GLY B 142 -6.57 -44.45 -0.73
N GLY B 143 -5.82 -43.91 -1.69
CA GLY B 143 -4.73 -43.03 -1.33
C GLY B 143 -4.44 -42.02 -2.43
N TYR B 144 -3.72 -40.98 -2.04
CA TYR B 144 -3.19 -40.00 -2.97
C TYR B 144 -1.67 -40.12 -2.99
N ALA B 145 -1.12 -40.38 -4.17
CA ALA B 145 0.31 -40.31 -4.42
C ALA B 145 0.53 -39.34 -5.57
N GLY B 146 1.10 -38.18 -5.27
CA GLY B 146 1.26 -37.18 -6.30
C GLY B 146 1.97 -35.95 -5.79
N TRP B 147 2.03 -34.94 -6.65
CA TRP B 147 2.81 -33.74 -6.41
C TRP B 147 2.01 -32.72 -5.63
N TYR B 148 2.68 -32.09 -4.67
CA TYR B 148 2.08 -31.05 -3.83
C TYR B 148 3.09 -29.92 -3.65
N SER B 149 2.60 -28.69 -3.76
CA SER B 149 3.43 -27.50 -3.58
C SER B 149 3.02 -26.80 -2.30
N VAL B 150 3.93 -26.80 -1.31
CA VAL B 150 3.61 -26.18 -0.03
C VAL B 150 3.51 -24.67 -0.17
N ARG B 151 4.31 -24.07 -1.05
CA ARG B 151 4.24 -22.63 -1.25
C ARG B 151 2.96 -22.24 -1.97
N ASP B 152 2.47 -23.10 -2.88
CA ASP B 152 1.19 -22.86 -3.52
C ASP B 152 0.01 -23.40 -2.72
N GLU B 153 0.27 -24.31 -1.77
CA GLU B 153 -0.78 -24.96 -0.98
C GLU B 153 -1.78 -25.67 -1.90
N ALA B 154 -1.29 -26.26 -2.98
CA ALA B 154 -2.15 -26.82 -4.00
C ALA B 154 -1.60 -28.16 -4.47
N TYR B 155 -2.50 -28.95 -5.07
CA TYR B 155 -2.14 -30.21 -5.70
C TYR B 155 -2.04 -30.03 -7.21
N TYR B 156 -1.20 -30.84 -7.84
CA TYR B 156 -0.98 -30.74 -9.28
C TYR B 156 -0.75 -32.11 -9.87
N GLY B 157 -1.26 -32.30 -11.09
CA GLY B 157 -0.82 -33.42 -11.90
C GLY B 157 0.60 -33.21 -12.39
N GLU B 158 1.21 -34.32 -12.83
CA GLU B 158 2.62 -34.28 -13.22
C GLU B 158 2.90 -33.32 -14.36
N GLU B 159 1.87 -32.92 -15.12
CA GLU B 159 2.05 -32.01 -16.24
C GLU B 159 2.69 -30.69 -15.83
N GLU B 160 2.65 -30.36 -14.54
CA GLU B 160 3.26 -29.13 -14.05
C GLU B 160 4.67 -29.37 -13.54
N ARG B 169 11.20 -30.73 -9.84
CA ARG B 169 9.95 -30.39 -10.51
C ARG B 169 9.37 -29.09 -9.94
N TYR B 170 8.84 -28.25 -10.82
CA TYR B 170 8.19 -27.01 -10.43
C TYR B 170 6.76 -27.00 -10.96
N GLY B 171 5.83 -26.60 -10.09
CA GLY B 171 4.45 -26.41 -10.50
C GLY B 171 4.23 -24.99 -10.97
N PRO B 172 2.99 -24.66 -11.35
CA PRO B 172 2.69 -23.29 -11.81
C PRO B 172 2.75 -22.28 -10.68
N THR B 175 6.63 -22.29 -8.60
CA THR B 175 7.27 -22.75 -7.38
C THR B 175 7.46 -24.27 -7.40
N PRO B 176 8.46 -24.75 -6.65
CA PRO B 176 8.70 -26.20 -6.60
C PRO B 176 7.57 -26.95 -5.93
N VAL B 177 7.54 -28.26 -6.19
CA VAL B 177 6.59 -29.17 -5.59
C VAL B 177 7.33 -30.29 -4.89
N GLU B 178 6.72 -30.84 -3.86
CA GLU B 178 7.25 -31.99 -3.14
C GLU B 178 6.27 -33.14 -3.23
N TRP B 179 6.80 -34.35 -3.36
CA TRP B 179 5.96 -35.54 -3.50
C TRP B 179 5.32 -35.89 -2.16
N VAL B 180 4.02 -36.17 -2.18
CA VAL B 180 3.26 -36.47 -0.97
C VAL B 180 2.46 -37.74 -1.20
N GLU B 181 2.34 -38.55 -0.14
CA GLU B 181 1.57 -39.80 -0.19
C GLU B 181 0.84 -39.95 1.14
N GLU B 182 -0.48 -39.88 1.11
CA GLU B 182 -1.30 -40.00 2.30
C GLU B 182 -2.52 -40.85 2.00
N GLU B 183 -3.08 -41.45 3.06
CA GLU B 183 -4.32 -42.19 2.93
C GLU B 183 -5.51 -41.25 2.86
N SER B 184 -6.55 -41.67 2.14
CA SER B 184 -7.69 -40.81 1.96
C SER B 184 -8.87 -41.61 1.44
N TYR B 185 -10.07 -41.22 1.86
CA TYR B 185 -11.29 -41.70 1.24
C TYR B 185 -11.57 -40.89 -0.03
N PHE B 186 -12.32 -41.50 -0.94
CA PHE B 186 -12.65 -40.88 -2.21
C PHE B 186 -14.14 -41.01 -2.49
N PHE B 187 -14.72 -39.96 -3.07
CA PHE B 187 -16.04 -40.02 -3.67
C PHE B 187 -15.88 -40.29 -5.16
N ARG B 188 -16.72 -41.19 -5.69
CA ARG B 188 -16.63 -41.59 -7.09
C ARG B 188 -17.23 -40.51 -7.99
N LEU B 189 -16.58 -39.34 -8.00
CA LEU B 189 -17.05 -38.24 -8.83
C LEU B 189 -17.06 -38.62 -10.30
N SER B 190 -16.09 -39.44 -10.73
CA SER B 190 -16.03 -39.87 -12.12
C SER B 190 -17.28 -40.62 -12.56
N ALA B 191 -18.12 -41.05 -11.62
CA ALA B 191 -19.34 -41.77 -11.94
C ALA B 191 -20.52 -40.86 -12.26
N TYR B 192 -20.35 -39.54 -12.17
CA TYR B 192 -21.47 -38.62 -12.32
C TYR B 192 -21.29 -37.62 -13.45
N GLN B 193 -20.34 -37.84 -14.37
CA GLN B 193 -20.14 -36.89 -15.45
C GLN B 193 -21.38 -36.78 -16.33
N ASP B 194 -21.91 -37.92 -16.77
CA ASP B 194 -23.04 -37.90 -17.70
C ASP B 194 -24.29 -37.33 -17.03
N LYS B 195 -24.55 -37.70 -15.77
CA LYS B 195 -25.74 -37.19 -15.08
C LYS B 195 -25.64 -35.69 -14.82
N LEU B 196 -24.42 -35.18 -14.60
CA LEU B 196 -24.26 -33.74 -14.41
C LEU B 196 -24.50 -32.98 -15.72
N LEU B 197 -23.95 -33.48 -16.82
CA LEU B 197 -24.23 -32.88 -18.12
C LEU B 197 -25.72 -32.96 -18.45
N ASP B 198 -26.37 -34.06 -18.06
CA ASP B 198 -27.82 -34.15 -18.20
C ASP B 198 -28.51 -33.06 -17.38
N LEU B 199 -28.02 -32.79 -16.17
CA LEU B 199 -28.63 -31.78 -15.32
C LEU B 199 -28.51 -30.39 -15.95
N TYR B 200 -27.33 -30.08 -16.50
CA TYR B 200 -27.13 -28.75 -17.07
C TYR B 200 -27.99 -28.54 -18.30
N GLU B 201 -28.15 -29.59 -19.13
CA GLU B 201 -28.99 -29.47 -20.31
C GLU B 201 -30.45 -29.34 -19.94
N ASN B 202 -30.91 -30.14 -18.97
CA ASN B 202 -32.33 -30.17 -18.61
C ASN B 202 -32.76 -28.98 -17.77
N ASN B 203 -31.83 -28.28 -17.12
CA ASN B 203 -32.14 -27.13 -16.28
CA ASN B 203 -32.14 -27.14 -16.27
C ASN B 203 -31.24 -25.99 -16.69
N PRO B 204 -31.66 -25.18 -17.66
CA PRO B 204 -30.79 -24.09 -18.13
C PRO B 204 -30.35 -23.11 -17.05
N GLY B 205 -31.02 -23.06 -15.91
CA GLY B 205 -30.67 -22.08 -14.89
C GLY B 205 -30.13 -22.68 -13.60
N PHE B 206 -29.58 -23.89 -13.66
CA PHE B 206 -29.06 -24.50 -12.45
C PHE B 206 -27.86 -23.74 -11.91
N ILE B 207 -27.00 -23.23 -12.80
CA ILE B 207 -25.81 -22.48 -12.41
C ILE B 207 -25.76 -21.21 -13.25
N MET B 208 -25.77 -20.06 -12.57
CA MET B 208 -25.87 -18.76 -13.20
C MET B 208 -24.92 -17.80 -12.51
N PRO B 209 -24.54 -16.70 -13.18
CA PRO B 209 -24.88 -16.26 -14.54
C PRO B 209 -24.26 -17.13 -15.65
N ALA B 210 -24.60 -16.80 -16.90
CA ALA B 210 -24.26 -17.66 -18.04
C ALA B 210 -22.77 -17.95 -18.14
N GLU B 211 -21.93 -17.03 -17.67
CA GLU B 211 -20.49 -17.26 -17.77
C GLU B 211 -20.00 -18.28 -16.75
N ARG B 212 -20.61 -18.36 -15.57
CA ARG B 212 -20.34 -19.48 -14.67
C ARG B 212 -20.71 -20.81 -15.33
N ARG B 213 -21.84 -20.84 -16.03
CA ARG B 213 -22.33 -22.09 -16.62
C ARG B 213 -21.37 -22.62 -17.67
N ASN B 214 -20.85 -21.74 -18.53
CA ASN B 214 -19.95 -22.19 -19.58
C ASN B 214 -18.67 -22.78 -19.01
N GLU B 215 -18.19 -22.22 -17.89
CA GLU B 215 -17.00 -22.80 -17.24
C GLU B 215 -17.31 -24.17 -16.65
N ILE B 216 -18.45 -24.31 -15.97
CA ILE B 216 -18.81 -25.59 -15.35
C ILE B 216 -19.01 -26.66 -16.42
N VAL B 217 -19.81 -26.34 -17.45
CA VAL B 217 -20.08 -27.30 -18.51
C VAL B 217 -18.78 -27.75 -19.18
N SER B 218 -17.92 -26.79 -19.51
CA SER B 218 -16.64 -27.12 -20.14
C SER B 218 -15.72 -27.89 -19.20
N PHE B 219 -15.78 -27.62 -17.89
CA PHE B 219 -14.96 -28.36 -16.95
C PHE B 219 -15.38 -29.81 -16.87
N VAL B 220 -16.69 -30.06 -16.82
CA VAL B 220 -17.19 -31.43 -16.71
C VAL B 220 -17.00 -32.18 -18.03
N LYS B 221 -17.16 -31.48 -19.15
CA LYS B 221 -17.02 -32.12 -20.45
C LYS B 221 -15.63 -32.73 -20.64
N SER B 222 -14.61 -32.10 -20.06
CA SER B 222 -13.23 -32.56 -20.27
C SER B 222 -12.85 -33.73 -19.38
N GLY B 223 -13.71 -34.15 -18.44
CA GLY B 223 -13.43 -35.33 -17.65
C GLY B 223 -13.34 -35.06 -16.16
N LEU B 224 -13.92 -35.96 -15.36
CA LEU B 224 -13.97 -35.83 -13.92
C LEU B 224 -13.24 -37.00 -13.26
N LYS B 225 -12.30 -36.69 -12.37
CA LYS B 225 -11.61 -37.69 -11.57
C LYS B 225 -12.28 -37.82 -10.22
N ASP B 226 -12.03 -38.95 -9.55
CA ASP B 226 -12.55 -39.15 -8.20
C ASP B 226 -11.96 -38.11 -7.25
N LEU B 227 -12.71 -37.82 -6.20
CA LEU B 227 -12.45 -36.66 -5.35
C LEU B 227 -12.04 -37.11 -3.95
N SER B 228 -10.90 -36.60 -3.49
CA SER B 228 -10.45 -36.85 -2.12
C SER B 228 -11.34 -36.11 -1.13
N ILE B 229 -11.84 -36.84 -0.12
CA ILE B 229 -12.84 -36.25 0.78
C ILE B 229 -12.51 -36.51 2.25
N SER B 230 -11.31 -36.99 2.55
CA SER B 230 -10.92 -37.18 3.95
C SER B 230 -9.47 -36.75 4.14
N ARG B 231 -9.12 -36.55 5.41
CA ARG B 231 -7.75 -36.23 5.80
C ARG B 231 -7.43 -37.01 7.08
N THR B 232 -6.14 -37.28 7.26
CA THR B 232 -5.65 -37.91 8.48
C THR B 232 -4.70 -37.03 9.29
N THR B 233 -4.50 -35.77 8.89
CA THR B 233 -3.45 -34.92 9.42
C THR B 233 -3.92 -34.03 10.57
N PHE B 234 -5.18 -34.13 10.98
CA PHE B 234 -5.71 -33.31 12.05
C PHE B 234 -7.02 -33.92 12.52
N ASP B 235 -7.36 -33.66 13.79
CA ASP B 235 -8.60 -34.14 14.35
C ASP B 235 -9.69 -33.08 14.42
N TRP B 236 -9.34 -31.80 14.20
CA TRP B 236 -10.31 -30.71 14.26
C TRP B 236 -11.20 -30.79 13.03
N GLY B 237 -12.15 -31.71 13.09
CA GLY B 237 -13.06 -31.96 11.99
C GLY B 237 -13.99 -33.10 12.38
N ILE B 238 -14.87 -33.45 11.45
CA ILE B 238 -15.89 -34.46 11.68
C ILE B 238 -15.29 -35.83 11.38
N PRO B 239 -15.28 -36.75 12.33
CA PRO B 239 -14.69 -38.07 12.07
C PRO B 239 -15.45 -38.83 10.99
N VAL B 240 -14.72 -39.59 10.19
CA VAL B 240 -15.35 -40.49 9.21
C VAL B 240 -15.98 -41.65 9.96
N PRO B 241 -17.23 -42.00 9.68
CA PRO B 241 -17.89 -43.08 10.43
C PRO B 241 -17.21 -44.43 10.18
N GLY B 242 -16.89 -45.12 11.28
CA GLY B 242 -16.24 -46.41 11.21
C GLY B 242 -14.74 -46.36 11.05
N ASP B 243 -14.14 -45.17 10.95
CA ASP B 243 -12.70 -45.02 10.74
C ASP B 243 -12.27 -43.65 11.26
N GLU B 244 -12.29 -43.49 12.59
CA GLU B 244 -12.12 -42.16 13.17
C GLU B 244 -10.70 -41.63 13.06
N LYS B 245 -9.74 -42.45 12.61
CA LYS B 245 -8.43 -41.91 12.26
C LYS B 245 -8.57 -40.86 11.15
N HIS B 246 -9.60 -40.99 10.32
CA HIS B 246 -9.89 -40.03 9.27
C HIS B 246 -10.93 -39.02 9.73
N VAL B 247 -10.81 -37.80 9.23
CA VAL B 247 -11.83 -36.77 9.39
C VAL B 247 -12.18 -36.24 8.01
N MET B 248 -13.37 -35.67 7.90
CA MET B 248 -13.88 -35.25 6.60
C MET B 248 -13.15 -34.01 6.12
N TYR B 249 -12.84 -33.97 4.82
CA TYR B 249 -12.30 -32.78 4.21
C TYR B 249 -13.42 -31.76 4.00
N VAL B 250 -13.09 -30.64 3.35
CA VAL B 250 -14.00 -29.51 3.31
C VAL B 250 -15.26 -29.83 2.51
N TRP B 251 -15.15 -30.68 1.49
CA TRP B 251 -16.24 -30.83 0.52
C TRP B 251 -17.53 -31.30 1.20
N VAL B 252 -17.48 -32.41 1.92
CA VAL B 252 -18.68 -32.94 2.54
C VAL B 252 -19.06 -32.10 3.76
N ASP B 253 -18.06 -31.61 4.50
CA ASP B 253 -18.33 -30.84 5.70
C ASP B 253 -19.11 -29.57 5.38
N ALA B 254 -18.53 -28.72 4.52
CA ALA B 254 -19.11 -27.40 4.30
C ALA B 254 -20.46 -27.49 3.61
N LEU B 255 -20.55 -28.28 2.53
CA LEU B 255 -21.75 -28.29 1.71
C LEU B 255 -22.95 -28.87 2.45
N THR B 256 -22.71 -29.79 3.40
CA THR B 256 -23.80 -30.40 4.14
C THR B 256 -24.54 -29.40 5.03
N ASN B 257 -23.95 -28.24 5.29
CA ASN B 257 -24.62 -27.21 6.11
C ASN B 257 -26.02 -26.88 5.58
N TYR B 258 -26.23 -27.00 4.27
CA TYR B 258 -27.49 -26.60 3.64
C TYR B 258 -28.63 -27.52 4.03
N ILE B 259 -28.37 -28.79 4.28
CA ILE B 259 -29.35 -29.71 4.80
C ILE B 259 -29.30 -29.93 6.33
N THR B 260 -28.16 -29.70 6.99
CA THR B 260 -28.14 -29.67 8.46
C THR B 260 -29.20 -28.72 9.03
N ALA B 261 -29.31 -27.52 8.46
CA ALA B 261 -30.24 -26.53 8.98
C ALA B 261 -31.69 -26.98 8.88
N LEU B 262 -31.99 -27.95 8.01
CA LEU B 262 -33.35 -28.44 7.84
C LEU B 262 -33.65 -29.66 8.70
N GLY B 263 -32.71 -30.09 9.54
CA GLY B 263 -32.92 -31.23 10.40
C GLY B 263 -32.46 -32.56 9.86
N TYR B 264 -31.76 -32.57 8.72
CA TYR B 264 -31.27 -33.82 8.15
C TYR B 264 -30.42 -34.56 9.18
N PRO B 265 -30.53 -35.90 9.27
CA PRO B 265 -31.27 -36.82 8.40
C PRO B 265 -32.72 -37.11 8.81
N ASP B 266 -33.27 -36.35 9.75
CA ASP B 266 -34.64 -36.60 10.20
C ASP B 266 -35.60 -35.94 9.22
N THR B 267 -36.14 -36.73 8.30
CA THR B 267 -37.03 -36.22 7.26
C THR B 267 -38.42 -35.87 7.76
N THR B 268 -38.79 -36.23 8.99
CA THR B 268 -40.09 -35.83 9.52
C THR B 268 -40.05 -34.46 10.20
N ASP B 269 -38.86 -33.86 10.33
CA ASP B 269 -38.74 -32.47 10.76
C ASP B 269 -39.60 -31.58 9.88
N GLU B 270 -40.34 -30.67 10.51
CA GLU B 270 -41.21 -29.78 9.75
C GLU B 270 -40.42 -28.94 8.76
N ARG B 271 -39.14 -28.69 9.04
CA ARG B 271 -38.32 -27.86 8.15
C ARG B 271 -37.86 -28.62 6.92
N TRP B 272 -37.91 -29.96 6.93
CA TRP B 272 -37.35 -30.71 5.81
C TRP B 272 -38.05 -30.40 4.50
N ALA B 273 -39.33 -30.01 4.55
CA ALA B 273 -40.06 -29.67 3.34
C ALA B 273 -39.44 -28.50 2.59
N TYR B 274 -38.57 -27.72 3.25
CA TYR B 274 -37.88 -26.64 2.56
C TYR B 274 -36.89 -27.15 1.52
N TRP B 275 -36.43 -28.39 1.65
CA TRP B 275 -35.55 -28.94 0.62
C TRP B 275 -36.37 -29.37 -0.59
N PRO B 276 -35.88 -29.14 -1.82
CA PRO B 276 -34.59 -28.57 -2.21
C PRO B 276 -34.54 -27.04 -2.20
N ALA B 277 -33.34 -26.50 -1.93
CA ALA B 277 -33.15 -25.05 -1.90
C ALA B 277 -33.53 -24.45 -3.23
N ASN B 278 -34.26 -23.33 -3.19
CA ASN B 278 -34.58 -22.61 -4.40
C ASN B 278 -33.37 -21.86 -4.96
N ALA B 279 -32.41 -21.51 -4.11
CA ALA B 279 -31.26 -20.76 -4.57
C ALA B 279 -30.14 -20.85 -3.54
N HIS B 280 -28.96 -21.24 -3.98
CA HIS B 280 -27.72 -21.09 -3.22
C HIS B 280 -26.99 -19.86 -3.76
N ILE B 281 -26.81 -18.85 -2.90
CA ILE B 281 -26.04 -17.67 -3.28
C ILE B 281 -24.60 -17.87 -2.83
N ILE B 282 -23.66 -17.75 -3.77
CA ILE B 282 -22.25 -18.01 -3.53
C ILE B 282 -21.40 -17.00 -4.29
N GLY B 283 -20.09 -17.06 -4.06
CA GLY B 283 -19.14 -16.35 -4.89
C GLY B 283 -18.61 -17.22 -6.01
N LYS B 284 -18.12 -16.57 -7.07
CA LYS B 284 -17.75 -17.31 -8.27
C LYS B 284 -16.55 -18.23 -8.05
N ASP B 285 -15.78 -18.01 -6.98
CA ASP B 285 -14.61 -18.85 -6.73
C ASP B 285 -14.99 -20.23 -6.20
N ILE B 286 -16.19 -20.39 -5.66
CA ILE B 286 -16.65 -21.69 -5.17
C ILE B 286 -17.75 -22.26 -6.06
N SER B 287 -17.87 -21.74 -7.29
CA SER B 287 -18.93 -22.18 -8.20
C SER B 287 -18.81 -23.68 -8.50
N ARG B 288 -17.59 -24.13 -8.78
CA ARG B 288 -17.39 -25.53 -9.14
C ARG B 288 -17.81 -26.48 -8.03
N PHE B 289 -17.62 -26.07 -6.77
CA PHE B 289 -17.97 -26.94 -5.65
C PHE B 289 -19.48 -27.08 -5.51
N HIS B 290 -20.24 -26.02 -5.77
CA HIS B 290 -21.69 -26.05 -5.64
C HIS B 290 -22.40 -26.58 -6.89
N ALA B 291 -21.75 -26.56 -8.05
CA ALA B 291 -22.38 -26.95 -9.30
C ALA B 291 -21.87 -28.29 -9.84
N VAL B 292 -20.88 -28.90 -9.19
CA VAL B 292 -20.37 -30.19 -9.62
C VAL B 292 -20.38 -31.17 -8.45
N TYR B 293 -19.65 -30.83 -7.38
CA TYR B 293 -19.53 -31.73 -6.24
C TYR B 293 -20.85 -31.88 -5.50
N TRP B 294 -21.46 -30.75 -5.15
CA TRP B 294 -22.70 -30.77 -4.35
C TRP B 294 -23.84 -31.50 -5.05
N PRO B 295 -24.15 -31.25 -6.32
CA PRO B 295 -25.20 -32.07 -6.96
C PRO B 295 -24.84 -33.54 -7.09
N ALA B 296 -23.55 -33.86 -7.25
CA ALA B 296 -23.15 -35.26 -7.28
C ALA B 296 -23.36 -35.93 -5.93
N PHE B 297 -22.92 -35.26 -4.86
CA PHE B 297 -23.16 -35.78 -3.51
C PHE B 297 -24.65 -36.01 -3.27
N LEU B 298 -25.49 -35.09 -3.74
CA LEU B 298 -26.93 -35.20 -3.50
C LEU B 298 -27.55 -36.32 -4.32
N MET B 299 -27.18 -36.43 -5.60
CA MET B 299 -27.63 -37.56 -6.40
C MET B 299 -27.26 -38.88 -5.74
N SER B 300 -26.03 -38.97 -5.21
CA SER B 300 -25.58 -40.19 -4.57
C SER B 300 -26.40 -40.52 -3.33
N ALA B 301 -26.79 -39.50 -2.57
CA ALA B 301 -27.54 -39.67 -1.34
C ALA B 301 -29.05 -39.70 -1.55
N GLN B 302 -29.51 -39.81 -2.80
CA GLN B 302 -30.92 -39.96 -3.13
C GLN B 302 -31.73 -38.73 -2.72
N LEU B 303 -31.17 -37.55 -2.95
CA LEU B 303 -31.84 -36.31 -2.57
C LEU B 303 -32.09 -35.43 -3.79
N PRO B 304 -33.19 -34.68 -3.79
CA PRO B 304 -33.42 -33.74 -4.90
C PRO B 304 -32.38 -32.64 -4.94
N LEU B 305 -32.31 -32.00 -6.08
CA LEU B 305 -31.25 -31.02 -6.32
C LEU B 305 -31.78 -29.60 -6.14
N PRO B 306 -30.96 -28.69 -5.63
CA PRO B 306 -31.39 -27.30 -5.55
C PRO B 306 -31.71 -26.75 -6.92
N LYS B 307 -32.59 -25.75 -6.95
CA LYS B 307 -33.10 -25.31 -8.24
C LYS B 307 -32.19 -24.28 -8.91
N ARG B 308 -31.39 -23.54 -8.15
CA ARG B 308 -30.43 -22.63 -8.76
C ARG B 308 -29.26 -22.38 -7.84
N VAL B 309 -28.07 -22.32 -8.43
CA VAL B 309 -26.86 -21.77 -7.81
C VAL B 309 -26.50 -20.50 -8.56
N PHE B 310 -26.41 -19.39 -7.84
CA PHE B 310 -26.05 -18.11 -8.45
C PHE B 310 -24.79 -17.56 -7.78
N ALA B 311 -23.83 -17.16 -8.62
CA ALA B 311 -22.54 -16.67 -8.16
C ALA B 311 -22.46 -15.17 -8.40
N HIS B 312 -22.25 -14.41 -7.33
CA HIS B 312 -21.99 -12.98 -7.45
C HIS B 312 -20.51 -12.73 -7.72
N GLY B 313 -20.18 -11.48 -8.05
CA GLY B 313 -18.82 -11.09 -8.34
C GLY B 313 -18.07 -10.60 -7.12
N PHE B 314 -16.85 -10.13 -7.36
CA PHE B 314 -15.98 -9.63 -6.31
C PHE B 314 -16.01 -8.11 -6.29
N LEU B 315 -15.72 -7.54 -5.12
CA LEU B 315 -15.73 -6.10 -4.92
C LEU B 315 -14.31 -5.59 -4.65
N PHE B 316 -14.00 -4.42 -5.16
CA PHE B 316 -12.67 -3.85 -5.03
C PHE B 316 -12.68 -2.46 -4.41
N ILE B 330 -11.94 -1.45 4.28
CA ILE B 330 -12.88 -2.41 3.71
C ILE B 330 -13.67 -3.12 4.82
N ASP B 331 -13.59 -2.60 6.04
CA ASP B 331 -14.26 -3.26 7.15
C ASP B 331 -15.75 -2.96 7.13
N PRO B 332 -16.61 -3.97 7.11
CA PRO B 332 -18.06 -3.70 7.00
C PRO B 332 -18.63 -2.85 8.13
N PHE B 333 -18.14 -3.03 9.37
CA PHE B 333 -18.69 -2.26 10.49
C PHE B 333 -18.44 -0.77 10.32
N GLU B 334 -17.24 -0.40 9.88
CA GLU B 334 -16.92 1.01 9.69
C GLU B 334 -17.71 1.61 8.55
N LEU B 335 -17.86 0.86 7.44
CA LEU B 335 -18.64 1.33 6.30
C LEU B 335 -20.09 1.62 6.71
N VAL B 336 -20.71 0.68 7.42
CA VAL B 336 -22.08 0.89 7.92
C VAL B 336 -22.13 2.12 8.81
N GLU B 337 -21.10 2.28 9.65
CA GLU B 337 -21.09 3.36 10.64
C GLU B 337 -20.91 4.72 9.96
N ARG B 338 -20.20 4.76 8.84
CA ARG B 338 -19.82 5.99 8.17
C ARG B 338 -20.89 6.46 7.20
N TYR B 339 -21.55 5.53 6.51
CA TYR B 339 -22.51 5.87 5.48
C TYR B 339 -23.95 5.58 5.86
N GLY B 340 -24.19 4.77 6.89
CA GLY B 340 -25.53 4.32 7.20
C GLY B 340 -25.80 2.98 6.56
N LEU B 341 -26.55 2.12 7.25
CA LEU B 341 -26.72 0.75 6.77
C LEU B 341 -27.51 0.72 5.46
N ASP B 342 -28.64 1.44 5.40
CA ASP B 342 -29.47 1.38 4.20
C ASP B 342 -28.83 2.10 3.03
N GLN B 343 -27.99 3.11 3.31
CA GLN B 343 -27.21 3.71 2.24
C GLN B 343 -26.24 2.69 1.63
N LEU B 344 -25.60 1.87 2.46
CA LEU B 344 -24.67 0.87 1.96
C LEU B 344 -25.39 -0.27 1.25
N ARG B 345 -26.52 -0.73 1.82
CA ARG B 345 -27.30 -1.76 1.15
C ARG B 345 -27.75 -1.31 -0.23
N TYR B 346 -28.27 -0.07 -0.33
CA TYR B 346 -28.76 0.41 -1.62
C TYR B 346 -27.64 0.48 -2.65
N PHE B 347 -26.50 1.09 -2.28
CA PHE B 347 -25.42 1.26 -3.24
C PHE B 347 -24.96 -0.07 -3.81
N LEU B 348 -24.69 -1.04 -2.94
CA LEU B 348 -24.11 -2.30 -3.39
C LEU B 348 -25.04 -3.02 -4.37
N MET B 349 -26.34 -2.97 -4.11
CA MET B 349 -27.29 -3.69 -4.96
C MET B 349 -27.75 -2.90 -6.18
N ARG B 350 -27.66 -1.58 -6.14
CA ARG B 350 -28.04 -0.75 -7.28
C ARG B 350 -26.87 -0.54 -8.24
N GLU B 351 -25.66 -0.34 -7.71
CA GLU B 351 -24.52 0.09 -8.52
C GLU B 351 -23.63 -1.05 -8.99
N VAL B 352 -23.79 -2.26 -8.44
CA VAL B 352 -23.08 -3.43 -8.91
C VAL B 352 -24.11 -4.40 -9.50
N PRO B 353 -24.14 -4.59 -10.82
CA PRO B 353 -25.05 -5.59 -11.40
C PRO B 353 -24.74 -6.96 -10.84
N PHE B 354 -25.71 -7.55 -10.14
CA PHE B 354 -25.45 -8.77 -9.39
C PHE B 354 -25.02 -9.90 -10.30
N GLY B 355 -23.81 -10.40 -10.07
CA GLY B 355 -23.18 -11.38 -10.93
C GLY B 355 -21.86 -10.90 -11.53
N GLN B 356 -21.70 -9.59 -11.69
CA GLN B 356 -20.48 -8.99 -12.23
C GLN B 356 -19.59 -8.50 -11.09
N ASP B 357 -18.31 -8.31 -11.40
CA ASP B 357 -17.42 -7.62 -10.49
C ASP B 357 -17.79 -6.14 -10.42
N GLY B 358 -17.52 -5.54 -9.27
CA GLY B 358 -17.87 -4.14 -9.07
C GLY B 358 -16.89 -3.45 -8.14
N SER B 359 -17.05 -2.13 -8.06
CA SER B 359 -16.21 -1.31 -7.21
C SER B 359 -17.08 -0.39 -6.38
N TYR B 360 -16.54 0.02 -5.23
CA TYR B 360 -17.12 1.06 -4.41
C TYR B 360 -16.02 2.03 -4.03
N SER B 361 -16.43 3.26 -3.73
CA SER B 361 -15.51 4.29 -3.27
C SER B 361 -16.30 5.28 -2.45
N HIS B 362 -15.59 6.06 -1.64
CA HIS B 362 -16.26 7.12 -0.88
C HIS B 362 -17.09 8.00 -1.79
N GLU B 363 -16.46 8.50 -2.85
CA GLU B 363 -17.11 9.49 -3.71
C GLU B 363 -18.30 8.89 -4.45
N ALA B 364 -18.21 7.60 -4.80
CA ALA B 364 -19.32 6.98 -5.51
C ALA B 364 -20.49 6.70 -4.57
N ILE B 365 -20.20 6.24 -3.35
CA ILE B 365 -21.26 5.96 -2.38
C ILE B 365 -21.98 7.23 -1.98
N VAL B 366 -21.21 8.28 -1.67
CA VAL B 366 -21.82 9.55 -1.23
C VAL B 366 -22.70 10.11 -2.33
N ASN B 367 -22.20 10.14 -3.56
CA ASN B 367 -22.93 10.79 -4.65
C ASN B 367 -24.16 9.98 -5.06
N ARG B 368 -24.04 8.65 -5.10
CA ARG B 368 -25.16 7.84 -5.57
C ARG B 368 -26.26 7.74 -4.53
N THR B 369 -25.92 7.72 -3.24
CA THR B 369 -26.96 7.65 -2.21
C THR B 369 -27.58 9.02 -1.97
N ASN B 370 -26.78 10.08 -1.99
CA ASN B 370 -27.34 11.43 -1.87
C ASN B 370 -28.35 11.71 -2.98
N ALA B 371 -28.06 11.25 -4.20
CA ALA B 371 -28.90 11.56 -5.34
C ALA B 371 -30.20 10.76 -5.33
N ASP B 372 -30.11 9.44 -5.14
CA ASP B 372 -31.29 8.60 -5.24
C ASP B 372 -32.10 8.58 -3.95
N LEU B 373 -31.44 8.48 -2.80
CA LEU B 373 -32.16 8.33 -1.54
C LEU B 373 -32.47 9.68 -0.90
N ALA B 374 -31.44 10.48 -0.63
CA ALA B 374 -31.62 11.73 0.11
C ALA B 374 -32.44 12.73 -0.69
N ASN B 375 -32.14 12.88 -1.97
CA ASN B 375 -32.81 13.89 -2.77
CA ASN B 375 -32.78 13.88 -2.81
C ASN B 375 -34.01 13.33 -3.54
N ASP B 376 -33.84 12.21 -4.24
CA ASP B 376 -34.93 11.70 -5.07
C ASP B 376 -36.07 11.16 -4.22
N LEU B 377 -35.79 10.16 -3.39
CA LEU B 377 -36.87 9.56 -2.61
C LEU B 377 -37.19 10.40 -1.38
N GLY B 378 -36.17 10.77 -0.61
CA GLY B 378 -36.38 11.50 0.62
C GLY B 378 -37.13 12.79 0.41
N ASN B 379 -36.66 13.62 -0.53
CA ASN B 379 -37.30 14.91 -0.74
C ASN B 379 -38.65 14.79 -1.45
N LEU B 380 -38.84 13.79 -2.32
CA LEU B 380 -40.17 13.56 -2.87
C LEU B 380 -41.17 13.31 -1.74
N ALA B 381 -40.76 12.56 -0.72
CA ALA B 381 -41.61 12.37 0.44
C ALA B 381 -41.77 13.66 1.23
N GLN B 382 -40.69 14.43 1.38
CA GLN B 382 -40.76 15.64 2.20
C GLN B 382 -41.59 16.73 1.51
N ARG B 383 -41.45 16.88 0.19
CA ARG B 383 -42.25 17.86 -0.55
C ARG B 383 -43.74 17.63 -0.31
N SER B 384 -44.23 16.46 -0.69
CA SER B 384 -45.67 16.22 -0.72
C SER B 384 -46.24 16.11 0.68
N LEU B 385 -45.61 15.31 1.54
CA LEU B 385 -46.21 15.02 2.85
C LEU B 385 -46.21 16.24 3.75
N SER B 386 -45.22 17.13 3.63
CA SER B 386 -45.26 18.37 4.40
C SER B 386 -46.28 19.35 3.83
N MET B 387 -46.51 19.30 2.51
CA MET B 387 -47.62 20.05 1.93
C MET B 387 -48.97 19.51 2.42
N ILE B 388 -49.05 18.21 2.67
CA ILE B 388 -50.26 17.64 3.26
C ILE B 388 -50.41 18.12 4.70
N ALA B 389 -49.30 18.30 5.42
CA ALA B 389 -49.37 18.75 6.80
C ALA B 389 -49.80 20.20 6.89
N LYS B 390 -49.26 21.06 6.02
CA LYS B 390 -49.57 22.49 6.11
C LYS B 390 -50.91 22.82 5.50
N ASN B 391 -51.27 22.16 4.39
CA ASN B 391 -52.39 22.59 3.57
C ASN B 391 -53.58 21.65 3.56
N CYS B 392 -53.46 20.44 4.12
CA CYS B 392 -54.55 19.48 4.11
C CYS B 392 -54.86 18.97 5.52
N GLU B 393 -54.56 19.79 6.54
CA GLU B 393 -54.82 19.47 7.94
C GLU B 393 -54.12 18.19 8.39
N GLY B 394 -53.05 17.80 7.71
CA GLY B 394 -52.37 16.56 8.06
C GLY B 394 -53.17 15.31 7.78
N LYS B 395 -54.12 15.36 6.86
CA LYS B 395 -54.94 14.22 6.50
C LYS B 395 -54.80 13.95 5.01
N VAL B 396 -54.77 12.68 4.64
CA VAL B 396 -54.71 12.26 3.25
C VAL B 396 -55.86 12.93 2.49
N PRO B 397 -55.57 13.75 1.48
CA PRO B 397 -56.65 14.49 0.82
C PRO B 397 -57.56 13.57 0.03
N GLN B 398 -58.80 14.01 -0.14
CA GLN B 398 -59.76 13.26 -0.93
C GLN B 398 -59.48 13.48 -2.41
N PRO B 399 -59.13 12.44 -3.17
CA PRO B 399 -58.78 12.65 -4.57
C PRO B 399 -60.01 12.65 -5.47
N GLY B 400 -60.01 13.61 -6.41
CA GLY B 400 -61.04 13.68 -7.43
C GLY B 400 -60.68 12.81 -8.62
N ALA B 401 -61.03 13.26 -9.82
CA ALA B 401 -60.72 12.48 -11.02
C ALA B 401 -59.22 12.50 -11.29
N PHE B 402 -58.71 11.37 -11.79
CA PHE B 402 -57.32 11.27 -12.18
C PHE B 402 -57.14 11.72 -13.63
N SER B 403 -56.09 12.50 -13.86
CA SER B 403 -55.77 12.96 -15.21
C SER B 403 -54.88 11.92 -15.91
N GLU B 404 -54.56 12.19 -17.17
CA GLU B 404 -53.61 11.33 -17.88
C GLU B 404 -52.27 11.29 -17.18
N ALA B 405 -51.81 12.44 -16.69
CA ALA B 405 -50.57 12.47 -15.91
C ALA B 405 -50.69 11.62 -14.65
N ASP B 406 -51.82 11.73 -13.95
CA ASP B 406 -52.02 10.96 -12.72
C ASP B 406 -51.99 9.46 -13.01
N LYS B 407 -52.73 9.01 -14.03
CA LYS B 407 -52.83 7.59 -14.32
C LYS B 407 -51.48 7.02 -14.77
N ALA B 408 -50.71 7.80 -15.53
CA ALA B 408 -49.43 7.32 -16.03
C ALA B 408 -48.47 6.99 -14.90
N ILE B 409 -48.37 7.87 -13.91
CA ILE B 409 -47.42 7.66 -12.84
C ILE B 409 -47.91 6.56 -11.89
N LEU B 410 -49.22 6.49 -11.66
CA LEU B 410 -49.76 5.41 -10.85
C LEU B 410 -49.53 4.06 -11.51
N ASP B 411 -49.72 4.00 -12.84
CA ASP B 411 -49.58 2.72 -13.53
C ASP B 411 -48.12 2.34 -13.73
N GLN B 412 -47.23 3.33 -13.83
CA GLN B 412 -45.81 3.02 -13.90
C GLN B 412 -45.35 2.37 -12.60
N ALA B 413 -45.93 2.79 -11.47
CA ALA B 413 -45.59 2.19 -10.18
C ALA B 413 -46.03 0.74 -10.13
N ASP B 414 -47.27 0.46 -10.53
CA ASP B 414 -47.75 -0.93 -10.58
C ASP B 414 -46.87 -1.79 -11.46
N ALA B 415 -46.45 -1.25 -12.60
CA ALA B 415 -45.65 -2.04 -13.54
C ALA B 415 -44.25 -2.33 -12.99
N ALA B 416 -43.74 -1.45 -12.12
CA ALA B 416 -42.41 -1.69 -11.55
C ALA B 416 -42.41 -2.93 -10.66
N LEU B 417 -43.52 -3.20 -9.98
CA LEU B 417 -43.60 -4.41 -9.16
C LEU B 417 -43.46 -5.66 -10.02
N GLU B 418 -44.10 -5.68 -11.20
CA GLU B 418 -43.96 -6.82 -12.09
C GLU B 418 -42.54 -6.95 -12.61
N THR B 419 -41.93 -5.84 -13.02
CA THR B 419 -40.54 -5.86 -13.43
C THR B 419 -39.64 -6.31 -12.27
N ALA B 420 -39.99 -5.93 -11.05
CA ALA B 420 -39.19 -6.33 -9.89
C ALA B 420 -39.32 -7.83 -9.63
N ARG B 421 -40.53 -8.37 -9.73
CA ARG B 421 -40.73 -9.80 -9.49
C ARG B 421 -39.94 -10.64 -10.47
N LYS B 422 -40.01 -10.30 -11.76
CA LYS B 422 -39.30 -11.07 -12.78
C LYS B 422 -37.79 -10.91 -12.64
N ALA B 423 -37.33 -9.73 -12.20
CA ALA B 423 -35.90 -9.52 -12.02
C ALA B 423 -35.37 -10.37 -10.87
N MET B 424 -36.09 -10.43 -9.75
CA MET B 424 -35.62 -11.20 -8.61
C MET B 424 -35.61 -12.69 -8.91
N ASP B 425 -36.50 -13.17 -9.77
CA ASP B 425 -36.45 -14.58 -10.19
C ASP B 425 -35.14 -14.91 -10.88
N ASP B 426 -34.51 -13.93 -11.51
CA ASP B 426 -33.19 -14.09 -12.12
C ASP B 426 -32.08 -13.49 -11.29
N GLN B 427 -32.37 -13.11 -10.04
CA GLN B 427 -31.40 -12.53 -9.10
C GLN B 427 -30.82 -11.20 -9.60
N ALA B 428 -31.54 -10.50 -10.48
CA ALA B 428 -31.06 -9.21 -10.99
C ALA B 428 -31.53 -8.11 -10.05
N LEU B 429 -30.83 -7.99 -8.93
CA LEU B 429 -31.21 -7.04 -7.88
C LEU B 429 -31.12 -5.61 -8.37
N HIS B 430 -30.22 -5.31 -9.30
CA HIS B 430 -30.06 -3.94 -9.78
C HIS B 430 -31.21 -3.54 -10.70
N LEU B 431 -31.74 -4.47 -11.50
CA LEU B 431 -32.87 -4.14 -12.36
C LEU B 431 -34.15 -3.94 -11.55
N ALA B 432 -34.33 -4.71 -10.47
CA ALA B 432 -35.46 -4.47 -9.57
C ALA B 432 -35.38 -3.06 -8.98
N LEU B 433 -34.23 -2.71 -8.41
CA LEU B 433 -34.04 -1.36 -7.86
C LEU B 433 -34.12 -0.30 -8.96
N GLY B 434 -33.62 -0.62 -10.16
CA GLY B 434 -33.70 0.34 -11.25
C GLY B 434 -35.13 0.66 -11.63
N ALA B 435 -35.98 -0.36 -11.72
CA ALA B 435 -37.39 -0.13 -12.04
C ALA B 435 -38.08 0.67 -10.95
N ILE B 436 -37.80 0.36 -9.68
CA ILE B 436 -38.48 1.03 -8.58
C ILE B 436 -38.08 2.50 -8.52
N PHE B 437 -36.80 2.81 -8.73
CA PHE B 437 -36.35 4.18 -8.62
C PHE B 437 -36.52 4.96 -9.92
N ALA B 438 -36.79 4.29 -11.04
CA ALA B 438 -37.29 5.02 -12.20
C ALA B 438 -38.66 5.62 -11.93
N VAL B 439 -39.47 4.94 -11.11
CA VAL B 439 -40.74 5.52 -10.68
C VAL B 439 -40.50 6.77 -9.84
N VAL B 440 -39.49 6.73 -8.96
CA VAL B 440 -39.23 7.86 -8.08
C VAL B 440 -38.85 9.09 -8.88
N ALA B 441 -37.92 8.95 -9.83
CA ALA B 441 -37.52 10.08 -10.66
C ALA B 441 -38.70 10.63 -11.46
N GLU B 442 -39.52 9.74 -12.03
CA GLU B 442 -40.65 10.21 -12.82
C GLU B 442 -41.69 10.87 -11.94
N ALA B 443 -41.85 10.38 -10.70
CA ALA B 443 -42.79 11.01 -9.79
C ALA B 443 -42.33 12.41 -9.40
N ASN B 444 -41.02 12.64 -9.33
CA ASN B 444 -40.52 13.98 -9.06
C ASN B 444 -40.83 14.92 -10.22
N ARG B 445 -40.74 14.41 -11.46
CA ARG B 445 -41.11 15.23 -12.61
C ARG B 445 -42.62 15.49 -12.64
N TYR B 446 -43.41 14.50 -12.24
CA TYR B 446 -44.86 14.67 -12.21
C TYR B 446 -45.27 15.75 -11.20
N PHE B 447 -44.75 15.64 -9.97
CA PHE B 447 -45.03 16.64 -8.93
C PHE B 447 -44.65 18.04 -9.41
N ALA B 448 -43.48 18.17 -10.01
CA ALA B 448 -43.02 19.48 -10.49
C ALA B 448 -43.91 20.00 -11.62
N GLY B 449 -44.36 19.10 -12.51
CA GLY B 449 -45.23 19.48 -13.61
C GLY B 449 -46.64 19.89 -13.22
N GLN B 450 -47.16 19.36 -12.13
CA GLN B 450 -48.47 19.77 -11.62
C GLN B 450 -48.42 21.09 -10.86
N GLU B 451 -47.24 21.47 -10.37
CA GLU B 451 -47.04 22.71 -9.61
C GLU B 451 -48.10 22.89 -8.53
N PRO B 452 -48.23 21.95 -7.59
CA PRO B 452 -49.32 22.03 -6.61
C PRO B 452 -49.27 23.25 -5.72
N TRP B 453 -48.11 23.89 -5.57
CA TRP B 453 -48.05 25.12 -4.79
C TRP B 453 -48.93 26.21 -5.41
N ALA B 454 -48.95 26.28 -6.74
CA ALA B 454 -49.80 27.26 -7.41
C ALA B 454 -51.27 26.84 -7.39
N LEU B 455 -51.54 25.53 -7.42
CA LEU B 455 -52.92 25.05 -7.35
C LEU B 455 -53.56 25.36 -6.01
N ARG B 456 -52.76 25.66 -4.99
CA ARG B 456 -53.29 25.84 -3.63
C ARG B 456 -54.34 26.95 -3.58
N LYS B 457 -54.17 27.98 -4.41
CA LYS B 457 -55.13 29.08 -4.41
C LYS B 457 -56.12 28.94 -5.55
N THR B 458 -55.67 28.49 -6.73
CA THR B 458 -56.54 28.46 -7.89
C THR B 458 -57.53 27.30 -7.84
N ASP B 459 -57.10 26.15 -7.31
CA ASP B 459 -57.89 24.90 -7.42
C ASP B 459 -57.48 23.97 -6.29
N PRO B 460 -57.95 24.23 -5.08
CA PRO B 460 -57.55 23.40 -3.94
C PRO B 460 -57.91 21.94 -4.07
N ALA B 461 -59.07 21.61 -4.65
CA ALA B 461 -59.44 20.21 -4.82
C ALA B 461 -58.47 19.49 -5.75
N ARG B 462 -58.04 20.15 -6.83
CA ARG B 462 -57.04 19.59 -7.71
C ARG B 462 -55.71 19.41 -6.98
N MET B 463 -55.36 20.37 -6.12
CA MET B 463 -54.13 20.26 -5.33
C MET B 463 -54.16 19.01 -4.45
N GLY B 464 -55.31 18.74 -3.83
CA GLY B 464 -55.41 17.54 -3.00
C GLY B 464 -55.25 16.27 -3.81
N THR B 465 -55.80 16.25 -5.03
CA THR B 465 -55.66 15.07 -5.88
C THR B 465 -54.21 14.84 -6.28
N VAL B 466 -53.47 15.90 -6.60
CA VAL B 466 -52.07 15.76 -6.93
C VAL B 466 -51.29 15.24 -5.72
N LEU B 467 -51.60 15.75 -4.53
CA LEU B 467 -50.92 15.28 -3.33
C LEU B 467 -51.29 13.84 -3.01
N TYR B 468 -52.55 13.46 -3.26
CA TYR B 468 -52.93 12.06 -3.08
C TYR B 468 -52.13 11.15 -4.00
N VAL B 469 -52.04 11.52 -5.27
CA VAL B 469 -51.30 10.71 -6.25
C VAL B 469 -49.86 10.50 -5.80
N THR B 470 -49.18 11.59 -5.41
CA THR B 470 -47.79 11.47 -4.99
C THR B 470 -47.65 10.58 -3.76
N ALA B 471 -48.48 10.81 -2.75
CA ALA B 471 -48.44 9.96 -1.55
C ALA B 471 -48.74 8.50 -1.92
N GLU B 472 -49.69 8.28 -2.82
CA GLU B 472 -50.04 6.93 -3.22
C GLU B 472 -48.90 6.24 -3.96
N VAL B 473 -48.17 6.99 -4.80
CA VAL B 473 -46.96 6.46 -5.40
C VAL B 473 -45.90 6.19 -4.33
N LEU B 474 -45.75 7.11 -3.38
CA LEU B 474 -44.80 6.91 -2.30
C LEU B 474 -45.12 5.64 -1.49
N ARG B 475 -46.40 5.32 -1.34
CA ARG B 475 -46.77 4.11 -0.60
C ARG B 475 -46.35 2.86 -1.36
N ARG B 476 -46.63 2.81 -2.66
CA ARG B 476 -46.25 1.65 -3.46
C ARG B 476 -44.74 1.50 -3.52
N VAL B 477 -44.02 2.60 -3.70
CA VAL B 477 -42.55 2.54 -3.67
C VAL B 477 -42.06 2.07 -2.31
N GLY B 478 -42.59 2.64 -1.23
CA GLY B 478 -42.17 2.23 0.10
C GLY B 478 -42.34 0.74 0.36
N ILE B 479 -43.49 0.19 -0.05
CA ILE B 479 -43.69 -1.25 0.07
C ILE B 479 -42.65 -2.00 -0.78
N MET B 480 -42.36 -1.48 -1.98
CA MET B 480 -41.51 -2.20 -2.92
C MET B 480 -40.03 -2.10 -2.56
N VAL B 481 -39.62 -1.12 -1.78
CA VAL B 481 -38.22 -1.01 -1.38
C VAL B 481 -37.95 -1.65 -0.02
N GLN B 482 -38.98 -2.15 0.66
CA GLN B 482 -38.79 -2.82 1.95
C GLN B 482 -37.72 -3.90 1.98
N PRO B 483 -37.57 -4.78 0.97
CA PRO B 483 -36.51 -5.80 1.08
C PRO B 483 -35.10 -5.22 0.98
N PHE B 484 -34.93 -4.11 0.26
CA PHE B 484 -33.59 -3.57 0.01
C PHE B 484 -33.13 -2.61 1.11
N ILE B 485 -34.03 -1.78 1.63
CA ILE B 485 -33.70 -0.84 2.70
C ILE B 485 -34.74 -0.97 3.81
N PRO B 486 -34.69 -2.04 4.60
CA PRO B 486 -35.84 -2.36 5.49
C PRO B 486 -36.18 -1.27 6.49
N GLN B 487 -35.20 -0.76 7.22
CA GLN B 487 -35.50 0.21 8.27
C GLN B 487 -36.01 1.53 7.71
N SER B 488 -35.41 2.00 6.61
CA SER B 488 -35.81 3.28 6.05
C SER B 488 -37.18 3.17 5.39
N ALA B 489 -37.44 2.08 4.66
CA ALA B 489 -38.76 1.87 4.07
C ALA B 489 -39.84 1.81 5.15
N GLU B 490 -39.50 1.30 6.34
CA GLU B 490 -40.46 1.23 7.43
C GLU B 490 -40.84 2.63 7.91
N LYS B 491 -39.85 3.53 8.02
CA LYS B 491 -40.15 4.90 8.47
C LYS B 491 -41.03 5.62 7.46
N LEU B 492 -40.75 5.45 6.16
CA LEU B 492 -41.54 6.14 5.14
C LEU B 492 -42.99 5.65 5.15
N LEU B 493 -43.19 4.34 5.28
CA LEU B 493 -44.55 3.83 5.39
C LEU B 493 -45.17 4.21 6.72
N ASP B 494 -44.35 4.42 7.76
CA ASP B 494 -44.87 4.88 9.03
C ASP B 494 -45.40 6.31 8.94
N ILE B 495 -44.71 7.17 8.18
CA ILE B 495 -45.20 8.55 8.03
C ILE B 495 -46.23 8.67 6.93
N LEU B 496 -46.50 7.60 6.18
CA LEU B 496 -47.71 7.49 5.38
C LEU B 496 -48.83 6.79 6.14
N ALA B 497 -48.60 6.47 7.42
CA ALA B 497 -49.60 5.86 8.30
C ALA B 497 -50.19 4.59 7.67
N VAL B 498 -49.32 3.72 7.18
CA VAL B 498 -49.72 2.47 6.56
C VAL B 498 -49.68 1.38 7.63
N PRO B 499 -50.81 0.72 7.90
CA PRO B 499 -50.84 -0.26 8.99
C PRO B 499 -49.87 -1.41 8.75
N ALA B 500 -49.41 -2.00 9.86
CA ALA B 500 -48.35 -3.01 9.78
C ALA B 500 -48.78 -4.24 8.98
N ASP B 501 -50.09 -4.51 8.91
CA ASP B 501 -50.59 -5.67 8.19
C ASP B 501 -50.97 -5.34 6.74
N LYS B 502 -50.52 -4.20 6.22
CA LYS B 502 -50.81 -3.80 4.84
C LYS B 502 -49.51 -3.48 4.11
N ARG B 503 -48.45 -4.23 4.39
CA ARG B 503 -47.14 -3.98 3.79
C ARG B 503 -46.65 -5.16 2.96
N GLN B 504 -47.54 -6.05 2.57
CA GLN B 504 -47.21 -7.10 1.61
C GLN B 504 -47.27 -6.55 0.19
N PHE B 505 -46.64 -7.28 -0.74
CA PHE B 505 -46.66 -6.86 -2.13
C PHE B 505 -48.08 -6.84 -2.69
N ALA B 506 -48.91 -7.80 -2.25
CA ALA B 506 -50.31 -7.83 -2.68
C ALA B 506 -51.05 -6.55 -2.33
N ASP B 507 -50.56 -5.80 -1.33
CA ASP B 507 -51.19 -4.55 -0.93
C ASP B 507 -50.83 -3.37 -1.83
N VAL B 508 -49.87 -3.52 -2.74
CA VAL B 508 -49.61 -2.48 -3.73
C VAL B 508 -50.87 -2.22 -4.56
N LEU B 509 -51.53 -3.28 -5.00
CA LEU B 509 -52.69 -3.16 -5.87
C LEU B 509 -54.00 -3.06 -5.11
N ALA B 510 -54.10 -3.69 -3.94
CA ALA B 510 -55.41 -3.95 -3.33
C ALA B 510 -55.81 -2.97 -2.23
N SER B 511 -54.87 -2.22 -1.65
CA SER B 511 -55.17 -1.35 -0.51
C SER B 511 -54.51 0.01 -0.67
N PRO B 512 -55.01 0.83 -1.58
CA PRO B 512 -54.48 2.19 -1.70
C PRO B 512 -54.84 3.03 -0.49
N LEU B 513 -54.14 4.17 -0.37
CA LEU B 513 -54.39 5.09 0.73
C LEU B 513 -55.84 5.57 0.69
N ALA B 514 -56.46 5.64 1.86
CA ALA B 514 -57.83 6.11 1.98
C ALA B 514 -57.83 7.58 2.33
N GLY B 515 -58.61 8.37 1.60
CA GLY B 515 -58.72 9.78 1.91
C GLY B 515 -59.24 10.00 3.31
N GLY B 516 -58.73 11.04 3.96
CA GLY B 516 -59.14 11.38 5.31
C GLY B 516 -58.27 10.79 6.39
N THR B 517 -57.37 9.88 6.06
CA THR B 517 -56.53 9.24 7.07
C THR B 517 -55.52 10.23 7.64
N ASP B 518 -55.35 10.20 8.95
CA ASP B 518 -54.43 11.12 9.62
C ASP B 518 -53.00 10.67 9.43
N LEU B 519 -52.14 11.59 9.01
CA LEU B 519 -50.72 11.34 8.81
C LEU B 519 -49.90 12.08 9.86
N PRO B 520 -49.04 11.39 10.60
CA PRO B 520 -48.18 12.08 11.55
C PRO B 520 -47.22 13.02 10.84
N ALA B 521 -46.72 13.99 11.59
CA ALA B 521 -45.86 15.01 11.03
C ALA B 521 -44.65 14.37 10.34
N PRO B 522 -44.35 14.74 9.10
CA PRO B 522 -43.26 14.08 8.39
C PRO B 522 -41.90 14.45 8.96
N GLN B 523 -41.00 13.46 8.95
CA GLN B 523 -39.59 13.60 9.29
C GLN B 523 -38.74 13.13 8.12
N PRO B 524 -37.57 13.74 7.91
CA PRO B 524 -36.70 13.29 6.82
C PRO B 524 -36.27 11.84 7.00
N VAL B 525 -36.33 11.08 5.91
CA VAL B 525 -36.00 9.66 5.96
C VAL B 525 -34.53 9.42 5.60
N PHE B 526 -34.01 10.13 4.60
CA PHE B 526 -32.64 9.98 4.13
C PHE B 526 -31.93 11.34 4.23
N PRO B 527 -31.32 11.64 5.37
CA PRO B 527 -30.50 12.86 5.44
C PRO B 527 -29.29 12.72 4.53
N ARG B 528 -28.87 13.85 3.98
CA ARG B 528 -27.72 13.85 3.09
C ARG B 528 -26.45 13.56 3.89
N TYR B 529 -25.50 12.91 3.23
CA TYR B 529 -24.19 12.71 3.84
C TYR B 529 -23.47 14.05 3.93
N VAL B 530 -22.94 14.36 5.11
CA VAL B 530 -22.21 15.60 5.36
C VAL B 530 -20.76 15.26 5.67
N GLU B 531 -19.85 16.09 5.15
CA GLU B 531 -18.37 16.01 5.27
C GLU B 531 -17.76 15.42 3.99
N ARG C 24 34.32 -23.99 31.43
CA ARG C 24 35.53 -23.93 32.24
C ARG C 24 36.22 -22.58 32.08
N GLU C 25 36.84 -22.37 30.93
CA GLU C 25 37.49 -21.10 30.63
C GLU C 25 36.47 -19.96 30.64
N LYS C 26 36.93 -18.78 31.03
CA LYS C 26 36.02 -17.66 31.27
C LYS C 26 35.85 -16.81 30.02
N TYR C 27 34.63 -16.31 29.84
CA TYR C 27 34.27 -15.47 28.70
C TYR C 27 33.32 -14.39 29.19
N TYR C 28 33.71 -13.13 29.01
CA TYR C 28 32.92 -11.98 29.45
C TYR C 28 32.56 -11.15 28.23
N ILE C 29 31.27 -10.94 28.02
CA ILE C 29 30.79 -10.17 26.87
C ILE C 29 29.71 -9.20 27.34
N THR C 30 29.70 -8.02 26.73
CA THR C 30 28.84 -6.92 27.14
C THR C 30 28.18 -6.30 25.91
N THR C 31 27.08 -5.60 26.15
CA THR C 31 26.55 -4.62 25.22
C THR C 31 26.81 -3.23 25.77
N ALA C 32 26.83 -2.26 24.87
CA ALA C 32 26.75 -0.88 25.32
C ALA C 32 25.45 -0.67 26.08
N ILE C 33 25.51 0.05 27.19
CA ILE C 33 24.29 0.34 27.92
C ILE C 33 23.45 1.31 27.11
N ALA C 34 22.14 1.09 27.12
CA ALA C 34 21.23 1.90 26.33
C ALA C 34 20.84 3.16 27.10
N TYR C 35 20.41 4.17 26.34
CA TYR C 35 19.99 5.46 26.88
C TYR C 35 18.48 5.48 26.94
N PRO C 36 17.86 5.29 28.12
CA PRO C 36 16.39 5.23 28.23
C PRO C 36 15.72 6.60 28.25
N ASN C 37 16.13 7.47 27.33
CA ASN C 37 15.49 8.78 27.24
C ASN C 37 14.11 8.69 26.59
N GLY C 38 13.94 7.79 25.65
CA GLY C 38 12.64 7.52 25.06
C GLY C 38 12.31 6.05 25.16
N LYS C 39 11.65 5.52 24.13
CA LYS C 39 11.27 4.12 24.09
C LYS C 39 12.31 3.30 23.33
N PRO C 40 12.32 1.98 23.48
CA PRO C 40 13.32 1.16 22.78
C PRO C 40 13.12 1.17 21.27
N HIS C 41 14.24 1.15 20.56
CA HIS C 41 14.26 1.16 19.09
C HIS C 41 14.86 -0.14 18.58
N ILE C 42 14.82 -0.30 17.25
CA ILE C 42 15.29 -1.54 16.63
C ILE C 42 16.79 -1.70 16.79
N GLY C 43 17.54 -0.59 16.82
CA GLY C 43 18.98 -0.68 17.00
C GLY C 43 19.35 -1.26 18.36
N HIS C 44 18.61 -0.87 19.40
CA HIS C 44 18.80 -1.48 20.71
C HIS C 44 18.55 -2.98 20.66
N ALA C 45 17.42 -3.39 20.08
CA ALA C 45 17.10 -4.81 19.96
C ALA C 45 18.15 -5.55 19.14
N TYR C 46 18.61 -4.93 18.04
CA TYR C 46 19.65 -5.55 17.22
C TYR C 46 20.90 -5.85 18.03
N GLU C 47 21.35 -4.90 18.84
CA GLU C 47 22.57 -5.10 19.63
C GLU C 47 22.38 -6.21 20.66
N LEU C 48 21.23 -6.26 21.31
CA LEU C 48 21.02 -7.29 22.33
C LEU C 48 20.95 -8.69 21.71
N ILE C 49 20.24 -8.83 20.60
CA ILE C 49 20.10 -10.13 19.95
C ILE C 49 21.47 -10.68 19.57
N ALA C 50 22.27 -9.87 18.87
CA ALA C 50 23.57 -10.31 18.39
C ALA C 50 24.48 -10.69 19.54
N THR C 51 24.52 -9.86 20.58
CA THR C 51 25.34 -10.17 21.75
C THR C 51 24.80 -11.38 22.49
N ASP C 52 23.48 -11.52 22.55
CA ASP C 52 22.89 -12.70 23.20
C ASP C 52 23.33 -13.98 22.50
N ALA C 53 23.27 -14.00 21.16
CA ALA C 53 23.66 -15.19 20.42
C ALA C 53 25.14 -15.51 20.63
N MET C 54 25.99 -14.50 20.68
CA MET C 54 27.41 -14.74 20.94
C MET C 54 27.63 -15.35 22.30
N ALA C 55 26.94 -14.84 23.33
CA ALA C 55 27.07 -15.38 24.66
C ALA C 55 26.61 -16.83 24.72
N ARG C 56 25.44 -17.11 24.14
CA ARG C 56 24.92 -18.48 24.11
C ARG C 56 25.86 -19.42 23.36
N PHE C 57 26.46 -18.93 22.26
CA PHE C 57 27.37 -19.77 21.49
C PHE C 57 28.53 -20.24 22.34
N GLN C 58 29.12 -19.34 23.14
CA GLN C 58 30.25 -19.72 23.98
C GLN C 58 29.81 -20.60 25.15
N ARG C 59 28.56 -20.47 25.61
CA ARG C 59 28.09 -21.36 26.65
C ARG C 59 28.01 -22.80 26.15
N LEU C 60 27.32 -23.01 25.03
CA LEU C 60 27.28 -24.33 24.42
C LEU C 60 28.66 -24.80 23.98
N ASN C 61 29.60 -23.89 23.76
CA ASN C 61 30.98 -24.20 23.41
C ASN C 61 31.84 -24.51 24.63
N GLY C 62 31.25 -24.55 25.82
CA GLY C 62 31.95 -24.99 27.01
C GLY C 62 32.57 -23.88 27.86
N MET C 63 32.22 -22.63 27.62
CA MET C 63 32.85 -21.52 28.33
C MET C 63 32.02 -21.12 29.56
N ASP C 64 32.72 -20.64 30.58
CA ASP C 64 32.09 -19.99 31.73
C ASP C 64 31.81 -18.55 31.33
N VAL C 65 30.55 -18.23 31.05
CA VAL C 65 30.17 -17.01 30.36
C VAL C 65 29.47 -16.07 31.34
N TYR C 66 29.82 -14.78 31.26
CA TYR C 66 29.09 -13.70 31.91
C TYR C 66 28.71 -12.71 30.82
N PHE C 67 27.42 -12.37 30.74
CA PHE C 67 26.88 -11.57 29.65
C PHE C 67 26.08 -10.43 30.26
N LEU C 68 26.49 -9.20 29.97
CA LEU C 68 25.96 -8.01 30.63
C LEU C 68 25.30 -7.07 29.63
N THR C 69 24.23 -6.41 30.09
CA THR C 69 23.63 -5.28 29.43
C THR C 69 23.04 -4.36 30.50
N GLY C 70 22.56 -3.20 30.09
CA GLY C 70 21.99 -2.29 31.06
C GLY C 70 21.65 -0.94 30.44
N THR C 71 21.49 0.07 31.30
CA THR C 71 21.02 1.39 30.90
C THR C 71 21.86 2.50 31.53
N ASP C 72 22.00 3.58 30.76
CA ASP C 72 22.73 4.79 31.12
C ASP C 72 21.71 5.88 31.37
N GLU C 73 21.51 6.23 32.65
CA GLU C 73 20.32 6.98 33.07
C GLU C 73 20.60 8.40 33.52
N HIS C 74 21.86 8.82 33.64
CA HIS C 74 22.18 10.16 34.09
C HIS C 74 22.22 11.13 32.90
N GLY C 75 22.37 12.41 33.21
CA GLY C 75 22.64 13.41 32.20
C GLY C 75 21.62 14.54 32.19
N ILE C 76 21.95 15.56 31.40
CA ILE C 76 21.14 16.78 31.36
C ILE C 76 19.83 16.55 30.61
N LYS C 77 19.85 15.72 29.56
CA LYS C 77 18.62 15.46 28.82
C LYS C 77 17.65 14.62 29.63
N MET C 78 18.16 13.70 30.46
CA MET C 78 17.29 12.90 31.30
C MET C 78 16.58 13.76 32.34
N LEU C 79 17.32 14.66 33.00
CA LEU C 79 16.71 15.55 33.98
C LEU C 79 15.64 16.42 33.32
N GLN C 80 15.98 17.03 32.18
CA GLN C 80 15.02 17.88 31.47
C GLN C 80 13.78 17.08 31.07
N SER C 81 13.96 15.83 30.68
CA SER C 81 12.82 14.98 30.36
C SER C 81 11.97 14.70 31.59
N ALA C 82 12.58 14.69 32.78
CA ALA C 82 11.84 14.43 34.01
C ALA C 82 11.10 15.68 34.47
N ARG C 83 11.76 16.84 34.44
CA ARG C 83 11.10 18.09 34.82
C ARG C 83 9.88 18.36 33.95
N LYS C 84 10.00 18.11 32.63
CA LYS C 84 8.90 18.32 31.72
C LYS C 84 7.66 17.50 32.12
N GLU C 85 7.87 16.36 32.78
CA GLU C 85 6.77 15.50 33.17
C GLU C 85 6.40 15.57 34.64
N GLY C 86 7.15 16.32 35.44
CA GLY C 86 6.79 16.47 36.84
C GLY C 86 7.15 15.31 37.73
N ILE C 87 8.17 14.53 37.35
CA ILE C 87 8.65 13.44 38.17
C ILE C 87 10.14 13.65 38.43
N THR C 88 10.65 12.97 39.45
CA THR C 88 12.07 13.08 39.72
C THR C 88 12.87 12.30 38.68
N PRO C 89 14.12 12.69 38.42
CA PRO C 89 14.94 11.94 37.45
C PRO C 89 15.05 10.46 37.75
N ARG C 90 15.16 10.07 39.03
CA ARG C 90 15.22 8.66 39.37
C ARG C 90 13.90 7.96 39.04
N ASP C 91 12.78 8.63 39.29
CA ASP C 91 11.49 8.05 38.94
C ASP C 91 11.35 7.87 37.43
N LEU C 92 11.70 8.91 36.67
CA LEU C 92 11.67 8.79 35.21
C LEU C 92 12.56 7.65 34.73
N ALA C 93 13.78 7.58 35.24
CA ALA C 93 14.72 6.54 34.83
C ALA C 93 14.15 5.15 35.13
N ASP C 94 13.58 4.97 36.33
CA ASP C 94 12.98 3.70 36.68
C ASP C 94 11.91 3.29 35.66
N ARG C 95 11.09 4.25 35.24
CA ARG C 95 9.98 3.94 34.34
C ARG C 95 10.47 3.62 32.93
N ASN C 96 11.42 4.41 32.42
CA ASN C 96 11.90 4.20 31.06
C ASN C 96 12.73 2.94 30.95
N THR C 97 13.58 2.66 31.94
CA THR C 97 14.38 1.44 31.92
C THR C 97 13.50 0.19 31.97
N SER C 98 12.32 0.29 32.59
CA SER C 98 11.41 -0.85 32.65
C SER C 98 11.02 -1.34 31.26
N ALA C 99 10.84 -0.41 30.31
CA ALA C 99 10.57 -0.82 28.95
C ALA C 99 11.79 -1.50 28.32
N PHE C 100 13.00 -1.14 28.76
CA PHE C 100 14.20 -1.76 28.22
C PHE C 100 14.46 -3.11 28.87
N ARG C 101 14.12 -3.24 30.16
CA ARG C 101 14.15 -4.57 30.77
C ARG C 101 13.12 -5.48 30.14
N ARG C 102 11.98 -4.93 29.72
CA ARG C 102 10.96 -5.74 29.06
C ARG C 102 11.41 -6.16 27.67
N MET C 103 12.12 -5.30 26.96
CA MET C 103 12.62 -5.66 25.64
C MET C 103 13.58 -6.84 25.73
N ALA C 104 14.47 -6.84 26.73
CA ALA C 104 15.38 -7.95 26.93
C ALA C 104 14.61 -9.25 27.15
N GLU C 105 13.50 -9.18 27.88
CA GLU C 105 12.70 -10.39 28.11
C GLU C 105 12.04 -10.87 26.83
N VAL C 106 11.47 -9.95 26.05
CA VAL C 106 10.77 -10.33 24.82
C VAL C 106 11.74 -10.92 23.80
N LEU C 107 12.97 -10.44 23.77
CA LEU C 107 13.98 -10.94 22.85
C LEU C 107 14.70 -12.19 23.36
N ASN C 108 14.29 -12.72 24.51
CA ASN C 108 14.85 -13.94 25.08
C ASN C 108 16.36 -13.79 25.34
N SER C 109 16.72 -12.71 26.04
CA SER C 109 18.11 -12.42 26.32
C SER C 109 18.60 -13.26 27.50
N SER C 110 19.80 -13.81 27.37
CA SER C 110 20.39 -14.67 28.39
C SER C 110 21.38 -13.93 29.27
N ASN C 111 21.17 -12.63 29.48
CA ASN C 111 22.11 -11.85 30.26
C ASN C 111 22.08 -12.26 31.73
N ASP C 112 23.26 -12.32 32.34
CA ASP C 112 23.38 -12.73 33.73
C ASP C 112 23.12 -11.59 34.72
N ASP C 113 23.19 -10.34 34.26
CA ASP C 113 22.93 -9.19 35.12
C ASP C 113 22.38 -8.06 34.27
N TYR C 114 21.88 -7.04 34.94
CA TYR C 114 21.34 -5.85 34.28
C TYR C 114 21.79 -4.63 35.08
N ILE C 115 22.71 -3.86 34.52
CA ILE C 115 23.36 -2.77 35.24
C ILE C 115 22.64 -1.46 34.92
N ARG C 116 22.23 -0.75 35.96
CA ARG C 116 21.67 0.59 35.82
C ARG C 116 22.64 1.57 36.49
N THR C 117 22.98 2.64 35.79
CA THR C 117 23.96 3.58 36.33
C THR C 117 23.43 4.34 37.54
N SER C 118 22.12 4.29 37.81
CA SER C 118 21.57 4.94 38.99
C SER C 118 21.78 4.14 40.27
N GLU C 119 22.22 2.89 40.17
CA GLU C 119 22.35 2.03 41.34
C GLU C 119 23.59 2.42 42.15
N GLU C 120 23.51 2.16 43.47
CA GLU C 120 24.56 2.58 44.38
C GLU C 120 25.89 1.94 44.03
N ARG C 121 25.87 0.69 43.56
CA ARG C 121 27.11 0.00 43.24
C ARG C 121 27.86 0.69 42.10
N HIS C 122 27.15 1.34 41.20
CA HIS C 122 27.80 2.09 40.12
C HIS C 122 28.38 3.40 40.63
N TYR C 123 27.64 4.06 41.53
CA TYR C 123 28.15 5.28 42.15
CA TYR C 123 28.13 5.27 42.21
C TYR C 123 29.50 5.02 42.82
N LYS C 124 29.61 3.96 43.62
CA LYS C 124 30.88 3.65 44.28
C LYS C 124 31.94 3.22 43.28
N ALA C 125 31.54 2.51 42.22
CA ALA C 125 32.51 2.01 41.25
C ALA C 125 33.12 3.16 40.45
N SER C 126 32.28 4.11 40.01
CA SER C 126 32.79 5.24 39.25
C SER C 126 33.73 6.09 40.07
N GLN C 127 33.39 6.35 41.33
CA GLN C 127 34.26 7.14 42.19
C GLN C 127 35.57 6.43 42.48
N ALA C 128 35.55 5.10 42.56
CA ALA C 128 36.78 4.35 42.79
C ALA C 128 37.74 4.49 41.61
N ILE C 129 37.23 4.29 40.39
CA ILE C 129 38.11 4.39 39.22
C ILE C 129 38.51 5.84 38.99
N TRP C 130 37.68 6.79 39.40
CA TRP C 130 38.08 8.20 39.36
C TRP C 130 39.22 8.46 40.34
N GLN C 131 39.09 7.97 41.57
CA GLN C 131 40.15 8.13 42.56
C GLN C 131 41.42 7.44 42.10
N ALA C 132 41.31 6.30 41.43
CA ALA C 132 42.49 5.60 40.93
C ALA C 132 43.20 6.43 39.86
N MET C 133 42.43 7.03 38.95
CA MET C 133 43.05 7.90 37.94
C MET C 133 43.62 9.17 38.56
N VAL C 134 43.02 9.67 39.64
CA VAL C 134 43.61 10.77 40.39
C VAL C 134 44.96 10.34 40.96
N ALA C 135 45.01 9.16 41.57
CA ALA C 135 46.24 8.69 42.20
C ALA C 135 47.34 8.46 41.18
N ASN C 136 46.98 8.12 39.94
CA ASN C 136 47.97 7.98 38.88
C ASN C 136 48.34 9.33 38.25
N GLY C 137 47.72 10.42 38.70
CA GLY C 137 48.13 11.74 38.28
C GLY C 137 47.49 12.26 37.01
N ASP C 138 46.38 11.66 36.56
CA ASP C 138 45.85 11.92 35.24
C ASP C 138 44.59 12.78 35.24
N ILE C 139 44.22 13.39 36.36
CA ILE C 139 43.01 14.21 36.43
C ILE C 139 43.32 15.51 37.14
N TYR C 140 42.94 16.63 36.52
CA TYR C 140 43.19 17.96 37.06
C TYR C 140 41.95 18.82 36.85
N LYS C 141 41.86 19.92 37.61
CA LYS C 141 40.75 20.85 37.52
C LYS C 141 41.14 22.00 36.60
N GLY C 142 40.26 22.32 35.65
CA GLY C 142 40.50 23.38 34.71
C GLY C 142 39.21 23.88 34.13
N GLY C 143 39.24 24.25 32.85
CA GLY C 143 38.05 24.70 32.18
C GLY C 143 38.20 24.68 30.69
N TYR C 144 37.06 24.62 30.00
CA TYR C 144 37.01 24.79 28.56
C TYR C 144 36.41 26.15 28.22
N ALA C 145 36.60 26.54 26.95
CA ALA C 145 36.12 27.82 26.45
C ALA C 145 36.21 27.83 24.94
N GLY C 146 35.06 27.92 24.27
CA GLY C 146 35.08 27.88 22.81
C GLY C 146 33.72 28.17 22.24
N TRP C 147 33.68 28.22 20.92
CA TRP C 147 32.45 28.48 20.19
C TRP C 147 31.60 27.21 20.14
N TYR C 148 30.32 27.34 20.49
CA TYR C 148 29.43 26.19 20.63
C TYR C 148 28.12 26.44 19.89
N SER C 149 27.65 25.42 19.18
CA SER C 149 26.39 25.46 18.45
C SER C 149 25.40 24.51 19.10
N VAL C 150 24.30 25.07 19.63
CA VAL C 150 23.27 24.21 20.22
C VAL C 150 22.47 23.51 19.13
N ARG C 151 22.40 24.10 17.94
CA ARG C 151 21.71 23.43 16.82
C ARG C 151 22.55 22.27 16.32
N ASP C 152 23.86 22.44 16.26
CA ASP C 152 24.74 21.29 16.14
C ASP C 152 24.86 20.62 17.51
N GLU C 153 25.87 19.77 17.68
CA GLU C 153 26.23 19.27 18.99
C GLU C 153 27.74 19.39 19.21
N ALA C 154 28.34 20.43 18.65
CA ALA C 154 29.78 20.45 18.42
C ALA C 154 30.33 21.83 18.72
N TYR C 155 31.62 21.85 19.03
CA TYR C 155 32.41 23.07 19.20
C TYR C 155 33.19 23.35 17.93
N TYR C 156 33.58 24.61 17.76
CA TYR C 156 34.31 25.03 16.58
C TYR C 156 35.39 26.02 16.96
N GLY C 157 36.52 25.94 16.27
CA GLY C 157 37.51 26.99 16.35
C GLY C 157 37.03 28.25 15.65
N GLU C 158 37.52 29.40 16.13
CA GLU C 158 37.09 30.67 15.59
C GLU C 158 37.37 30.78 14.09
N GLU C 159 38.41 30.09 13.62
CA GLU C 159 38.71 30.11 12.19
C GLU C 159 37.62 29.43 11.36
N GLU C 160 36.88 28.51 11.96
CA GLU C 160 35.79 27.81 11.29
C GLU C 160 34.46 28.54 11.41
N THR C 161 34.47 29.78 11.91
CA THR C 161 33.27 30.54 12.22
C THR C 161 33.23 31.81 11.38
N GLU C 162 32.03 32.31 11.10
CA GLU C 162 31.85 33.50 10.28
C GLU C 162 30.66 34.31 10.79
N VAL C 163 30.78 35.63 10.70
CA VAL C 163 29.67 36.53 11.00
C VAL C 163 28.80 36.64 9.76
N ARG C 164 27.53 36.28 9.89
CA ARG C 164 26.58 36.34 8.79
C ARG C 164 25.81 37.67 8.82
N ALA C 165 24.82 37.77 7.93
CA ALA C 165 24.24 39.07 7.59
C ALA C 165 23.51 39.70 8.76
N ASP C 166 22.93 38.90 9.65
CA ASP C 166 22.17 39.49 10.76
C ASP C 166 23.08 40.11 11.80
N GLY C 167 24.31 39.61 11.92
CA GLY C 167 25.22 40.02 12.97
C GLY C 167 25.62 38.93 13.93
N VAL C 168 25.06 37.73 13.79
CA VAL C 168 25.39 36.61 14.66
C VAL C 168 26.52 35.81 14.03
N ARG C 169 27.29 35.12 14.87
CA ARG C 169 28.36 34.25 14.42
C ARG C 169 27.82 32.84 14.16
N TYR C 170 28.24 32.25 13.04
CA TYR C 170 27.74 30.97 12.60
C TYR C 170 28.88 29.96 12.48
N GLY C 171 28.58 28.71 12.85
CA GLY C 171 29.49 27.62 12.62
C GLY C 171 29.40 27.08 11.21
N PRO C 172 30.22 26.07 10.91
CA PRO C 172 30.28 25.55 9.54
C PRO C 172 29.07 24.73 9.13
N GLN C 173 28.33 24.13 10.05
CA GLN C 173 27.13 23.40 9.64
C GLN C 173 25.98 24.32 9.24
N GLY C 174 26.17 25.64 9.30
CA GLY C 174 25.16 26.59 8.87
C GLY C 174 24.25 27.10 9.96
N THR C 175 24.57 26.86 11.23
CA THR C 175 23.72 27.25 12.34
C THR C 175 24.49 28.16 13.30
N PRO C 176 23.78 29.04 14.02
CA PRO C 176 24.47 30.01 14.88
C PRO C 176 25.26 29.34 16.00
N VAL C 177 26.21 30.09 16.54
CA VAL C 177 27.14 29.61 17.56
C VAL C 177 27.20 30.62 18.70
N GLU C 178 27.32 30.13 19.92
CA GLU C 178 27.49 30.96 21.11
C GLU C 178 28.73 30.53 21.88
N TRP C 179 29.40 31.50 22.48
CA TRP C 179 30.60 31.25 23.26
C TRP C 179 30.23 30.70 24.63
N VAL C 180 30.95 29.67 25.07
CA VAL C 180 30.66 28.96 26.31
C VAL C 180 31.94 28.87 27.14
N GLU C 181 31.81 29.08 28.45
CA GLU C 181 32.94 29.02 29.37
C GLU C 181 32.49 28.36 30.65
N GLU C 182 32.92 27.12 30.89
CA GLU C 182 32.51 26.35 32.06
C GLU C 182 33.73 25.75 32.76
N GLU C 183 33.55 25.46 34.04
CA GLU C 183 34.53 24.71 34.80
C GLU C 183 34.45 23.23 34.44
N SER C 184 35.58 22.54 34.53
CA SER C 184 35.56 21.11 34.21
C SER C 184 36.82 20.45 34.75
N TYR C 185 36.65 19.22 35.23
CA TYR C 185 37.77 18.33 35.41
C TYR C 185 38.17 17.74 34.06
N PHE C 186 39.43 17.38 33.94
CA PHE C 186 39.95 16.81 32.72
C PHE C 186 40.71 15.52 33.02
N PHE C 187 40.67 14.60 32.08
CA PHE C 187 41.54 13.44 32.08
C PHE C 187 42.67 13.68 31.07
N ARG C 188 43.90 13.37 31.49
CA ARG C 188 45.08 13.63 30.65
C ARG C 188 45.17 12.60 29.52
N LEU C 189 44.16 12.64 28.64
CA LEU C 189 44.15 11.74 27.49
C LEU C 189 45.38 11.94 26.62
N SER C 190 45.87 13.18 26.53
CA SER C 190 47.04 13.49 25.72
C SER C 190 48.28 12.76 26.19
N ALA C 191 48.30 12.27 27.43
CA ALA C 191 49.41 11.46 27.91
C ALA C 191 49.40 10.04 27.36
N TYR C 192 48.33 9.65 26.66
CA TYR C 192 48.13 8.26 26.26
C TYR C 192 48.12 8.06 24.76
N GLN C 193 48.56 9.06 23.97
CA GLN C 193 48.60 8.89 22.52
C GLN C 193 49.56 7.77 22.14
N ASP C 194 50.75 7.74 22.75
CA ASP C 194 51.74 6.73 22.40
C ASP C 194 51.32 5.35 22.85
N LYS C 195 50.71 5.24 24.04
CA LYS C 195 50.34 3.93 24.57
C LYS C 195 49.17 3.31 23.80
N LEU C 196 48.30 4.14 23.22
CA LEU C 196 47.19 3.60 22.44
C LEU C 196 47.66 3.09 21.08
N LEU C 197 48.51 3.85 20.39
CA LEU C 197 49.07 3.38 19.14
C LEU C 197 49.82 2.07 19.32
N ASP C 198 50.52 1.92 20.46
CA ASP C 198 51.14 0.64 20.78
C ASP C 198 50.09 -0.43 21.03
N LEU C 199 48.96 -0.08 21.65
CA LEU C 199 47.87 -1.02 21.83
C LEU C 199 47.35 -1.52 20.47
N TYR C 200 47.13 -0.60 19.54
CA TYR C 200 46.65 -0.98 18.22
C TYR C 200 47.71 -1.76 17.46
N GLU C 201 48.99 -1.47 17.70
CA GLU C 201 50.05 -2.26 17.10
C GLU C 201 50.11 -3.66 17.72
N ASN C 202 49.98 -3.73 19.05
CA ASN C 202 50.16 -5.01 19.74
C ASN C 202 48.91 -5.89 19.69
N ASN C 203 47.73 -5.33 19.42
CA ASN C 203 46.49 -6.10 19.36
C ASN C 203 45.75 -5.68 18.10
N PRO C 204 46.04 -6.32 16.97
CA PRO C 204 45.37 -5.92 15.70
C PRO C 204 43.86 -6.01 15.76
N GLY C 205 43.30 -6.87 16.60
CA GLY C 205 41.87 -7.03 16.67
C GLY C 205 41.22 -6.32 17.85
N PHE C 206 41.92 -5.33 18.41
CA PHE C 206 41.36 -4.62 19.56
C PHE C 206 40.07 -3.89 19.19
N ILE C 207 40.02 -3.30 18.01
CA ILE C 207 38.84 -2.59 17.53
C ILE C 207 38.54 -3.09 16.12
N MET C 208 37.31 -3.57 15.92
CA MET C 208 36.89 -4.19 14.68
C MET C 208 35.48 -3.70 14.36
N PRO C 209 35.04 -3.82 13.09
CA PRO C 209 35.77 -4.30 11.90
C PRO C 209 36.83 -3.31 11.41
N ALA C 210 37.53 -3.69 10.34
CA ALA C 210 38.70 -2.94 9.90
C ALA C 210 38.38 -1.48 9.60
N GLU C 211 37.19 -1.20 9.07
CA GLU C 211 36.82 0.19 8.78
C GLU C 211 36.77 1.03 10.05
N ARG C 212 36.43 0.42 11.19
CA ARG C 212 36.43 1.17 12.45
C ARG C 212 37.85 1.41 12.94
N ARG C 213 38.72 0.39 12.89
CA ARG C 213 40.09 0.54 13.39
C ARG C 213 40.79 1.74 12.78
N ASN C 214 40.68 1.90 11.46
CA ASN C 214 41.35 3.00 10.77
C ASN C 214 40.85 4.36 11.22
N GLU C 215 39.55 4.49 11.51
CA GLU C 215 39.04 5.72 12.11
C GLU C 215 39.70 5.97 13.47
N ILE C 216 39.92 4.91 14.25
CA ILE C 216 40.53 5.06 15.56
C ILE C 216 42.01 5.39 15.44
N VAL C 217 42.72 4.66 14.58
CA VAL C 217 44.16 4.85 14.44
C VAL C 217 44.46 6.23 13.86
N SER C 218 43.72 6.63 12.82
CA SER C 218 43.96 7.93 12.22
C SER C 218 43.61 9.06 13.17
N PHE C 219 42.57 8.87 13.99
CA PHE C 219 42.20 9.90 14.95
C PHE C 219 43.27 10.08 16.02
N VAL C 220 43.74 8.98 16.61
CA VAL C 220 44.77 9.07 17.64
C VAL C 220 46.07 9.60 17.06
N LYS C 221 46.36 9.25 15.80
CA LYS C 221 47.59 9.71 15.17
C LYS C 221 47.60 11.22 14.97
N SER C 222 46.43 11.80 14.68
CA SER C 222 46.38 13.23 14.40
C SER C 222 46.52 14.08 15.65
N GLY C 223 46.51 13.48 16.85
CA GLY C 223 46.70 14.23 18.07
C GLY C 223 45.54 14.12 19.03
N LEU C 224 45.83 13.90 20.31
CA LEU C 224 44.82 13.77 21.35
C LEU C 224 44.94 14.95 22.31
N LYS C 225 43.81 15.58 22.61
CA LYS C 225 43.75 16.64 23.60
C LYS C 225 43.12 16.10 24.89
N ASP C 226 43.35 16.81 25.98
CA ASP C 226 42.80 16.39 27.26
C ASP C 226 41.28 16.38 27.20
N LEU C 227 40.67 15.51 27.98
CA LEU C 227 39.24 15.18 27.86
C LEU C 227 38.47 15.74 29.05
N SER C 228 37.45 16.55 28.77
CA SER C 228 36.56 17.05 29.81
C SER C 228 35.70 15.92 30.36
N ILE C 229 35.68 15.76 31.68
CA ILE C 229 35.03 14.61 32.31
C ILE C 229 34.08 15.04 33.42
N SER C 230 33.75 16.33 33.49
CA SER C 230 32.92 16.83 34.58
C SER C 230 31.98 17.91 34.05
N ARG C 231 30.91 18.14 34.81
CA ARG C 231 29.96 19.20 34.55
C ARG C 231 29.49 19.77 35.88
N THR C 232 29.12 21.06 35.86
CA THR C 232 28.53 21.71 37.01
C THR C 232 27.08 22.12 36.77
N THR C 233 26.54 21.84 35.59
CA THR C 233 25.28 22.40 35.16
C THR C 233 24.07 21.53 35.50
N PHE C 234 24.27 20.41 36.18
CA PHE C 234 23.12 19.58 36.55
C PHE C 234 23.48 18.70 37.74
N ASP C 235 22.44 18.29 38.47
CA ASP C 235 22.54 17.50 39.68
C ASP C 235 22.47 16.01 39.42
N TRP C 236 21.92 15.60 38.27
CA TRP C 236 21.56 14.22 38.01
C TRP C 236 22.78 13.46 37.51
N GLY C 237 23.59 12.96 38.45
CA GLY C 237 24.78 12.23 38.09
C GLY C 237 25.54 11.82 39.33
N ILE C 238 26.73 11.26 39.11
CA ILE C 238 27.59 10.79 40.18
C ILE C 238 28.49 11.94 40.60
N PRO C 239 28.51 12.33 41.88
CA PRO C 239 29.36 13.44 42.29
C PRO C 239 30.85 13.14 42.08
N VAL C 240 31.60 14.19 41.82
CA VAL C 240 33.06 14.08 41.74
C VAL C 240 33.63 14.00 43.15
N PRO C 241 34.51 13.05 43.44
CA PRO C 241 35.04 12.91 44.82
C PRO C 241 35.90 14.11 45.20
N GLY C 242 35.58 14.70 46.35
CA GLY C 242 36.32 15.83 46.87
C GLY C 242 35.92 17.18 46.30
N ASP C 243 34.90 17.23 45.44
CA ASP C 243 34.45 18.47 44.80
C ASP C 243 32.97 18.29 44.46
N GLU C 244 32.10 18.67 45.40
CA GLU C 244 30.70 18.30 45.29
C GLU C 244 30.02 18.97 44.09
N LYS C 245 30.42 20.21 43.78
CA LYS C 245 29.73 20.99 42.75
C LYS C 245 29.67 20.24 41.43
N HIS C 246 30.70 19.45 41.15
CA HIS C 246 30.79 18.74 39.88
C HIS C 246 30.17 17.36 39.98
N VAL C 247 29.49 16.97 38.91
CA VAL C 247 29.11 15.57 38.69
C VAL C 247 29.85 15.07 37.46
N MET C 248 30.02 13.76 37.38
CA MET C 248 30.77 13.18 36.28
C MET C 248 29.98 13.28 34.98
N TYR C 249 30.71 13.50 33.88
CA TYR C 249 30.12 13.47 32.56
C TYR C 249 30.03 12.02 32.07
N VAL C 250 29.57 11.85 30.83
CA VAL C 250 29.17 10.53 30.35
C VAL C 250 30.34 9.56 30.32
N TRP C 251 31.55 10.06 30.08
CA TRP C 251 32.67 9.18 29.76
C TRP C 251 32.95 8.20 30.89
N VAL C 252 33.18 8.70 32.10
CA VAL C 252 33.55 7.82 33.21
C VAL C 252 32.30 7.10 33.73
N ASP C 253 31.16 7.78 33.71
CA ASP C 253 29.93 7.18 34.20
C ASP C 253 29.57 5.94 33.39
N ALA C 254 29.31 6.12 32.09
CA ALA C 254 28.80 5.03 31.28
C ALA C 254 29.82 3.90 31.14
N LEU C 255 31.06 4.24 30.79
CA LEU C 255 32.05 3.21 30.47
C LEU C 255 32.39 2.35 31.68
N THR C 256 32.33 2.91 32.90
CA THR C 256 32.64 2.14 34.09
C THR C 256 31.63 1.02 34.36
N ASN C 257 30.46 1.04 33.72
CA ASN C 257 29.45 0.01 33.94
C ASN C 257 30.02 -1.39 33.75
N TYR C 258 31.00 -1.55 32.86
CA TYR C 258 31.52 -2.87 32.52
C TYR C 258 32.22 -3.53 33.70
N ILE C 259 32.76 -2.76 34.63
CA ILE C 259 33.42 -3.32 35.80
C ILE C 259 32.57 -3.21 37.06
N THR C 260 31.57 -2.31 37.10
CA THR C 260 30.61 -2.32 38.19
C THR C 260 29.93 -3.69 38.32
N ALA C 261 29.56 -4.28 37.19
CA ALA C 261 28.85 -5.55 37.21
C ALA C 261 29.73 -6.70 37.70
N LEU C 262 31.04 -6.51 37.74
CA LEU C 262 31.94 -7.52 38.28
C LEU C 262 32.26 -7.31 39.74
N GLY C 263 31.75 -6.23 40.35
CA GLY C 263 31.97 -5.96 41.75
C GLY C 263 33.04 -4.95 42.07
N TYR C 264 33.59 -4.26 41.06
CA TYR C 264 34.63 -3.27 41.28
C TYR C 264 34.14 -2.22 42.28
N PRO C 265 34.99 -1.78 43.22
CA PRO C 265 36.42 -2.08 43.36
C PRO C 265 36.82 -3.26 44.24
N ASP C 266 35.88 -4.10 44.67
CA ASP C 266 36.24 -5.28 45.45
C ASP C 266 36.79 -6.33 44.50
N THR C 267 38.11 -6.43 44.41
CA THR C 267 38.75 -7.41 43.54
C THR C 267 38.77 -8.81 44.14
N THR C 268 38.26 -9.00 45.36
CA THR C 268 38.03 -10.33 45.89
C THR C 268 36.71 -10.93 45.45
N ASP C 269 35.86 -10.14 44.79
CA ASP C 269 34.58 -10.63 44.29
C ASP C 269 34.81 -11.80 43.33
N GLU C 270 33.96 -12.82 43.44
CA GLU C 270 34.08 -13.98 42.56
C GLU C 270 33.95 -13.59 41.10
N ARG C 271 33.14 -12.57 40.80
CA ARG C 271 32.95 -12.14 39.43
C ARG C 271 34.15 -11.40 38.87
N TRP C 272 35.02 -10.86 39.71
CA TRP C 272 36.13 -10.03 39.22
C TRP C 272 37.03 -10.80 38.26
N ALA C 273 37.09 -12.12 38.37
CA ALA C 273 37.92 -12.91 37.46
C ALA C 273 37.49 -12.79 36.00
N TYR C 274 36.24 -12.37 35.75
CA TYR C 274 35.79 -12.20 34.37
C TYR C 274 36.51 -11.06 33.66
N TRP C 275 37.10 -10.13 34.40
CA TRP C 275 37.85 -9.07 33.75
C TRP C 275 39.21 -9.61 33.30
N PRO C 276 39.70 -9.21 32.12
CA PRO C 276 39.12 -8.25 31.16
C PRO C 276 38.04 -8.84 30.24
N ALA C 277 37.15 -7.97 29.77
CA ALA C 277 36.08 -8.40 28.88
C ALA C 277 36.66 -8.96 27.59
N ASN C 278 36.07 -10.07 27.13
CA ASN C 278 36.50 -10.66 25.87
C ASN C 278 35.98 -9.87 24.67
N ALA C 279 34.83 -9.22 24.80
CA ALA C 279 34.25 -8.46 23.70
C ALA C 279 33.24 -7.47 24.23
N HIS C 280 33.45 -6.19 23.89
CA HIS C 280 32.42 -5.16 24.03
C HIS C 280 31.72 -5.01 22.67
N ILE C 281 30.42 -5.24 22.62
CA ILE C 281 29.64 -5.05 21.41
C ILE C 281 28.99 -3.67 21.49
N ILE C 282 29.26 -2.83 20.48
CA ILE C 282 28.82 -1.44 20.48
C ILE C 282 28.33 -1.08 19.08
N GLY C 283 27.70 0.10 19.00
CA GLY C 283 27.35 0.69 17.71
C GLY C 283 28.48 1.52 17.14
N LYS C 284 28.42 1.75 15.83
CA LYS C 284 29.51 2.43 15.13
C LYS C 284 29.74 3.84 15.66
N ASP C 285 28.68 4.51 16.11
CA ASP C 285 28.76 5.92 16.49
C ASP C 285 29.58 6.14 17.76
N ILE C 286 29.70 5.14 18.62
CA ILE C 286 30.45 5.26 19.86
C ILE C 286 31.77 4.52 19.78
N SER C 287 32.26 4.28 18.55
CA SER C 287 33.51 3.56 18.35
C SER C 287 34.67 4.25 19.08
N ARG C 288 34.73 5.58 18.97
CA ARG C 288 35.85 6.32 19.54
C ARG C 288 35.86 6.24 21.06
N PHE C 289 34.69 6.17 21.70
CA PHE C 289 34.64 6.23 23.15
C PHE C 289 35.16 4.94 23.78
N HIS C 290 34.88 3.80 23.15
CA HIS C 290 35.28 2.50 23.70
C HIS C 290 36.69 2.09 23.32
N ALA C 291 37.23 2.60 22.21
CA ALA C 291 38.55 2.19 21.73
C ALA C 291 39.63 3.23 21.93
N VAL C 292 39.28 4.41 22.44
CA VAL C 292 40.26 5.47 22.69
C VAL C 292 40.19 5.92 24.14
N TYR C 293 38.99 6.34 24.58
CA TYR C 293 38.84 6.83 25.95
C TYR C 293 38.94 5.68 26.94
N TRP C 294 38.16 4.62 26.72
CA TRP C 294 38.07 3.52 27.69
C TRP C 294 39.40 2.81 27.92
N PRO C 295 40.20 2.48 26.89
CA PRO C 295 41.53 1.89 27.19
C PRO C 295 42.46 2.83 27.95
N ALA C 296 42.29 4.15 27.80
CA ALA C 296 43.14 5.08 28.54
C ALA C 296 42.75 5.14 30.01
N PHE C 297 41.46 5.19 30.30
CA PHE C 297 41.00 5.12 31.68
C PHE C 297 41.54 3.86 32.38
N LEU C 298 41.48 2.72 31.70
CA LEU C 298 41.94 1.46 32.29
C LEU C 298 43.45 1.46 32.47
N MET C 299 44.20 1.96 31.48
CA MET C 299 45.63 2.13 31.65
C MET C 299 45.93 3.00 32.87
N SER C 300 45.22 4.11 33.01
CA SER C 300 45.47 5.04 34.12
C SER C 300 45.15 4.39 35.46
N ALA C 301 44.10 3.57 35.52
CA ALA C 301 43.66 2.94 36.76
C ALA C 301 44.34 1.61 37.03
N GLN C 302 45.38 1.26 36.27
CA GLN C 302 46.17 0.05 36.49
C GLN C 302 45.35 -1.21 36.29
N LEU C 303 44.52 -1.23 35.25
CA LEU C 303 43.69 -2.39 34.97
C LEU C 303 43.96 -2.94 33.58
N PRO C 304 43.77 -4.24 33.38
CA PRO C 304 43.97 -4.81 32.03
C PRO C 304 42.91 -4.31 31.06
N LEU C 305 43.19 -4.52 29.78
CA LEU C 305 42.34 -3.97 28.75
C LEU C 305 41.49 -5.06 28.12
N PRO C 306 40.32 -4.72 27.59
CA PRO C 306 39.51 -5.73 26.91
C PRO C 306 40.21 -6.27 25.67
N LYS C 307 39.88 -7.51 25.31
CA LYS C 307 40.50 -8.13 24.15
C LYS C 307 40.02 -7.50 22.85
N ARG C 308 38.71 -7.23 22.74
CA ARG C 308 38.17 -6.74 21.49
C ARG C 308 36.97 -5.83 21.74
N VAL C 309 36.89 -4.77 20.93
CA VAL C 309 35.71 -3.93 20.81
C VAL C 309 35.21 -4.09 19.38
N PHE C 310 33.94 -4.50 19.23
CA PHE C 310 33.35 -4.73 17.91
C PHE C 310 32.15 -3.82 17.73
N ALA C 311 32.09 -3.16 16.57
CA ALA C 311 31.03 -2.20 16.25
C ALA C 311 30.15 -2.77 15.16
N HIS C 312 28.86 -2.87 15.44
CA HIS C 312 27.88 -3.24 14.43
C HIS C 312 27.38 -2.00 13.70
N GLY C 313 26.57 -2.23 12.66
CA GLY C 313 26.03 -1.15 11.86
C GLY C 313 24.65 -0.71 12.33
N PHE C 314 24.11 0.26 11.60
CA PHE C 314 22.75 0.73 11.80
C PHE C 314 21.82 0.02 10.81
N LEU C 315 20.57 -0.18 11.22
CA LEU C 315 19.56 -0.83 10.40
C LEU C 315 18.54 0.19 9.93
N PHE C 316 18.10 0.04 8.68
CA PHE C 316 17.23 1.02 8.04
C PHE C 316 16.02 0.34 7.41
N ASN C 317 14.87 0.99 7.54
CA ASN C 317 13.60 0.48 7.03
C ASN C 317 13.52 0.77 5.54
N ARG C 318 13.69 -0.26 4.72
CA ARG C 318 13.63 -0.11 3.27
C ARG C 318 12.34 -0.72 2.72
N ILE C 330 9.18 0.85 12.68
CA ILE C 330 8.37 0.49 13.83
C ILE C 330 9.26 0.07 15.00
N ASP C 331 8.60 -0.31 16.14
CA ASP C 331 9.37 -0.62 17.35
C ASP C 331 9.47 -2.13 17.55
N PRO C 332 10.63 -2.58 18.10
CA PRO C 332 10.92 -4.01 18.19
C PRO C 332 9.80 -4.90 18.68
N PHE C 333 8.97 -4.40 19.61
CA PHE C 333 7.88 -5.22 20.15
C PHE C 333 6.90 -5.64 19.05
N GLU C 334 6.46 -4.68 18.24
CA GLU C 334 5.58 -5.00 17.11
C GLU C 334 6.27 -5.94 16.14
N LEU C 335 7.56 -5.71 15.86
CA LEU C 335 8.29 -6.56 14.92
C LEU C 335 8.34 -7.99 15.41
N VAL C 336 8.65 -8.20 16.70
CA VAL C 336 8.60 -9.54 17.28
C VAL C 336 7.20 -10.13 17.15
N GLU C 337 6.18 -9.28 17.36
CA GLU C 337 4.80 -9.78 17.40
C GLU C 337 4.32 -10.22 16.03
N ARG C 338 4.61 -9.44 14.99
CA ARG C 338 4.06 -9.73 13.67
C ARG C 338 4.78 -10.88 12.99
N TYR C 339 6.10 -10.99 13.18
CA TYR C 339 6.89 -11.98 12.46
C TYR C 339 7.35 -13.15 13.33
N GLY C 340 7.31 -13.02 14.64
CA GLY C 340 7.84 -14.06 15.50
C GLY C 340 9.27 -13.76 15.92
N LEU C 341 9.62 -14.10 17.16
CA LEU C 341 10.90 -13.69 17.71
C LEU C 341 12.07 -14.33 16.96
N ASP C 342 12.04 -15.66 16.82
CA ASP C 342 13.16 -16.34 16.19
C ASP C 342 13.28 -16.01 14.71
N GLN C 343 12.17 -15.67 14.06
CA GLN C 343 12.24 -15.18 12.68
C GLN C 343 13.01 -13.87 12.61
N LEU C 344 12.74 -12.94 13.54
CA LEU C 344 13.44 -11.66 13.54
C LEU C 344 14.91 -11.85 13.89
N ARG C 345 15.20 -12.63 14.93
CA ARG C 345 16.59 -12.90 15.29
C ARG C 345 17.36 -13.50 14.11
N TYR C 346 16.76 -14.48 13.44
CA TYR C 346 17.43 -15.10 12.30
C TYR C 346 17.65 -14.10 11.18
N PHE C 347 16.60 -13.35 10.81
CA PHE C 347 16.72 -12.42 9.70
C PHE C 347 17.80 -11.37 9.97
N LEU C 348 17.77 -10.77 11.16
CA LEU C 348 18.72 -9.71 11.48
C LEU C 348 20.15 -10.22 11.44
N MET C 349 20.38 -11.46 11.88
CA MET C 349 21.72 -11.99 11.98
C MET C 349 22.20 -12.66 10.70
N ARG C 350 21.29 -13.07 9.80
CA ARG C 350 21.71 -13.71 8.56
C ARG C 350 21.86 -12.72 7.42
N GLU C 351 20.93 -11.77 7.30
CA GLU C 351 20.83 -10.95 6.10
C GLU C 351 21.71 -9.71 6.11
N VAL C 352 22.26 -9.34 7.26
CA VAL C 352 23.15 -8.19 7.36
C VAL C 352 24.51 -8.68 7.83
N PRO C 353 25.58 -8.51 7.06
CA PRO C 353 26.91 -8.89 7.53
C PRO C 353 27.28 -8.07 8.76
N PHE C 354 27.52 -8.75 9.87
CA PHE C 354 27.60 -8.07 11.16
C PHE C 354 28.76 -7.09 11.17
N GLY C 355 28.45 -5.83 11.50
CA GLY C 355 29.36 -4.71 11.39
C GLY C 355 29.01 -3.75 10.28
N GLN C 356 28.21 -4.18 9.31
CA GLN C 356 27.75 -3.34 8.22
C GLN C 356 26.37 -2.78 8.53
N ASP C 357 26.04 -1.68 7.86
CA ASP C 357 24.65 -1.26 7.82
C ASP C 357 23.84 -2.21 6.93
N GLY C 358 22.54 -2.26 7.18
CA GLY C 358 21.70 -3.20 6.47
C GLY C 358 20.28 -2.67 6.36
N SER C 359 19.43 -3.49 5.74
CA SER C 359 18.05 -3.14 5.49
C SER C 359 17.12 -4.26 5.94
N TYR C 360 15.92 -3.87 6.36
CA TYR C 360 14.83 -4.78 6.65
C TYR C 360 13.56 -4.19 6.07
N SER C 361 12.65 -5.07 5.68
CA SER C 361 11.36 -4.66 5.14
C SER C 361 10.41 -5.84 5.27
N HIS C 362 9.12 -5.55 5.11
CA HIS C 362 8.11 -6.59 5.26
C HIS C 362 8.36 -7.74 4.28
N GLU C 363 8.48 -7.42 2.99
CA GLU C 363 8.65 -8.46 1.99
C GLU C 363 9.95 -9.21 2.19
N ALA C 364 10.98 -8.55 2.71
CA ALA C 364 12.28 -9.20 2.87
C ALA C 364 12.29 -10.15 4.05
N ILE C 365 11.73 -9.74 5.18
CA ILE C 365 11.65 -10.62 6.34
C ILE C 365 10.78 -11.84 6.02
N VAL C 366 9.61 -11.60 5.43
CA VAL C 366 8.67 -12.68 5.16
C VAL C 366 9.30 -13.73 4.27
N ASN C 367 9.89 -13.31 3.14
CA ASN C 367 10.36 -14.26 2.15
C ASN C 367 11.64 -14.96 2.60
N ARG C 368 12.57 -14.23 3.21
CA ARG C 368 13.81 -14.86 3.68
C ARG C 368 13.51 -15.89 4.76
N THR C 369 12.65 -15.54 5.71
CA THR C 369 12.37 -16.46 6.82
C THR C 369 11.47 -17.60 6.40
N ASN C 370 10.46 -17.33 5.56
CA ASN C 370 9.62 -18.41 5.04
C ASN C 370 10.47 -19.43 4.29
N ALA C 371 11.41 -18.95 3.48
CA ALA C 371 12.23 -19.85 2.67
C ALA C 371 13.21 -20.63 3.54
N ASP C 372 13.93 -19.93 4.43
CA ASP C 372 15.01 -20.56 5.18
C ASP C 372 14.50 -21.36 6.38
N LEU C 373 13.55 -20.82 7.13
CA LEU C 373 13.09 -21.47 8.35
C LEU C 373 11.90 -22.38 8.10
N ALA C 374 10.83 -21.82 7.53
CA ALA C 374 9.60 -22.60 7.36
C ALA C 374 9.76 -23.68 6.29
N ASN C 375 10.46 -23.37 5.20
CA ASN C 375 10.59 -24.31 4.10
C ASN C 375 11.84 -25.18 4.23
N ASP C 376 13.01 -24.55 4.32
CA ASP C 376 14.25 -25.32 4.36
C ASP C 376 14.35 -26.13 5.64
N LEU C 377 14.28 -25.48 6.80
CA LEU C 377 14.42 -26.19 8.07
C LEU C 377 13.12 -26.84 8.48
N GLY C 378 12.03 -26.08 8.53
CA GLY C 378 10.76 -26.59 9.00
C GLY C 378 10.22 -27.77 8.21
N ASN C 379 10.09 -27.59 6.89
CA ASN C 379 9.44 -28.62 6.08
C ASN C 379 10.26 -29.91 6.04
N LEU C 380 11.59 -29.79 6.03
CA LEU C 380 12.42 -30.99 6.04
C LEU C 380 12.23 -31.77 7.34
N ALA C 381 12.04 -31.07 8.45
CA ALA C 381 11.77 -31.75 9.72
C ALA C 381 10.41 -32.44 9.69
N GLN C 382 9.38 -31.75 9.17
CA GLN C 382 8.05 -32.32 9.18
C GLN C 382 7.94 -33.52 8.23
N ARG C 383 8.51 -33.41 7.03
CA ARG C 383 8.45 -34.51 6.09
C ARG C 383 9.21 -35.72 6.62
N SER C 384 10.41 -35.50 7.15
CA SER C 384 11.22 -36.61 7.61
C SER C 384 10.64 -37.23 8.89
N LEU C 385 10.27 -36.39 9.87
CA LEU C 385 9.87 -36.91 11.17
C LEU C 385 8.47 -37.50 11.14
N SER C 386 7.61 -37.02 10.24
CA SER C 386 6.30 -37.64 10.09
C SER C 386 6.38 -38.92 9.26
N MET C 387 7.43 -39.08 8.44
CA MET C 387 7.69 -40.36 7.80
C MET C 387 8.13 -41.40 8.83
N ILE C 388 8.98 -40.99 9.78
CA ILE C 388 9.35 -41.89 10.87
C ILE C 388 8.12 -42.27 11.70
N ALA C 389 7.23 -41.31 11.92
CA ALA C 389 6.04 -41.56 12.73
C ALA C 389 5.12 -42.58 12.07
N LYS C 390 4.84 -42.41 10.77
CA LYS C 390 3.89 -43.28 10.11
C LYS C 390 4.49 -44.64 9.76
N ASN C 391 5.76 -44.66 9.32
CA ASN C 391 6.34 -45.86 8.73
C ASN C 391 7.33 -46.59 9.62
N CYS C 392 7.89 -45.93 10.63
CA CYS C 392 8.90 -46.55 11.49
C CYS C 392 8.44 -46.67 12.93
N GLU C 393 7.12 -46.79 13.13
CA GLU C 393 6.51 -46.99 14.45
C GLU C 393 6.78 -45.84 15.42
N GLY C 394 7.10 -44.66 14.90
CA GLY C 394 7.42 -43.54 15.76
C GLY C 394 8.73 -43.67 16.50
N LYS C 395 9.63 -44.54 16.04
CA LYS C 395 10.92 -44.76 16.67
C LYS C 395 12.03 -44.42 15.70
N VAL C 396 13.13 -43.89 16.22
CA VAL C 396 14.34 -43.65 15.43
C VAL C 396 14.75 -44.98 14.83
N PRO C 397 14.77 -45.11 13.50
CA PRO C 397 15.09 -46.40 12.89
C PRO C 397 16.55 -46.78 13.08
N GLN C 398 16.80 -48.08 12.99
CA GLN C 398 18.15 -48.61 13.11
C GLN C 398 18.88 -48.47 11.78
N PRO C 399 19.97 -47.69 11.73
CA PRO C 399 20.63 -47.44 10.44
C PRO C 399 21.59 -48.55 10.07
N GLY C 400 21.52 -49.00 8.82
CA GLY C 400 22.50 -49.89 8.25
C GLY C 400 23.77 -49.16 7.88
N ALA C 401 24.40 -49.61 6.81
CA ALA C 401 25.62 -48.97 6.34
C ALA C 401 25.31 -47.62 5.69
N PHE C 402 26.24 -46.68 5.81
CA PHE C 402 26.10 -45.35 5.24
C PHE C 402 26.67 -45.33 3.84
N SER C 403 25.93 -44.73 2.91
CA SER C 403 26.38 -44.61 1.53
C SER C 403 27.30 -43.40 1.39
N GLU C 404 27.78 -43.18 0.17
CA GLU C 404 28.59 -41.99 -0.10
C GLU C 404 27.76 -40.71 0.07
N ALA C 405 26.50 -40.74 -0.37
CA ALA C 405 25.60 -39.63 -0.09
C ALA C 405 25.39 -39.48 1.41
N ASP C 406 25.27 -40.60 2.13
CA ASP C 406 25.06 -40.54 3.57
C ASP C 406 26.27 -39.96 4.30
N LYS C 407 27.47 -40.39 3.92
CA LYS C 407 28.66 -39.89 4.59
C LYS C 407 28.87 -38.41 4.34
N ALA C 408 28.53 -37.93 3.13
CA ALA C 408 28.83 -36.55 2.77
C ALA C 408 28.02 -35.56 3.59
N ILE C 409 26.70 -35.80 3.73
CA ILE C 409 25.86 -34.84 4.43
C ILE C 409 26.19 -34.81 5.91
N LEU C 410 26.54 -35.95 6.49
CA LEU C 410 26.92 -35.99 7.90
C LEU C 410 28.23 -35.24 8.12
N ASP C 411 29.25 -35.53 7.30
CA ASP C 411 30.51 -34.82 7.43
C ASP C 411 30.37 -33.33 7.16
N GLN C 412 29.47 -32.95 6.25
CA GLN C 412 29.19 -31.54 6.04
C GLN C 412 28.62 -30.89 7.30
N ALA C 413 27.80 -31.64 8.03
CA ALA C 413 27.23 -31.12 9.27
C ALA C 413 28.30 -30.89 10.32
N ASP C 414 29.15 -31.89 10.57
CA ASP C 414 30.24 -31.73 11.52
C ASP C 414 31.11 -30.53 11.17
N ALA C 415 31.45 -30.37 9.89
CA ALA C 415 32.35 -29.31 9.48
C ALA C 415 31.74 -27.93 9.66
N ALA C 416 30.40 -27.84 9.61
CA ALA C 416 29.77 -26.54 9.82
C ALA C 416 29.97 -26.04 11.24
N LEU C 417 30.09 -26.94 12.21
CA LEU C 417 30.40 -26.53 13.58
C LEU C 417 31.79 -25.91 13.66
N GLU C 418 32.77 -26.53 13.00
CA GLU C 418 34.11 -25.96 12.95
C GLU C 418 34.09 -24.59 12.30
N THR C 419 33.41 -24.47 11.16
CA THR C 419 33.31 -23.18 10.48
C THR C 419 32.58 -22.15 11.35
N ALA C 420 31.56 -22.59 12.08
CA ALA C 420 30.82 -21.68 12.94
C ALA C 420 31.70 -21.16 14.08
N ARG C 421 32.59 -22.01 14.60
CA ARG C 421 33.43 -21.58 15.71
C ARG C 421 34.41 -20.49 15.29
N LYS C 422 35.17 -20.73 14.23
CA LYS C 422 36.10 -19.72 13.75
C LYS C 422 35.38 -18.44 13.35
N ALA C 423 34.15 -18.55 12.86
CA ALA C 423 33.38 -17.37 12.48
C ALA C 423 33.01 -16.55 13.70
N MET C 424 32.50 -17.21 14.75
CA MET C 424 32.11 -16.49 15.95
C MET C 424 33.31 -15.86 16.64
N ASP C 425 34.49 -16.43 16.48
CA ASP C 425 35.70 -15.82 17.01
C ASP C 425 35.98 -14.46 16.40
N ASP C 426 35.41 -14.17 15.23
CA ASP C 426 35.52 -12.88 14.59
C ASP C 426 34.20 -12.11 14.59
N GLN C 427 33.22 -12.52 15.38
CA GLN C 427 31.90 -11.90 15.48
C GLN C 427 31.17 -11.88 14.13
N ALA C 428 31.52 -12.80 13.22
CA ALA C 428 30.89 -12.86 11.90
C ALA C 428 29.68 -13.79 12.00
N LEU C 429 28.63 -13.26 12.61
CA LEU C 429 27.43 -14.07 12.88
C LEU C 429 26.75 -14.54 11.60
N HIS C 430 26.80 -13.73 10.53
CA HIS C 430 26.16 -14.11 9.29
C HIS C 430 26.84 -15.31 8.64
N LEU C 431 28.17 -15.41 8.77
CA LEU C 431 28.88 -16.55 8.21
C LEU C 431 28.61 -17.82 9.00
N ALA C 432 28.39 -17.71 10.30
CA ALA C 432 28.06 -18.88 11.11
C ALA C 432 26.72 -19.47 10.70
N LEU C 433 25.68 -18.63 10.61
CA LEU C 433 24.39 -19.11 10.14
C LEU C 433 24.46 -19.58 8.69
N GLY C 434 25.23 -18.87 7.86
CA GLY C 434 25.37 -19.28 6.47
C GLY C 434 25.91 -20.68 6.32
N ALA C 435 26.94 -21.01 7.11
CA ALA C 435 27.50 -22.36 7.09
C ALA C 435 26.47 -23.38 7.57
N ILE C 436 25.68 -23.02 8.59
CA ILE C 436 24.75 -23.98 9.19
C ILE C 436 23.58 -24.24 8.24
N PHE C 437 23.02 -23.19 7.64
CA PHE C 437 21.85 -23.38 6.80
C PHE C 437 22.18 -23.86 5.40
N ALA C 438 23.44 -23.76 4.97
CA ALA C 438 23.86 -24.47 3.76
C ALA C 438 23.79 -25.98 3.98
N VAL C 439 24.02 -26.44 5.21
CA VAL C 439 23.79 -27.84 5.54
C VAL C 439 22.30 -28.16 5.45
N VAL C 440 21.45 -27.26 5.93
CA VAL C 440 20.00 -27.47 5.83
C VAL C 440 19.58 -27.55 4.36
N ALA C 441 20.11 -26.65 3.54
CA ALA C 441 19.75 -26.66 2.11
C ALA C 441 20.23 -27.94 1.44
N GLU C 442 21.40 -28.43 1.82
CA GLU C 442 21.90 -29.66 1.21
C GLU C 442 21.16 -30.87 1.73
N ALA C 443 20.68 -30.83 2.97
CA ALA C 443 19.93 -31.95 3.53
C ALA C 443 18.60 -32.12 2.81
N ASN C 444 18.00 -31.03 2.34
CA ASN C 444 16.80 -31.14 1.52
C ASN C 444 17.11 -31.86 0.21
N ARG C 445 18.19 -31.45 -0.45
CA ARG C 445 18.58 -32.11 -1.71
C ARG C 445 18.99 -33.54 -1.49
N TYR C 446 19.59 -33.86 -0.34
CA TYR C 446 19.91 -35.25 -0.03
C TYR C 446 18.65 -36.06 0.21
N PHE C 447 17.74 -35.55 1.04
CA PHE C 447 16.49 -36.26 1.32
C PHE C 447 15.72 -36.50 0.04
N ALA C 448 15.63 -35.47 -0.82
CA ALA C 448 14.95 -35.65 -2.10
C ALA C 448 15.73 -36.58 -3.02
N GLY C 449 17.06 -36.51 -2.97
CA GLY C 449 17.88 -37.36 -3.83
C GLY C 449 17.84 -38.83 -3.46
N GLN C 450 17.43 -39.16 -2.24
CA GLN C 450 17.32 -40.55 -1.82
C GLN C 450 15.97 -41.16 -2.16
N GLU C 451 14.99 -40.35 -2.54
CA GLU C 451 13.65 -40.81 -2.86
C GLU C 451 13.12 -41.77 -1.81
N PRO C 452 13.01 -41.36 -0.54
CA PRO C 452 12.58 -42.28 0.53
C PRO C 452 11.18 -42.80 0.31
N TRP C 453 10.38 -42.13 -0.51
CA TRP C 453 9.07 -42.65 -0.88
C TRP C 453 9.20 -43.97 -1.62
N ALA C 454 10.10 -44.03 -2.61
CA ALA C 454 10.26 -45.24 -3.39
C ALA C 454 10.85 -46.38 -2.57
N LEU C 455 11.66 -46.06 -1.56
CA LEU C 455 12.32 -47.09 -0.76
C LEU C 455 11.38 -47.80 0.19
N ARG C 456 10.18 -47.28 0.40
CA ARG C 456 9.29 -47.81 1.44
C ARG C 456 8.84 -49.23 1.15
N LYS C 457 8.54 -49.53 -0.12
CA LYS C 457 8.24 -50.88 -0.54
C LYS C 457 9.45 -51.61 -1.09
N THR C 458 10.35 -50.91 -1.79
CA THR C 458 11.46 -51.57 -2.45
C THR C 458 12.51 -52.06 -1.45
N ASP C 459 12.84 -51.23 -0.46
CA ASP C 459 13.92 -51.55 0.48
C ASP C 459 13.64 -50.90 1.83
N PRO C 460 12.83 -51.56 2.68
CA PRO C 460 12.47 -50.94 3.97
C PRO C 460 13.67 -50.65 4.85
N ALA C 461 14.73 -51.46 4.78
CA ALA C 461 15.91 -51.19 5.59
C ALA C 461 16.66 -49.96 5.11
N ARG C 462 16.69 -49.73 3.80
CA ARG C 462 17.37 -48.55 3.28
C ARG C 462 16.61 -47.29 3.61
N MET C 463 15.27 -47.32 3.54
CA MET C 463 14.48 -46.14 3.89
C MET C 463 14.73 -45.72 5.32
N GLY C 464 14.85 -46.68 6.24
CA GLY C 464 15.14 -46.34 7.62
C GLY C 464 16.48 -45.64 7.79
N THR C 465 17.49 -46.09 7.03
CA THR C 465 18.80 -45.47 7.11
C THR C 465 18.76 -44.03 6.58
N VAL C 466 17.99 -43.79 5.52
CA VAL C 466 17.86 -42.43 5.00
C VAL C 466 17.16 -41.54 6.02
N LEU C 467 16.15 -42.08 6.70
CA LEU C 467 15.46 -41.31 7.73
C LEU C 467 16.36 -41.05 8.93
N TYR C 468 17.18 -42.04 9.31
CA TYR C 468 18.13 -41.81 10.40
C TYR C 468 19.10 -40.69 10.06
N VAL C 469 19.68 -40.74 8.86
CA VAL C 469 20.66 -39.74 8.46
C VAL C 469 20.05 -38.34 8.51
N THR C 470 18.84 -38.20 7.96
CA THR C 470 18.18 -36.90 7.97
C THR C 470 17.91 -36.43 9.39
N ALA C 471 17.37 -37.32 10.24
CA ALA C 471 17.13 -36.98 11.63
C ALA C 471 18.43 -36.65 12.36
N GLU C 472 19.49 -37.41 12.08
CA GLU C 472 20.78 -37.16 12.73
C GLU C 472 21.38 -35.83 12.29
N VAL C 473 21.20 -35.46 11.01
CA VAL C 473 21.63 -34.15 10.57
C VAL C 473 20.79 -33.06 11.21
N LEU C 474 19.47 -33.28 11.30
CA LEU C 474 18.60 -32.33 12.00
C LEU C 474 19.03 -32.14 13.44
N ARG C 475 19.56 -33.18 14.08
CA ARG C 475 20.06 -33.03 15.44
C ARG C 475 21.30 -32.16 15.49
N ARG C 476 22.27 -32.45 14.63
CA ARG C 476 23.50 -31.64 14.59
C ARG C 476 23.18 -30.18 14.26
N VAL C 477 22.27 -29.96 13.30
CA VAL C 477 21.82 -28.59 13.00
C VAL C 477 21.10 -27.99 14.20
N GLY C 478 20.21 -28.76 14.83
CA GLY C 478 19.43 -28.21 15.92
C GLY C 478 20.28 -27.73 17.08
N ILE C 479 21.33 -28.48 17.41
CA ILE C 479 22.25 -28.06 18.46
C ILE C 479 22.95 -26.76 18.05
N MET C 480 23.25 -26.61 16.76
CA MET C 480 24.10 -25.52 16.32
C MET C 480 23.34 -24.20 16.20
N VAL C 481 22.03 -24.24 15.98
CA VAL C 481 21.26 -22.99 15.87
C VAL C 481 20.70 -22.53 17.20
N GLN C 482 20.90 -23.28 18.27
CA GLN C 482 20.46 -22.90 19.62
C GLN C 482 20.77 -21.48 20.02
N PRO C 483 21.98 -20.94 19.81
CA PRO C 483 22.23 -19.54 20.20
C PRO C 483 21.54 -18.53 19.30
N PHE C 484 21.16 -18.90 18.08
CA PHE C 484 20.57 -17.96 17.15
C PHE C 484 19.04 -17.94 17.23
N ILE C 485 18.41 -19.10 17.38
CA ILE C 485 16.95 -19.19 17.52
C ILE C 485 16.64 -20.15 18.68
N PRO C 486 16.84 -19.72 19.93
CA PRO C 486 16.86 -20.69 21.04
C PRO C 486 15.56 -21.46 21.22
N GLN C 487 14.42 -20.78 21.27
CA GLN C 487 13.16 -21.47 21.56
C GLN C 487 12.76 -22.41 20.43
N SER C 488 13.01 -22.01 19.18
CA SER C 488 12.69 -22.89 18.05
C SER C 488 13.65 -24.06 17.99
N ALA C 489 14.94 -23.82 18.24
CA ALA C 489 15.90 -24.91 18.31
C ALA C 489 15.53 -25.89 19.42
N GLU C 490 15.02 -25.39 20.54
CA GLU C 490 14.60 -26.27 21.62
C GLU C 490 13.47 -27.19 21.19
N LYS C 491 12.53 -26.67 20.37
CA LYS C 491 11.43 -27.49 19.90
C LYS C 491 11.91 -28.60 18.97
N LEU C 492 12.79 -28.26 18.03
CA LEU C 492 13.26 -29.26 17.08
C LEU C 492 13.98 -30.39 17.78
N LEU C 493 14.84 -30.05 18.75
CA LEU C 493 15.49 -31.09 19.54
C LEU C 493 14.50 -31.84 20.42
N ASP C 494 13.42 -31.18 20.83
CA ASP C 494 12.39 -31.86 21.61
C ASP C 494 11.71 -32.96 20.81
N ILE C 495 11.33 -32.66 19.55
CA ILE C 495 10.70 -33.67 18.71
C ILE C 495 11.71 -34.63 18.10
N LEU C 496 13.00 -34.41 18.32
CA LEU C 496 14.03 -35.40 18.07
C LEU C 496 14.38 -36.19 19.33
N ALA C 497 13.68 -35.92 20.43
CA ALA C 497 13.85 -36.64 21.70
C ALA C 497 15.30 -36.60 22.18
N VAL C 498 15.92 -35.42 22.08
CA VAL C 498 17.27 -35.21 22.56
C VAL C 498 17.18 -34.78 24.03
N PRO C 499 17.85 -35.49 24.95
CA PRO C 499 17.78 -35.09 26.36
C PRO C 499 18.34 -33.69 26.56
N ALA C 500 17.83 -33.01 27.59
CA ALA C 500 18.16 -31.60 27.79
C ALA C 500 19.65 -31.39 28.03
N ASP C 501 20.34 -32.38 28.59
CA ASP C 501 21.75 -32.23 28.93
C ASP C 501 22.68 -32.82 27.86
N LYS C 502 22.17 -33.14 26.68
CA LYS C 502 22.98 -33.53 25.53
C LYS C 502 22.88 -32.49 24.44
N ARG C 503 22.91 -31.21 24.81
CA ARG C 503 22.71 -30.11 23.86
C ARG C 503 23.88 -29.13 23.85
N GLN C 504 25.04 -29.57 24.30
CA GLN C 504 26.27 -28.81 24.11
C GLN C 504 26.82 -29.06 22.70
N PHE C 505 27.71 -28.17 22.26
CA PHE C 505 28.36 -28.38 20.97
C PHE C 505 29.18 -29.65 20.95
N ALA C 506 29.74 -30.06 22.09
CA ALA C 506 30.51 -31.29 22.17
C ALA C 506 29.66 -32.52 21.89
N ASP C 507 28.34 -32.42 22.05
CA ASP C 507 27.45 -33.54 21.78
C ASP C 507 27.13 -33.71 20.29
N VAL C 508 27.50 -32.74 19.45
CA VAL C 508 27.33 -32.91 18.01
C VAL C 508 28.15 -34.11 17.52
N LEU C 509 29.41 -34.18 17.93
CA LEU C 509 30.27 -35.27 17.52
C LEU C 509 30.05 -36.52 18.36
N ALA C 510 29.70 -36.36 19.64
CA ALA C 510 29.80 -37.45 20.60
C ALA C 510 28.48 -38.16 20.89
N SER C 511 27.33 -37.57 20.59
CA SER C 511 26.04 -38.08 21.05
C SER C 511 25.04 -38.23 19.90
N PRO C 512 25.34 -39.11 18.93
CA PRO C 512 24.40 -39.31 17.82
C PRO C 512 23.12 -39.99 18.29
N LEU C 513 22.07 -39.84 17.48
CA LEU C 513 20.80 -40.46 17.79
C LEU C 513 20.94 -41.96 17.89
N ALA C 514 20.23 -42.56 18.84
CA ALA C 514 20.26 -44.00 19.06
C ALA C 514 19.04 -44.64 18.43
N GLY C 515 19.26 -45.65 17.59
CA GLY C 515 18.16 -46.32 16.95
C GLY C 515 17.25 -46.96 17.99
N GLY C 516 15.95 -46.97 17.70
CA GLY C 516 14.96 -47.51 18.60
C GLY C 516 14.36 -46.50 19.55
N THR C 517 14.86 -45.26 19.55
CA THR C 517 14.39 -44.26 20.50
C THR C 517 13.03 -43.72 20.08
N ASP C 518 12.12 -43.60 21.05
CA ASP C 518 10.77 -43.10 20.76
C ASP C 518 10.80 -41.61 20.47
N LEU C 519 10.11 -41.21 19.40
CA LEU C 519 9.99 -39.82 19.01
C LEU C 519 8.56 -39.34 19.17
N PRO C 520 8.34 -38.20 19.82
CA PRO C 520 6.98 -37.69 19.96
C PRO C 520 6.42 -37.27 18.61
N ALA C 521 5.08 -37.16 18.56
CA ALA C 521 4.39 -36.76 17.35
C ALA C 521 4.94 -35.42 16.85
N PRO C 522 5.48 -35.36 15.64
CA PRO C 522 6.08 -34.12 15.16
C PRO C 522 5.05 -33.03 14.97
N GLN C 523 5.41 -31.81 15.39
CA GLN C 523 4.60 -30.63 15.19
C GLN C 523 5.43 -29.56 14.48
N PRO C 524 4.81 -28.69 13.69
CA PRO C 524 5.59 -27.73 12.92
C PRO C 524 6.30 -26.75 13.84
N VAL C 525 7.57 -26.51 13.56
CA VAL C 525 8.34 -25.60 14.38
C VAL C 525 8.29 -24.16 13.82
N PHE C 526 8.19 -24.01 12.51
CA PHE C 526 8.17 -22.69 11.86
C PHE C 526 6.98 -22.62 10.92
N PRO C 527 5.81 -22.17 11.40
CA PRO C 527 4.69 -21.95 10.48
C PRO C 527 5.02 -20.86 9.47
N ARG C 528 4.52 -21.04 8.25
CA ARG C 528 4.64 -20.02 7.22
C ARG C 528 4.02 -18.72 7.73
N TYR C 529 4.48 -17.59 7.20
CA TYR C 529 3.98 -16.31 7.68
C TYR C 529 2.51 -16.15 7.33
N VAL C 530 1.71 -15.75 8.32
CA VAL C 530 0.28 -15.54 8.16
C VAL C 530 -0.04 -14.11 8.53
N GLU C 531 -0.79 -13.44 7.66
CA GLU C 531 -1.29 -12.09 7.95
C GLU C 531 -2.80 -12.06 7.79
#